data_1RNJ
# 
_entry.id   1RNJ 
# 
_audit_conform.dict_name       mmcif_pdbx.dic 
_audit_conform.dict_version    5.376 
_audit_conform.dict_location   http://mmcif.pdb.org/dictionaries/ascii/mmcif_pdbx.dic 
# 
loop_
_database_2.database_id 
_database_2.database_code 
_database_2.pdbx_database_accession 
_database_2.pdbx_DOI 
PDB   1RNJ         pdb_00001rnj 10.2210/pdb1rnj/pdb 
RCSB  RCSB020902   ?            ?                   
WWPDB D_1000020902 ?            ?                   
# 
loop_
_pdbx_database_related.db_name 
_pdbx_database_related.db_id 
_pdbx_database_related.details 
_pdbx_database_related.content_type 
PDB 1RN8 'The same complex with the wild type enzyme.'                                                              unspecified 
PDB 1RO1 'Crystal structure of dUTPase complexed with the high-energy intermediate alfa,beta-aminophosphorane-dUTP' unspecified 
# 
_pdbx_database_status.status_code                     REL 
_pdbx_database_status.entry_id                        1RNJ 
_pdbx_database_status.recvd_initial_deposition_date   2003-12-01 
_pdbx_database_status.deposit_site                    RCSB 
_pdbx_database_status.process_site                    RCSB 
_pdbx_database_status.status_code_sf                  REL 
_pdbx_database_status.SG_entry                        . 
_pdbx_database_status.pdb_format_compatible           Y 
_pdbx_database_status.status_code_mr                  ? 
_pdbx_database_status.status_code_cs                  ? 
_pdbx_database_status.status_code_nmr_data            ? 
_pdbx_database_status.methods_development_category    ? 
# 
loop_
_audit_author.name 
_audit_author.pdbx_ordinal 
'Barabas, O.'    1 
'Pongracz, V.'   2 
'Kovari, J.'     3 
'Wilmanns, M.'   4 
'Vertessy, B.G.' 5 
# 
loop_
_citation.id 
_citation.title 
_citation.journal_abbrev 
_citation.journal_volume 
_citation.page_first 
_citation.page_last 
_citation.year 
_citation.journal_id_ASTM 
_citation.country 
_citation.journal_id_ISSN 
_citation.journal_id_CSD 
_citation.book_publisher 
_citation.pdbx_database_id_PubMed 
_citation.pdbx_database_id_DOI 
primary 'Structural Insights into the Catalytic Mechanism of Phosphate Ester Hydrolysis by dUTPase.' J.Biol.Chem.               
279 42907 42915 2004 JBCHA3 US 0021-9258 0071 ? 15208312 10.1074/jbc.M406135200    
1       'Atomic resolution structure of Escherichia coli dUTPase determined ab initio'               'Acta Crystallogr.,Sect.D' 57 
767   774   2001 ABCRE6 DK 0907-4449 0766 ? ?        10.1107/S0907444901004255 
# 
loop_
_citation_author.citation_id 
_citation_author.name 
_citation_author.ordinal 
_citation_author.identifier_ORCID 
primary 'Barabas, O.'              1 ? 
primary 'Pongracz, V.'             2 ? 
primary 'Kovari, J.'               3 ? 
primary 'Wilmanns, M.'             4 ? 
primary 'Vertessy, B.G.'           5 ? 
1       'Gonzalez, A.'             6 ? 
1       'Larsson, G.'              7 ? 
1       'Persson, R.'              8 ? 
1       'Cedergren-Zeppezauer, E.' 9 ? 
# 
_cell.entry_id           1RNJ 
_cell.length_a           74.900 
_cell.length_b           74.900 
_cell.length_c           99.643 
_cell.angle_alpha        90.00 
_cell.angle_beta         90.00 
_cell.angle_gamma        120.00 
_cell.Z_PDB              12 
_cell.pdbx_unique_axis   ? 
# 
_symmetry.entry_id                         1RNJ 
_symmetry.space_group_name_H-M             'P 63 2 2' 
_symmetry.pdbx_full_space_group_name_H-M   ? 
_symmetry.cell_setting                     ? 
_symmetry.Int_Tables_number                182 
_symmetry.space_group_name_Hall            ? 
# 
loop_
_entity.id 
_entity.type 
_entity.src_method 
_entity.pdbx_description 
_entity.formula_weight 
_entity.pdbx_number_of_molecules 
_entity.pdbx_ec 
_entity.pdbx_mutation 
_entity.pdbx_fragment 
_entity.details 
1 polymer     man 
;Deoxyuridine 5'-triphosphate nucleotidohydrolase
;
16301.631 1   3.6.1.23 D90N ? ? 
2 non-polymer syn 'MAGNESIUM ION'                                    24.305    1   ?        ?    ? ? 
3 non-polymer syn 
;2'-DEOXYURIDINE 5'-ALPHA,BETA-IMIDO-TRIPHOSPHATE
;
467.157   1   ?        ?    ? ? 
4 non-polymer syn 2-AMINO-2-HYDROXYMETHYL-PROPANE-1,3-DIOL           122.143   2   ?        ?    ? ? 
5 water       nat water                                              18.015    221 ?        ?    ? ? 
# 
_entity_name_com.entity_id   1 
_entity_name_com.name        'dUTPase, dUTP pyrophosphatase' 
# 
_entity_poly.entity_id                      1 
_entity_poly.type                           'polypeptide(L)' 
_entity_poly.nstd_linkage                   no 
_entity_poly.nstd_monomer                   no 
_entity_poly.pdbx_seq_one_letter_code       
;MMKKIDVKILDPRVGKEFPLPTYATSGSAGLDLRACLNDAVELAPGDTTLVPTGLAIHIADPSLAAMMLPRSGLGHKHGI
VLGNLVGLINSDYQGQLMISVWNRGQDSFTIQPGERIAQMIFVPVVQAEFNLVEDFDATDRGEGGFGHSGRQ
;
_entity_poly.pdbx_seq_one_letter_code_can   
;MMKKIDVKILDPRVGKEFPLPTYATSGSAGLDLRACLNDAVELAPGDTTLVPTGLAIHIADPSLAAMMLPRSGLGHKHGI
VLGNLVGLINSDYQGQLMISVWNRGQDSFTIQPGERIAQMIFVPVVQAEFNLVEDFDATDRGEGGFGHSGRQ
;
_entity_poly.pdbx_strand_id                 A 
_entity_poly.pdbx_target_identifier         ? 
# 
loop_
_entity_poly_seq.entity_id 
_entity_poly_seq.num 
_entity_poly_seq.mon_id 
_entity_poly_seq.hetero 
1 1   MET n 
1 2   MET n 
1 3   LYS n 
1 4   LYS n 
1 5   ILE n 
1 6   ASP n 
1 7   VAL n 
1 8   LYS n 
1 9   ILE n 
1 10  LEU n 
1 11  ASP n 
1 12  PRO n 
1 13  ARG n 
1 14  VAL n 
1 15  GLY n 
1 16  LYS n 
1 17  GLU n 
1 18  PHE n 
1 19  PRO n 
1 20  LEU n 
1 21  PRO n 
1 22  THR n 
1 23  TYR n 
1 24  ALA n 
1 25  THR n 
1 26  SER n 
1 27  GLY n 
1 28  SER n 
1 29  ALA n 
1 30  GLY n 
1 31  LEU n 
1 32  ASP n 
1 33  LEU n 
1 34  ARG n 
1 35  ALA n 
1 36  CYS n 
1 37  LEU n 
1 38  ASN n 
1 39  ASP n 
1 40  ALA n 
1 41  VAL n 
1 42  GLU n 
1 43  LEU n 
1 44  ALA n 
1 45  PRO n 
1 46  GLY n 
1 47  ASP n 
1 48  THR n 
1 49  THR n 
1 50  LEU n 
1 51  VAL n 
1 52  PRO n 
1 53  THR n 
1 54  GLY n 
1 55  LEU n 
1 56  ALA n 
1 57  ILE n 
1 58  HIS n 
1 59  ILE n 
1 60  ALA n 
1 61  ASP n 
1 62  PRO n 
1 63  SER n 
1 64  LEU n 
1 65  ALA n 
1 66  ALA n 
1 67  MET n 
1 68  MET n 
1 69  LEU n 
1 70  PRO n 
1 71  ARG n 
1 72  SER n 
1 73  GLY n 
1 74  LEU n 
1 75  GLY n 
1 76  HIS n 
1 77  LYS n 
1 78  HIS n 
1 79  GLY n 
1 80  ILE n 
1 81  VAL n 
1 82  LEU n 
1 83  GLY n 
1 84  ASN n 
1 85  LEU n 
1 86  VAL n 
1 87  GLY n 
1 88  LEU n 
1 89  ILE n 
1 90  ASN n 
1 91  SER n 
1 92  ASP n 
1 93  TYR n 
1 94  GLN n 
1 95  GLY n 
1 96  GLN n 
1 97  LEU n 
1 98  MET n 
1 99  ILE n 
1 100 SER n 
1 101 VAL n 
1 102 TRP n 
1 103 ASN n 
1 104 ARG n 
1 105 GLY n 
1 106 GLN n 
1 107 ASP n 
1 108 SER n 
1 109 PHE n 
1 110 THR n 
1 111 ILE n 
1 112 GLN n 
1 113 PRO n 
1 114 GLY n 
1 115 GLU n 
1 116 ARG n 
1 117 ILE n 
1 118 ALA n 
1 119 GLN n 
1 120 MET n 
1 121 ILE n 
1 122 PHE n 
1 123 VAL n 
1 124 PRO n 
1 125 VAL n 
1 126 VAL n 
1 127 GLN n 
1 128 ALA n 
1 129 GLU n 
1 130 PHE n 
1 131 ASN n 
1 132 LEU n 
1 133 VAL n 
1 134 GLU n 
1 135 ASP n 
1 136 PHE n 
1 137 ASP n 
1 138 ALA n 
1 139 THR n 
1 140 ASP n 
1 141 ARG n 
1 142 GLY n 
1 143 GLU n 
1 144 GLY n 
1 145 GLY n 
1 146 PHE n 
1 147 GLY n 
1 148 HIS n 
1 149 SER n 
1 150 GLY n 
1 151 ARG n 
1 152 GLN n 
# 
_entity_src_gen.entity_id                          1 
_entity_src_gen.pdbx_src_id                        1 
_entity_src_gen.pdbx_alt_source_flag               sample 
_entity_src_gen.pdbx_seq_type                      ? 
_entity_src_gen.pdbx_beg_seq_num                   ? 
_entity_src_gen.pdbx_end_seq_num                   ? 
_entity_src_gen.gene_src_common_name               ? 
_entity_src_gen.gene_src_genus                     Escherichia 
_entity_src_gen.pdbx_gene_src_gene                 'DUT, DNAS, SOF, B3640' 
_entity_src_gen.gene_src_species                   ? 
_entity_src_gen.gene_src_strain                    ? 
_entity_src_gen.gene_src_tissue                    ? 
_entity_src_gen.gene_src_tissue_fraction           ? 
_entity_src_gen.gene_src_details                   ? 
_entity_src_gen.pdbx_gene_src_fragment             ? 
_entity_src_gen.pdbx_gene_src_scientific_name      'Escherichia coli' 
_entity_src_gen.pdbx_gene_src_ncbi_taxonomy_id     562 
_entity_src_gen.pdbx_gene_src_variant              ? 
_entity_src_gen.pdbx_gene_src_cell_line            ? 
_entity_src_gen.pdbx_gene_src_atcc                 ? 
_entity_src_gen.pdbx_gene_src_organ                ? 
_entity_src_gen.pdbx_gene_src_organelle            ? 
_entity_src_gen.pdbx_gene_src_cell                 ? 
_entity_src_gen.pdbx_gene_src_cellular_location    ? 
_entity_src_gen.host_org_common_name               ? 
_entity_src_gen.pdbx_host_org_scientific_name      'Escherichia coli BL21(DE3)' 
_entity_src_gen.pdbx_host_org_ncbi_taxonomy_id     469008 
_entity_src_gen.host_org_genus                     Escherichia 
_entity_src_gen.pdbx_host_org_gene                 ? 
_entity_src_gen.pdbx_host_org_organ                ? 
_entity_src_gen.host_org_species                   'Escherichia coli' 
_entity_src_gen.pdbx_host_org_tissue               ? 
_entity_src_gen.pdbx_host_org_tissue_fraction      ? 
_entity_src_gen.pdbx_host_org_strain               'BL21(DE3)' 
_entity_src_gen.pdbx_host_org_variant              ? 
_entity_src_gen.pdbx_host_org_cell_line            ? 
_entity_src_gen.pdbx_host_org_atcc                 ? 
_entity_src_gen.pdbx_host_org_culture_collection   ? 
_entity_src_gen.pdbx_host_org_cell                 ? 
_entity_src_gen.pdbx_host_org_organelle            ? 
_entity_src_gen.pdbx_host_org_cellular_location    ? 
_entity_src_gen.pdbx_host_org_vector_type          plasmid 
_entity_src_gen.pdbx_host_org_vector               ? 
_entity_src_gen.host_org_details                   ? 
_entity_src_gen.expression_system_id               ? 
_entity_src_gen.plasmid_name                       pET22b 
_entity_src_gen.plasmid_details                    ? 
_entity_src_gen.pdbx_description                   ? 
# 
_struct_ref.id                         1 
_struct_ref.db_name                    UNP 
_struct_ref.db_code                    DUT_ECOLI 
_struct_ref.pdbx_db_accession          P06968 
_struct_ref.entity_id                  1 
_struct_ref.pdbx_seq_one_letter_code   
;MKKIDVKILDPRVGKEFPLPTYATSGSAGLDLRACLNDAVELAPGDTTLVPTGLAIHIADPSLAAMMLPRSGLGHKHGIV
LGNLVGLIDSDYQGQLMISVWNRGQDSFTIQPGERIAQMIFVPVVQAEFNLVEDFDATDRGEGGFGHSGRQ
;
_struct_ref.pdbx_align_begin           1 
_struct_ref.pdbx_db_isoform            ? 
# 
_struct_ref_seq.align_id                      1 
_struct_ref_seq.ref_id                        1 
_struct_ref_seq.pdbx_PDB_id_code              1RNJ 
_struct_ref_seq.pdbx_strand_id                A 
_struct_ref_seq.seq_align_beg                 2 
_struct_ref_seq.pdbx_seq_align_beg_ins_code   ? 
_struct_ref_seq.seq_align_end                 152 
_struct_ref_seq.pdbx_seq_align_end_ins_code   ? 
_struct_ref_seq.pdbx_db_accession             P06968 
_struct_ref_seq.db_align_beg                  1 
_struct_ref_seq.pdbx_db_align_beg_ins_code    ? 
_struct_ref_seq.db_align_end                  151 
_struct_ref_seq.pdbx_db_align_end_ins_code    ? 
_struct_ref_seq.pdbx_auth_seq_align_beg       2 
_struct_ref_seq.pdbx_auth_seq_align_end       152 
# 
loop_
_struct_ref_seq_dif.align_id 
_struct_ref_seq_dif.pdbx_pdb_id_code 
_struct_ref_seq_dif.mon_id 
_struct_ref_seq_dif.pdbx_pdb_strand_id 
_struct_ref_seq_dif.seq_num 
_struct_ref_seq_dif.pdbx_pdb_ins_code 
_struct_ref_seq_dif.pdbx_seq_db_name 
_struct_ref_seq_dif.pdbx_seq_db_accession_code 
_struct_ref_seq_dif.db_mon_id 
_struct_ref_seq_dif.pdbx_seq_db_seq_num 
_struct_ref_seq_dif.details 
_struct_ref_seq_dif.pdbx_auth_seq_num 
_struct_ref_seq_dif.pdbx_ordinal 
1 1RNJ MET A 1  ? UNP P06968 ?   ?  'initiating methionine' 1  1 
1 1RNJ ASN A 90 ? UNP P06968 ASP 89 'engineered mutation'   90 2 
# 
loop_
_chem_comp.id 
_chem_comp.type 
_chem_comp.mon_nstd_flag 
_chem_comp.name 
_chem_comp.pdbx_synonyms 
_chem_comp.formula 
_chem_comp.formula_weight 
ALA 'L-peptide linking' y ALANINE                                            ?             'C3 H7 N O2'       89.093  
ARG 'L-peptide linking' y ARGININE                                           ?             'C6 H15 N4 O2 1'   175.209 
ASN 'L-peptide linking' y ASPARAGINE                                         ?             'C4 H8 N2 O3'      132.118 
ASP 'L-peptide linking' y 'ASPARTIC ACID'                                    ?             'C4 H7 N O4'       133.103 
CYS 'L-peptide linking' y CYSTEINE                                           ?             'C3 H7 N O2 S'     121.158 
DUP non-polymer         . 
;2'-DEOXYURIDINE 5'-ALPHA,BETA-IMIDO-TRIPHOSPHATE
;
?             'C9 H16 N3 O13 P3' 467.157 
GLN 'L-peptide linking' y GLUTAMINE                                          ?             'C5 H10 N2 O3'     146.144 
GLU 'L-peptide linking' y 'GLUTAMIC ACID'                                    ?             'C5 H9 N O4'       147.129 
GLY 'peptide linking'   y GLYCINE                                            ?             'C2 H5 N O2'       75.067  
HIS 'L-peptide linking' y HISTIDINE                                          ?             'C6 H10 N3 O2 1'   156.162 
HOH non-polymer         . WATER                                              ?             'H2 O'             18.015  
ILE 'L-peptide linking' y ISOLEUCINE                                         ?             'C6 H13 N O2'      131.173 
LEU 'L-peptide linking' y LEUCINE                                            ?             'C6 H13 N O2'      131.173 
LYS 'L-peptide linking' y LYSINE                                             ?             'C6 H15 N2 O2 1'   147.195 
MET 'L-peptide linking' y METHIONINE                                         ?             'C5 H11 N O2 S'    149.211 
MG  non-polymer         . 'MAGNESIUM ION'                                    ?             'Mg 2'             24.305  
PHE 'L-peptide linking' y PHENYLALANINE                                      ?             'C9 H11 N O2'      165.189 
PRO 'L-peptide linking' y PROLINE                                            ?             'C5 H9 N O2'       115.130 
SER 'L-peptide linking' y SERINE                                             ?             'C3 H7 N O3'       105.093 
THR 'L-peptide linking' y THREONINE                                          ?             'C4 H9 N O3'       119.119 
TRP 'L-peptide linking' y TRYPTOPHAN                                         ?             'C11 H12 N2 O2'    204.225 
TRS non-polymer         . 2-AMINO-2-HYDROXYMETHYL-PROPANE-1,3-DIOL           'TRIS BUFFER' 'C4 H12 N O3 1'    122.143 
TYR 'L-peptide linking' y TYROSINE                                           ?             'C9 H11 N O3'      181.189 
VAL 'L-peptide linking' y VALINE                                             ?             'C5 H11 N O2'      117.146 
# 
_exptl.entry_id          1RNJ 
_exptl.method            'X-RAY DIFFRACTION' 
_exptl.crystals_number   1 
# 
_exptl_crystal.id                    1 
_exptl_crystal.density_meas          ? 
_exptl_crystal.density_percent_sol   51.3 
_exptl_crystal.description           ? 
_exptl_crystal.density_Matthews      2.55 
_exptl_crystal.F_000                 ? 
_exptl_crystal.preparation           ? 
# 
_exptl_crystal_grow.crystal_id      1 
_exptl_crystal_grow.method          'VAPOR DIFFUSION, HANGING DROP' 
_exptl_crystal_grow.temp            293 
_exptl_crystal_grow.temp_details    ? 
_exptl_crystal_grow.pH              7.8 
_exptl_crystal_grow.pdbx_details    'PEG 3350, sodium acetate, Tris, pH 7.8, VAPOR DIFFUSION, HANGING DROP, temperature 293K' 
_exptl_crystal_grow.pdbx_pH_range   . 
# 
_diffrn.id                     1 
_diffrn.ambient_temp           100 
_diffrn.ambient_temp_details   ? 
_diffrn.crystal_id             1 
# 
_diffrn_detector.diffrn_id              1 
_diffrn_detector.detector               CCD 
_diffrn_detector.type                   'ADSC QUANTUM 4' 
_diffrn_detector.pdbx_collection_date   2003-03-08 
_diffrn_detector.details                ? 
# 
_diffrn_radiation.diffrn_id                        1 
_diffrn_radiation.wavelength_id                    1 
_diffrn_radiation.pdbx_monochromatic_or_laue_m_l   M 
_diffrn_radiation.monochromator                    'Si111 crystal' 
_diffrn_radiation.pdbx_diffrn_protocol             'SINGLE WAVELENGTH' 
_diffrn_radiation.pdbx_scattering_type             x-ray 
# 
_diffrn_radiation_wavelength.id           1 
_diffrn_radiation_wavelength.wavelength   0.9392 
_diffrn_radiation_wavelength.wt           1.0 
# 
_diffrn_source.diffrn_id                   1 
_diffrn_source.source                      SYNCHROTRON 
_diffrn_source.type                        'ESRF BEAMLINE ID14-4' 
_diffrn_source.pdbx_synchrotron_site       ESRF 
_diffrn_source.pdbx_synchrotron_beamline   ID14-4 
_diffrn_source.pdbx_wavelength             ? 
_diffrn_source.pdbx_wavelength_list        0.9392 
# 
_reflns.entry_id                     1RNJ 
_reflns.observed_criterion_sigma_F   0.0 
_reflns.observed_criterion_sigma_I   0.0 
_reflns.d_resolution_high            1.7 
_reflns.d_resolution_low             22.0 
_reflns.number_all                   ? 
_reflns.number_obs                   18342 
_reflns.percent_possible_obs         98.2 
_reflns.pdbx_Rmerge_I_obs            ? 
_reflns.pdbx_Rsym_value              0.059 
_reflns.pdbx_netI_over_sigmaI        8.4 
_reflns.B_iso_Wilson_estimate        ? 
_reflns.pdbx_redundancy              20.32 
_reflns.R_free_details               ? 
_reflns.limit_h_max                  ? 
_reflns.limit_h_min                  ? 
_reflns.limit_k_max                  ? 
_reflns.limit_k_min                  ? 
_reflns.limit_l_max                  ? 
_reflns.limit_l_min                  ? 
_reflns.observed_criterion_F_max     ? 
_reflns.observed_criterion_F_min     ? 
_reflns.pdbx_chi_squared             ? 
_reflns.pdbx_scaling_rejects         ? 
_reflns.pdbx_ordinal                 1 
_reflns.pdbx_diffrn_id               1 
# 
_reflns_shell.d_res_high             1.70 
_reflns_shell.d_res_low              1.74 
_reflns_shell.percent_possible_all   98.2 
_reflns_shell.Rmerge_I_obs           ? 
_reflns_shell.pdbx_Rsym_value        0.38 
_reflns_shell.meanI_over_sigI_obs    2.0 
_reflns_shell.pdbx_redundancy        20.81 
_reflns_shell.percent_possible_obs   ? 
_reflns_shell.number_unique_all      1268 
_reflns_shell.number_measured_all    ? 
_reflns_shell.number_measured_obs    ? 
_reflns_shell.number_unique_obs      ? 
_reflns_shell.pdbx_chi_squared       ? 
_reflns_shell.pdbx_ordinal           1 
_reflns_shell.pdbx_diffrn_id         1 
# 
_refine.entry_id                                 1RNJ 
_refine.ls_number_reflns_obs                     17392 
_refine.ls_number_reflns_all                     17392 
_refine.pdbx_ls_sigma_I                          ? 
_refine.pdbx_ls_sigma_F                          0.0 
_refine.pdbx_data_cutoff_high_absF               ? 
_refine.pdbx_data_cutoff_low_absF                ? 
_refine.pdbx_data_cutoff_high_rms_absF           ? 
_refine.ls_d_res_low                             20.00 
_refine.ls_d_res_high                            1.70 
_refine.ls_percent_reflns_obs                    98.2 
_refine.ls_R_factor_obs                          0.15812 
_refine.ls_R_factor_all                          0.18 
_refine.ls_R_factor_R_work                       0.15654 
_refine.ls_R_factor_R_free                       0.1872 
_refine.ls_R_factor_R_free_error                 ? 
_refine.ls_R_factor_R_free_error_details         ? 
_refine.ls_percent_reflns_R_free                 5.2 
_refine.ls_number_reflns_R_free                  949 
_refine.ls_number_parameters                     ? 
_refine.ls_number_restraints                     ? 
_refine.occupancy_min                            ? 
_refine.occupancy_max                            ? 
_refine.correlation_coeff_Fo_to_Fc               0.967 
_refine.correlation_coeff_Fo_to_Fc_free          0.948 
_refine.B_iso_mean                               19.221 
_refine.aniso_B[1][1]                            -0.31 
_refine.aniso_B[2][2]                            -0.31 
_refine.aniso_B[3][3]                            0.46 
_refine.aniso_B[1][2]                            -0.15 
_refine.aniso_B[1][3]                            0.00 
_refine.aniso_B[2][3]                            0.00 
_refine.solvent_model_details                    'BABINET MODEL WITH MASK' 
_refine.solvent_model_param_ksol                 ? 
_refine.solvent_model_param_bsol                 ? 
_refine.pdbx_solvent_vdw_probe_radii             1.40 
_refine.pdbx_solvent_ion_probe_radii             0.80 
_refine.pdbx_solvent_shrinkage_radii             0.80 
_refine.pdbx_ls_cross_valid_method               THROUGHOUT 
_refine.details                                  'HYDROGENS HAVE BEEN ADDED IN THE RIDING POSITIONS' 
_refine.pdbx_starting_model                      'PDB ENTRY 1EUW' 
_refine.pdbx_method_to_determine_struct          'MOLECULAR REPLACEMENT' 
_refine.pdbx_isotropic_thermal_model             Isotropic 
_refine.pdbx_stereochemistry_target_values       'MAXIMUM LIKELIHOOD' 
_refine.pdbx_stereochem_target_val_spec_case     ? 
_refine.pdbx_R_Free_selection_details            RANDOM 
_refine.pdbx_overall_ESU_R                       0.092 
_refine.pdbx_overall_ESU_R_Free                  0.091 
_refine.overall_SU_ML                            0.054 
_refine.overall_SU_B                             1.624 
_refine.ls_redundancy_reflns_obs                 ? 
_refine.B_iso_min                                ? 
_refine.B_iso_max                                ? 
_refine.overall_SU_R_Cruickshank_DPI             ? 
_refine.overall_SU_R_free                        ? 
_refine.ls_wR_factor_R_free                      ? 
_refine.ls_wR_factor_R_work                      ? 
_refine.overall_FOM_free_R_set                   ? 
_refine.overall_FOM_work_R_set                   ? 
_refine.pdbx_refine_id                           'X-RAY DIFFRACTION' 
_refine.pdbx_diffrn_id                           1 
_refine.pdbx_TLS_residual_ADP_flag               ? 
_refine.pdbx_overall_phase_error                 ? 
_refine.pdbx_overall_SU_R_free_Cruickshank_DPI   ? 
_refine.pdbx_overall_SU_R_Blow_DPI               ? 
_refine.pdbx_overall_SU_R_free_Blow_DPI          ? 
# 
_refine_hist.pdbx_refine_id                   'X-RAY DIFFRACTION' 
_refine_hist.cycle_id                         LAST 
_refine_hist.pdbx_number_atoms_protein        1069 
_refine_hist.pdbx_number_atoms_nucleic_acid   0 
_refine_hist.pdbx_number_atoms_ligand         37 
_refine_hist.number_atoms_solvent             221 
_refine_hist.number_atoms_total               1327 
_refine_hist.d_res_high                       1.70 
_refine_hist.d_res_low                        20.00 
# 
loop_
_refine_ls_restr.type 
_refine_ls_restr.dev_ideal 
_refine_ls_restr.dev_ideal_target 
_refine_ls_restr.weight 
_refine_ls_restr.number 
_refine_ls_restr.pdbx_refine_id 
_refine_ls_restr.pdbx_restraint_function 
r_bond_refined_d         0.019 0.022  ? 1148 'X-RAY DIFFRACTION' ? 
r_bond_other_d           0.001 0.020  ? 1094 'X-RAY DIFFRACTION' ? 
r_angle_refined_deg      1.537 2.009  ? 1556 'X-RAY DIFFRACTION' ? 
r_angle_other_deg        2.576 3.000  ? 2546 'X-RAY DIFFRACTION' ? 
r_dihedral_angle_1_deg   5.865 5.000  ? 136  'X-RAY DIFFRACTION' ? 
r_chiral_restr           0.088 0.200  ? 184  'X-RAY DIFFRACTION' ? 
r_gen_planes_refined     0.005 0.020  ? 1202 'X-RAY DIFFRACTION' ? 
r_gen_planes_other       0.005 0.020  ? 208  'X-RAY DIFFRACTION' ? 
r_nbd_refined            0.182 0.200  ? 176  'X-RAY DIFFRACTION' ? 
r_nbd_other              0.278 0.200  ? 1126 'X-RAY DIFFRACTION' ? 
r_nbtor_other            0.094 0.200  ? 606  'X-RAY DIFFRACTION' ? 
r_xyhbond_nbd_refined    0.219 0.200  ? 154  'X-RAY DIFFRACTION' ? 
r_metal_ion_refined      0.146 0.200  ? 2    'X-RAY DIFFRACTION' ? 
r_symmetry_vdw_refined   0.150 0.200  ? 25   'X-RAY DIFFRACTION' ? 
r_symmetry_vdw_other     0.322 0.200  ? 151  'X-RAY DIFFRACTION' ? 
r_symmetry_hbond_refined 0.194 0.200  ? 46   'X-RAY DIFFRACTION' ? 
r_mcbond_it              2.354 4.000  ? 702  'X-RAY DIFFRACTION' ? 
r_mcangle_it             4.712 50.000 ? 1138 'X-RAY DIFFRACTION' ? 
r_scbond_it              7.396 50.000 ? 446  'X-RAY DIFFRACTION' ? 
r_scangle_it             9.450 50.000 ? 418  'X-RAY DIFFRACTION' ? 
# 
_refine_ls_shell.pdbx_total_number_of_bins_used   20 
_refine_ls_shell.d_res_high                       1.700 
_refine_ls_shell.d_res_low                        1.744 
_refine_ls_shell.number_reflns_R_work             1186 
_refine_ls_shell.R_factor_R_work                  0.204 
_refine_ls_shell.percent_reflns_obs               98.2 
_refine_ls_shell.R_factor_R_free                  0.272 
_refine_ls_shell.R_factor_R_free_error            ? 
_refine_ls_shell.percent_reflns_R_free            ? 
_refine_ls_shell.number_reflns_R_free             68 
_refine_ls_shell.number_reflns_obs                1268 
_refine_ls_shell.redundancy_reflns_obs            ? 
_refine_ls_shell.number_reflns_all                ? 
_refine_ls_shell.pdbx_refine_id                   'X-RAY DIFFRACTION' 
_refine_ls_shell.R_factor_all                     ? 
# 
_struct.entry_id                  1RNJ 
_struct.title                     'Crystal structure of inactive mutant dUTPase complexed with substrate analogue imido-dUTP' 
_struct.pdbx_model_details        ? 
_struct.pdbx_CASP_flag            ? 
_struct.pdbx_model_type_details   ? 
# 
_struct_keywords.entry_id        1RNJ 
_struct_keywords.pdbx_keywords   HYDROLASE 
_struct_keywords.text            'Jelly Roll, Enzyme-ligand complex, HYDROLASE' 
# 
loop_
_struct_asym.id 
_struct_asym.pdbx_blank_PDB_chainid_flag 
_struct_asym.pdbx_modified 
_struct_asym.entity_id 
_struct_asym.details 
A N N 1 ? 
B N N 2 ? 
C N N 3 ? 
D N N 4 ? 
E N N 4 ? 
F N N 5 ? 
# 
_struct_biol.id                    1 
_struct_biol.details               
;The biological assembly is a trimer generated from the monomer in the asymmetric unit by the operations: 1-y, x-y, z and 1-x+y, 1-x, z.
;
_struct_biol.pdbx_parent_biol_id   ? 
# 
_struct_conf.conf_type_id            HELX_P 
_struct_conf.id                      HELX_P1 
_struct_conf.pdbx_PDB_helix_id       1 
_struct_conf.beg_label_comp_id       ARG 
_struct_conf.beg_label_asym_id       A 
_struct_conf.beg_label_seq_id        71 
_struct_conf.pdbx_beg_PDB_ins_code   ? 
_struct_conf.end_label_comp_id       GLY 
_struct_conf.end_label_asym_id       A 
_struct_conf.end_label_seq_id        79 
_struct_conf.pdbx_end_PDB_ins_code   ? 
_struct_conf.beg_auth_comp_id        ARG 
_struct_conf.beg_auth_asym_id        A 
_struct_conf.beg_auth_seq_id         71 
_struct_conf.end_auth_comp_id        GLY 
_struct_conf.end_auth_asym_id        A 
_struct_conf.end_auth_seq_id         79 
_struct_conf.pdbx_PDB_helix_class    1 
_struct_conf.details                 ? 
_struct_conf.pdbx_PDB_helix_length   9 
# 
_struct_conf_type.id          HELX_P 
_struct_conf_type.criteria    ? 
_struct_conf_type.reference   ? 
# 
loop_
_struct_conn.id 
_struct_conn.conn_type_id 
_struct_conn.pdbx_leaving_atom_flag 
_struct_conn.pdbx_PDB_id 
_struct_conn.ptnr1_label_asym_id 
_struct_conn.ptnr1_label_comp_id 
_struct_conn.ptnr1_label_seq_id 
_struct_conn.ptnr1_label_atom_id 
_struct_conn.pdbx_ptnr1_label_alt_id 
_struct_conn.pdbx_ptnr1_PDB_ins_code 
_struct_conn.pdbx_ptnr1_standard_comp_id 
_struct_conn.ptnr1_symmetry 
_struct_conn.ptnr2_label_asym_id 
_struct_conn.ptnr2_label_comp_id 
_struct_conn.ptnr2_label_seq_id 
_struct_conn.ptnr2_label_atom_id 
_struct_conn.pdbx_ptnr2_label_alt_id 
_struct_conn.pdbx_ptnr2_PDB_ins_code 
_struct_conn.ptnr1_auth_asym_id 
_struct_conn.ptnr1_auth_comp_id 
_struct_conn.ptnr1_auth_seq_id 
_struct_conn.ptnr2_auth_asym_id 
_struct_conn.ptnr2_auth_comp_id 
_struct_conn.ptnr2_auth_seq_id 
_struct_conn.ptnr2_symmetry 
_struct_conn.pdbx_ptnr3_label_atom_id 
_struct_conn.pdbx_ptnr3_label_seq_id 
_struct_conn.pdbx_ptnr3_label_comp_id 
_struct_conn.pdbx_ptnr3_label_asym_id 
_struct_conn.pdbx_ptnr3_label_alt_id 
_struct_conn.pdbx_ptnr3_PDB_ins_code 
_struct_conn.details 
_struct_conn.pdbx_dist_value 
_struct_conn.pdbx_value_order 
_struct_conn.pdbx_role 
metalc1 metalc ? ? C DUP . O1B ? ? ? 1_555 B MG  . MG ? ? A DUP 777 A MG  999  1_555 ? ? ? ? ? ? ? 1.885 ? ? 
metalc2 metalc ? ? C DUP . O1A ? ? ? 1_555 B MG  . MG ? ? A DUP 777 A MG  999  1_555 ? ? ? ? ? ? ? 2.022 ? ? 
metalc3 metalc ? ? C DUP . O2G ? ? ? 1_555 B MG  . MG ? ? A DUP 777 A MG  999  1_555 ? ? ? ? ? ? ? 2.145 ? ? 
metalc4 metalc ? ? B MG  . MG  ? ? ? 1_555 F HOH . O  ? ? A MG  999 A HOH 1110 1_555 ? ? ? ? ? ? ? 2.144 ? ? 
metalc5 metalc ? ? B MG  . MG  ? ? ? 1_555 F HOH . O  ? ? A MG  999 A HOH 1111 1_555 ? ? ? ? ? ? ? 2.172 ? ? 
metalc6 metalc ? ? B MG  . MG  ? ? ? 1_555 F HOH . O  ? ? A MG  999 A HOH 1135 1_555 ? ? ? ? ? ? ? 1.811 ? ? 
# 
_struct_conn_type.id          metalc 
_struct_conn_type.criteria    ? 
_struct_conn_type.reference   ? 
# 
loop_
_struct_sheet.id 
_struct_sheet.type 
_struct_sheet.number_strands 
_struct_sheet.details 
A ? 4 ? 
B ? 4 ? 
C ? 2 ? 
# 
loop_
_struct_sheet_order.sheet_id 
_struct_sheet_order.range_id_1 
_struct_sheet_order.range_id_2 
_struct_sheet_order.offset 
_struct_sheet_order.sense 
A 1 2 ? anti-parallel 
A 2 3 ? anti-parallel 
A 3 4 ? anti-parallel 
B 1 2 ? anti-parallel 
B 2 3 ? anti-parallel 
B 3 4 ? anti-parallel 
C 1 2 ? anti-parallel 
# 
loop_
_struct_sheet_range.sheet_id 
_struct_sheet_range.id 
_struct_sheet_range.beg_label_comp_id 
_struct_sheet_range.beg_label_asym_id 
_struct_sheet_range.beg_label_seq_id 
_struct_sheet_range.pdbx_beg_PDB_ins_code 
_struct_sheet_range.end_label_comp_id 
_struct_sheet_range.end_label_asym_id 
_struct_sheet_range.end_label_seq_id 
_struct_sheet_range.pdbx_end_PDB_ins_code 
_struct_sheet_range.beg_auth_comp_id 
_struct_sheet_range.beg_auth_asym_id 
_struct_sheet_range.beg_auth_seq_id 
_struct_sheet_range.end_auth_comp_id 
_struct_sheet_range.end_auth_asym_id 
_struct_sheet_range.end_auth_seq_id 
A 1 ASP A 6   ? ILE A 9   ? ASP A 6   ILE A 9   
A 2 THR A 48  ? HIS A 58  ? THR A 48  HIS A 58  
A 3 GLN A 96  ? ASN A 103 ? GLN A 96  ASN A 103 
A 4 ILE A 80  ? LEU A 82  ? ILE A 80  LEU A 82  
B 1 LEU A 31  ? ARG A 34  ? LEU A 31  ARG A 34  
B 2 ARG A 116 ? PRO A 124 ? ARG A 116 PRO A 124 
B 3 LEU A 64  ? LEU A 69  ? LEU A 64  LEU A 69  
B 4 GLY A 87  ? ILE A 89  ? GLY A 87  ILE A 89  
C 1 VAL A 41  ? LEU A 43  ? VAL A 41  LEU A 43  
C 2 PHE A 109 ? ILE A 111 ? PHE A 109 ILE A 111 
# 
loop_
_pdbx_struct_sheet_hbond.sheet_id 
_pdbx_struct_sheet_hbond.range_id_1 
_pdbx_struct_sheet_hbond.range_id_2 
_pdbx_struct_sheet_hbond.range_1_label_atom_id 
_pdbx_struct_sheet_hbond.range_1_label_comp_id 
_pdbx_struct_sheet_hbond.range_1_label_asym_id 
_pdbx_struct_sheet_hbond.range_1_label_seq_id 
_pdbx_struct_sheet_hbond.range_1_PDB_ins_code 
_pdbx_struct_sheet_hbond.range_1_auth_atom_id 
_pdbx_struct_sheet_hbond.range_1_auth_comp_id 
_pdbx_struct_sheet_hbond.range_1_auth_asym_id 
_pdbx_struct_sheet_hbond.range_1_auth_seq_id 
_pdbx_struct_sheet_hbond.range_2_label_atom_id 
_pdbx_struct_sheet_hbond.range_2_label_comp_id 
_pdbx_struct_sheet_hbond.range_2_label_asym_id 
_pdbx_struct_sheet_hbond.range_2_label_seq_id 
_pdbx_struct_sheet_hbond.range_2_PDB_ins_code 
_pdbx_struct_sheet_hbond.range_2_auth_atom_id 
_pdbx_struct_sheet_hbond.range_2_auth_comp_id 
_pdbx_struct_sheet_hbond.range_2_auth_asym_id 
_pdbx_struct_sheet_hbond.range_2_auth_seq_id 
A 1 2 N LYS A 8   ? N LYS A 8   O ALA A 56  ? O ALA A 56  
A 2 3 N VAL A 51  ? N VAL A 51  O ILE A 99  ? O ILE A 99  
A 3 4 O TRP A 102 ? O TRP A 102 N VAL A 81  ? N VAL A 81  
B 1 2 N LEU A 31  ? N LEU A 31  O MET A 120 ? O MET A 120 
B 2 3 O GLN A 119 ? O GLN A 119 N LEU A 69  ? N LEU A 69  
B 3 4 N ALA A 66  ? N ALA A 66  O ILE A 89  ? O ILE A 89  
C 1 2 N LEU A 43  ? N LEU A 43  O PHE A 109 ? O PHE A 109 
# 
loop_
_struct_site.id 
_struct_site.pdbx_evidence_code 
_struct_site.pdbx_auth_asym_id 
_struct_site.pdbx_auth_comp_id 
_struct_site.pdbx_auth_seq_id 
_struct_site.pdbx_auth_ins_code 
_struct_site.pdbx_num_residues 
_struct_site.details 
AC1 Software A MG  999 ? 4  'BINDING SITE FOR RESIDUE MG A 999'  
AC2 Software A DUP 777 ? 27 'BINDING SITE FOR RESIDUE DUP A 777' 
AC3 Software A TRS 801 ? 6  'BINDING SITE FOR RESIDUE TRS A 801' 
AC4 Software A TRS 802 ? 2  'BINDING SITE FOR RESIDUE TRS A 802' 
# 
loop_
_struct_site_gen.id 
_struct_site_gen.site_id 
_struct_site_gen.pdbx_num_res 
_struct_site_gen.label_comp_id 
_struct_site_gen.label_asym_id 
_struct_site_gen.label_seq_id 
_struct_site_gen.pdbx_auth_ins_code 
_struct_site_gen.auth_comp_id 
_struct_site_gen.auth_asym_id 
_struct_site_gen.auth_seq_id 
_struct_site_gen.label_atom_id 
_struct_site_gen.label_alt_id 
_struct_site_gen.symmetry 
_struct_site_gen.details 
1  AC1 4  DUP C .   ? DUP A 777  . ? 1_555 ? 
2  AC1 4  HOH F .   ? HOH A 1110 . ? 1_555 ? 
3  AC1 4  HOH F .   ? HOH A 1111 . ? 1_555 ? 
4  AC1 4  HOH F .   ? HOH A 1135 . ? 1_555 ? 
5  AC2 27 MET A 68  ? MET A 68   . ? 1_555 ? 
6  AC2 27 ARG A 71  ? ARG A 71   . ? 3_665 ? 
7  AC2 27 SER A 72  ? SER A 72   . ? 3_665 ? 
8  AC2 27 GLY A 73  ? GLY A 73   . ? 3_665 ? 
9  AC2 27 ASN A 84  ? ASN A 84   . ? 1_555 ? 
10 AC2 27 GLY A 87  ? GLY A 87   . ? 1_555 ? 
11 AC2 27 LEU A 88  ? LEU A 88   . ? 1_555 ? 
12 AC2 27 ASN A 90  ? ASN A 90   . ? 1_555 ? 
13 AC2 27 TYR A 93  ? TYR A 93   . ? 1_555 ? 
14 AC2 27 MET A 98  ? MET A 98   . ? 1_555 ? 
15 AC2 27 GLN A 119 ? GLN A 119  . ? 3_665 ? 
16 AC2 27 MG  B .   ? MG  A 999  . ? 1_555 ? 
17 AC2 27 HOH F .   ? HOH A 1002 . ? 1_555 ? 
18 AC2 27 HOH F .   ? HOH A 1004 . ? 1_555 ? 
19 AC2 27 HOH F .   ? HOH A 1006 . ? 1_555 ? 
20 AC2 27 HOH F .   ? HOH A 1026 . ? 1_555 ? 
21 AC2 27 HOH F .   ? HOH A 1033 . ? 1_555 ? 
22 AC2 27 HOH F .   ? HOH A 1051 . ? 1_555 ? 
23 AC2 27 HOH F .   ? HOH A 1056 . ? 2_655 ? 
24 AC2 27 HOH F .   ? HOH A 1064 . ? 1_555 ? 
25 AC2 27 HOH F .   ? HOH A 1097 . ? 1_555 ? 
26 AC2 27 HOH F .   ? HOH A 1099 . ? 1_555 ? 
27 AC2 27 HOH F .   ? HOH A 1110 . ? 1_555 ? 
28 AC2 27 HOH F .   ? HOH A 1111 . ? 1_555 ? 
29 AC2 27 HOH F .   ? HOH A 1135 . ? 1_555 ? 
30 AC2 27 HOH F .   ? HOH A 1161 . ? 8_565 ? 
31 AC2 27 HOH F .   ? HOH A 1218 . ? 1_555 ? 
32 AC3 6  TRP A 102 ? TRP A 102  . ? 1_555 ? 
33 AC3 6  TRP A 102 ? TRP A 102  . ? 2_655 ? 
34 AC3 6  TRP A 102 ? TRP A 102  . ? 3_665 ? 
35 AC3 6  ARG A 104 ? ARG A 104  . ? 1_555 ? 
36 AC3 6  HOH F .   ? HOH A 1048 . ? 3_665 ? 
37 AC3 6  HOH F .   ? HOH A 1081 . ? 1_555 ? 
38 AC4 2  MET A 1   ? MET A 1    . ? 1_555 ? 
39 AC4 2  PRO A 124 ? PRO A 124  . ? 3_665 ? 
# 
_atom_sites.entry_id                    1RNJ 
_atom_sites.fract_transf_matrix[1][1]   0.00814565 
_atom_sites.fract_transf_matrix[1][2]   -0.00072232 
_atom_sites.fract_transf_matrix[1][3]   0.01306863 
_atom_sites.fract_transf_matrix[2][1]   -0.00647648 
_atom_sites.fract_transf_matrix[2][2]   -0.00560181 
_atom_sites.fract_transf_matrix[2][3]   0.01282025 
_atom_sites.fract_transf_matrix[3][1]   0.00311797 
_atom_sites.fract_transf_matrix[3][2]   -0.00921860 
_atom_sites.fract_transf_matrix[3][3]   -0.00245295 
_atom_sites.fract_transf_vector[1]      0.498798 
_atom_sites.fract_transf_vector[2]      0.242258 
_atom_sites.fract_transf_vector[3]      0.046446 
# 
loop_
_atom_type.symbol 
C  
MG 
N  
O  
P  
S  
# 
loop_
_atom_site.group_PDB 
_atom_site.id 
_atom_site.type_symbol 
_atom_site.label_atom_id 
_atom_site.label_alt_id 
_atom_site.label_comp_id 
_atom_site.label_asym_id 
_atom_site.label_entity_id 
_atom_site.label_seq_id 
_atom_site.pdbx_PDB_ins_code 
_atom_site.Cartn_x 
_atom_site.Cartn_y 
_atom_site.Cartn_z 
_atom_site.occupancy 
_atom_site.B_iso_or_equiv 
_atom_site.pdbx_formal_charge 
_atom_site.auth_seq_id 
_atom_site.auth_comp_id 
_atom_site.auth_asym_id 
_atom_site.auth_atom_id 
_atom_site.pdbx_PDB_model_num 
ATOM   1    N  N     . MET A 1 1   ? 12.984  -14.162 -4.107  1.00 25.96 ? 1    MET A N     1 
ATOM   2    C  CA    . MET A 1 1   ? 11.992  -15.298 -4.141  1.00 29.30 ? 1    MET A CA    1 
ATOM   3    C  C     . MET A 1 1   ? 10.807  -14.789 -4.897  1.00 28.73 ? 1    MET A C     1 
ATOM   4    O  O     . MET A 1 1   ? 10.402  -13.666 -4.669  1.00 25.65 ? 1    MET A O     1 
ATOM   5    C  CB    . MET A 1 1   ? 11.517  -15.645 -2.750  1.00 32.03 ? 1    MET A CB    1 
ATOM   6    C  CG    . MET A 1 1   ? 12.492  -16.362 -1.902  1.00 39.64 ? 1    MET A CG    1 
ATOM   7    S  SD    . MET A 1 1   ? 11.678  -16.665 -0.343  1.00 33.84 ? 1    MET A SD    1 
ATOM   8    C  CE    . MET A 1 1   ? 11.740  -14.943 0.426   1.00 30.92 ? 1    MET A CE    1 
ATOM   9    N  N     . MET A 1 2   ? 10.236  -15.597 -5.782  1.00 21.04 ? 2    MET A N     1 
ATOM   10   C  CA    . MET A 1 2   ? 9.258   -15.061 -6.724  1.00 23.09 ? 2    MET A CA    1 
ATOM   11   C  C     . MET A 1 2   ? 7.930   -15.787 -6.547  1.00 20.99 ? 2    MET A C     1 
ATOM   12   O  O     . MET A 1 2   ? 7.885   -16.949 -6.179  1.00 22.20 ? 2    MET A O     1 
ATOM   13   C  CB    A MET A 1 2   ? 9.768   -15.170 -8.169  0.70 26.84 ? 2    MET A CB    1 
ATOM   14   C  CB    B MET A 1 2   ? 9.770   -15.228 -8.161  0.30 25.18 ? 2    MET A CB    1 
ATOM   15   C  CG    A MET A 1 2   ? 10.152  -13.826 -8.793  0.70 55.55 ? 2    MET A CG    1 
ATOM   16   C  CG    B MET A 1 2   ? 11.082  -14.496 -8.462  0.30 37.95 ? 2    MET A CG    1 
ATOM   17   S  SD    A MET A 1 2   ? 8.759   -12.879 -9.522  0.70 55.91 ? 2    MET A SD    1 
ATOM   18   S  SD    B MET A 1 2   ? 12.243  -15.443 -9.488  0.30 31.12 ? 2    MET A SD    1 
ATOM   19   C  CE    A MET A 1 2   ? 9.539   -12.277 -11.030 0.70 58.78 ? 2    MET A CE    1 
ATOM   20   C  CE    B MET A 1 2   ? 13.131  -14.110 -10.281 0.30 47.91 ? 2    MET A CE    1 
ATOM   21   N  N     . LYS A 1 3   ? 6.827   -15.085 -6.763  1.00 17.77 ? 3    LYS A N     1 
ATOM   22   C  CA    . LYS A 1 3   ? 5.527   -15.725 -6.721  1.00 18.99 ? 3    LYS A CA    1 
ATOM   23   C  C     . LYS A 1 3   ? 4.591   -15.015 -7.686  1.00 18.33 ? 3    LYS A C     1 
ATOM   24   O  O     . LYS A 1 3   ? 4.552   -13.813 -7.726  1.00 21.13 ? 3    LYS A O     1 
ATOM   25   C  CB    . LYS A 1 3   ? 4.913   -15.662 -5.328  1.00 22.38 ? 3    LYS A CB    1 
ATOM   26   C  CG    . LYS A 1 3   ? 3.769   -16.647 -5.129  1.00 40.43 ? 3    LYS A CG    1 
ATOM   27   C  CD    . LYS A 1 3   ? 3.184   -16.512 -3.759  1.00 47.26 ? 3    LYS A CD    1 
ATOM   28   C  CE    . LYS A 1 3   ? 2.788   -17.838 -3.157  1.00 41.76 ? 3    LYS A CE    1 
ATOM   29   N  NZ    . LYS A 1 3   ? 1.631   -18.447 -3.842  1.00 37.44 ? 3    LYS A NZ    1 
ATOM   30   N  N     . LYS A 1 4   ? 3.866   -15.781 -8.473  1.00 18.09 ? 4    LYS A N     1 
ATOM   31   C  CA    . LYS A 1 4   ? 2.796   -15.250 -9.309  1.00 16.37 ? 4    LYS A CA    1 
ATOM   32   C  C     . LYS A 1 4   ? 1.586   -15.002 -8.432  1.00 19.45 ? 4    LYS A C     1 
ATOM   33   O  O     . LYS A 1 4   ? 1.189   -15.859 -7.611  1.00 22.01 ? 4    LYS A O     1 
ATOM   34   C  CB    . LYS A 1 4   ? 2.422   -16.256 -10.409 1.00 20.42 ? 4    LYS A CB    1 
ATOM   35   C  CG    . LYS A 1 4   ? 3.350   -16.260 -11.590 1.00 29.83 ? 4    LYS A CG    1 
ATOM   36   C  CD    . LYS A 1 4   ? 2.733   -17.055 -12.723 1.00 37.39 ? 4    LYS A CD    1 
ATOM   37   C  CE    . LYS A 1 4   ? 3.553   -16.984 -13.994 1.00 47.43 ? 4    LYS A CE    1 
ATOM   38   N  NZ    . LYS A 1 4   ? 2.785   -17.563 -15.133 1.00 52.92 ? 4    LYS A NZ    1 
ATOM   39   N  N     . ILE A 1 5   ? 1.018   -13.810 -8.578  1.00 17.42 ? 5    ILE A N     1 
ATOM   40   C  CA    . ILE A 1 5   ? -0.139  -13.397 -7.796  1.00 18.63 ? 5    ILE A CA    1 
ATOM   41   C  C     . ILE A 1 5   ? -1.237  -12.957 -8.753  1.00 18.86 ? 5    ILE A C     1 
ATOM   42   O  O     . ILE A 1 5   ? -1.013  -12.096 -9.600  1.00 17.47 ? 5    ILE A O     1 
ATOM   43   C  CB    A ILE A 1 5   ? 0.231   -12.171 -6.908  0.33 17.52 ? 5    ILE A CB    1 
ATOM   44   C  CB    B ILE A 1 5   ? 0.225   -12.327 -6.713  0.33 22.08 ? 5    ILE A CB    1 
ATOM   45   C  CB    C ILE A 1 5   ? 0.252   -12.282 -6.817  0.33 19.59 ? 5    ILE A CB    1 
ATOM   46   C  CG1   A ILE A 1 5   ? 1.368   -12.502 -5.915  0.33 22.57 ? 5    ILE A CG1   1 
ATOM   47   C  CG1   B ILE A 1 5   ? -0.397  -10.963 -6.997  0.33 29.77 ? 5    ILE A CG1   1 
ATOM   48   C  CG1   C ILE A 1 5   ? 1.090   -12.890 -5.676  0.33 15.76 ? 5    ILE A CG1   1 
ATOM   49   C  CG2   A ILE A 1 5   ? -1.015  -11.617 -6.191  0.33 17.02 ? 5    ILE A CG2   1 
ATOM   50   C  CG2   B ILE A 1 5   ? 1.742   -12.216 -6.530  0.33 38.25 ? 5    ILE A CG2   1 
ATOM   51   C  CG2   C ILE A 1 5   ? -0.992  -11.574 -6.258  0.33 18.79 ? 5    ILE A CG2   1 
ATOM   52   C  CD1   A ILE A 1 5   ? 0.923   -13.046 -4.583  0.33 19.91 ? 5    ILE A CD1   1 
ATOM   53   C  CD1   B ILE A 1 5   ? -0.266  -10.002 -5.857  0.33 24.76 ? 5    ILE A CD1   1 
ATOM   54   C  CD1   C ILE A 1 5   ? 1.670   -11.891 -4.756  0.33 17.44 ? 5    ILE A CD1   1 
ATOM   55   N  N     . ASP A 1 6   ? -2.417  -13.542 -8.598  1.00 17.86 ? 6    ASP A N     1 
ATOM   56   C  CA    . ASP A 1 6   ? -3.571  -13.159 -9.397  1.00 14.70 ? 6    ASP A CA    1 
ATOM   57   C  C     . ASP A 1 6   ? -3.988  -11.714 -9.147  1.00 16.26 ? 6    ASP A C     1 
ATOM   58   O  O     . ASP A 1 6   ? -4.098  -11.265 -7.994  1.00 15.54 ? 6    ASP A O     1 
ATOM   59   C  CB    . ASP A 1 6   ? -4.759  -14.059 -9.114  1.00 19.24 ? 6    ASP A CB    1 
ATOM   60   C  CG    . ASP A 1 6   ? -4.588  -15.456 -9.676  1.00 26.08 ? 6    ASP A CG    1 
ATOM   61   O  OD1   . ASP A 1 6   ? -3.619  -15.718 -10.424 1.00 24.34 ? 6    ASP A OD1   1 
ATOM   62   O  OD2   . ASP A 1 6   ? -5.403  -16.353 -9.417  1.00 31.08 ? 6    ASP A OD2   1 
ATOM   63   N  N     . VAL A 1 7   ? -4.249  -10.995 -10.230 1.00 17.34 ? 7    VAL A N     1 
ATOM   64   C  CA    . VAL A 1 7   ? -4.721  -9.608  -10.164 1.00 18.11 ? 7    VAL A CA    1 
ATOM   65   C  C     . VAL A 1 7   ? -5.903  -9.464  -11.110 1.00 16.58 ? 7    VAL A C     1 
ATOM   66   O  O     . VAL A 1 7   ? -5.917  -10.041 -12.206 1.00 17.51 ? 7    VAL A O     1 
ATOM   67   C  CB    . VAL A 1 7   ? -3.621  -8.590  -10.557 1.00 16.83 ? 7    VAL A CB    1 
ATOM   68   C  CG1   . VAL A 1 7   ? -3.152  -8.763  -11.979 1.00 22.41 ? 7    VAL A CG1   1 
ATOM   69   C  CG2   . VAL A 1 7   ? -4.090  -7.162  -10.348 1.00 21.80 ? 7    VAL A CG2   1 
ATOM   70   N  N     . LYS A 1 8   ? -6.903  -8.736  -10.648 1.00 14.45 ? 8    LYS A N     1 
ATOM   71   C  CA    . LYS A 1 8   ? -8.064  -8.353  -11.433 1.00 13.94 ? 8    LYS A CA    1 
ATOM   72   C  C     . LYS A 1 8   ? -8.051  -6.838  -11.622 1.00 15.56 ? 8    LYS A C     1 
ATOM   73   O  O     . LYS A 1 8   ? -8.011  -6.076  -10.645 1.00 15.74 ? 8    LYS A O     1 
ATOM   74   C  CB    . LYS A 1 8   ? -9.346  -8.762  -10.720 1.00 17.51 ? 8    LYS A CB    1 
ATOM   75   C  CG    . LYS A 1 8   ? -10.620 -8.389  -11.477 1.00 23.98 ? 8    LYS A CG    1 
ATOM   76   C  CD    . LYS A 1 8   ? -11.910 -9.042  -10.921 1.00 30.25 ? 8    LYS A CD    1 
ATOM   77   C  CE    . LYS A 1 8   ? -11.893 -9.335  -9.443  1.00 45.14 ? 8    LYS A CE    1 
ATOM   78   N  NZ    . LYS A 1 8   ? -13.286 -9.578  -8.929  1.00 53.73 ? 8    LYS A NZ    1 
ATOM   79   N  N     . ILE A 1 9   ? -8.123  -6.403  -12.871 1.00 18.21 ? 9    ILE A N     1 
ATOM   80   C  CA    . ILE A 1 9   ? -8.211  -4.978  -13.189 1.00 14.73 ? 9    ILE A CA    1 
ATOM   81   C  C     . ILE A 1 9   ? -9.658  -4.534  -13.053 1.00 14.77 ? 9    ILE A C     1 
ATOM   82   O  O     . ILE A 1 9   ? -10.540 -5.085  -13.723 1.00 21.53 ? 9    ILE A O     1 
ATOM   83   C  CB    . ILE A 1 9   ? -7.647  -4.713  -14.620 1.00 17.55 ? 9    ILE A CB    1 
ATOM   84   C  CG1   A ILE A 1 9   ? -6.136  -4.981  -14.687 0.70 26.65 ? 9    ILE A CG1   1 
ATOM   85   C  CG1   B ILE A 1 9   ? -6.117  -4.883  -14.619 0.30 20.31 ? 9    ILE A CG1   1 
ATOM   86   C  CG2   . ILE A 1 9   ? -8.036  -3.333  -15.109 1.00 21.07 ? 9    ILE A CG2   1 
ATOM   87   C  CD1   A ILE A 1 9   ? -5.344  -4.437  -13.555 0.70 46.36 ? 9    ILE A CD1   1 
ATOM   88   C  CD1   B ILE A 1 9   ? -5.470  -4.965  -16.006 0.30 14.21 ? 9    ILE A CD1   1 
ATOM   89   N  N     . LEU A 1 10  ? -9.901  -3.563  -12.184 1.00 13.31 ? 10   LEU A N     1 
ATOM   90   C  CA    . LEU A 1 10  ? -11.234 -3.070  -11.857 1.00 15.02 ? 10   LEU A CA    1 
ATOM   91   C  C     . LEU A 1 10  ? -11.585 -1.814  -12.639 1.00 21.07 ? 10   LEU A C     1 
ATOM   92   O  O     . LEU A 1 10  ? -12.764 -1.532  -12.852 1.00 20.65 ? 10   LEU A O     1 
ATOM   93   C  CB    . LEU A 1 10  ? -11.403 -2.815  -10.376 1.00 14.92 ? 10   LEU A CB    1 
ATOM   94   C  CG    . LEU A 1 10  ? -11.114 -4.018  -9.465  1.00 13.56 ? 10   LEU A CG    1 
ATOM   95   C  CD1   . LEU A 1 10  ? -11.225 -3.600  -8.018  1.00 16.81 ? 10   LEU A CD1   1 
ATOM   96   C  CD2   . LEU A 1 10  ? -12.050 -5.159  -9.784  1.00 19.58 ? 10   LEU A CD2   1 
ATOM   97   N  N     . ASP A 1 11  ? -10.562 -1.088  -13.084 1.00 17.38 ? 11   ASP A N     1 
ATOM   98   C  CA    . ASP A 1 11  ? -10.744 0.151   -13.853 1.00 14.60 ? 11   ASP A CA    1 
ATOM   99   C  C     . ASP A 1 11  ? -9.905  -0.005  -15.113 1.00 16.43 ? 11   ASP A C     1 
ATOM   100  O  O     . ASP A 1 11  ? -8.720  -0.331  -15.038 1.00 15.97 ? 11   ASP A O     1 
ATOM   101  C  CB    . ASP A 1 11  ? -10.276 1.322   -12.999 1.00 18.17 ? 11   ASP A CB    1 
ATOM   102  C  CG    . ASP A 1 11  ? -10.526 2.649   -13.647 1.00 18.74 ? 11   ASP A CG    1 
ATOM   103  O  OD1   . ASP A 1 11  ? -10.075 2.833   -14.797 1.00 16.44 ? 11   ASP A OD1   1 
ATOM   104  O  OD2   . ASP A 1 11  ? -11.132 3.558   -13.062 1.00 19.13 ? 11   ASP A OD2   1 
ATOM   105  N  N     . PRO A 1 12  ? -10.503 0.185   -16.284 1.00 16.59 ? 12   PRO A N     1 
ATOM   106  C  CA    . PRO A 1 12  ? -9.811  -0.113  -17.546 1.00 18.84 ? 12   PRO A CA    1 
ATOM   107  C  C     . PRO A 1 12  ? -8.602  0.797   -17.878 1.00 14.99 ? 12   PRO A C     1 
ATOM   108  O  O     . PRO A 1 12  ? -7.847  0.504   -18.803 1.00 18.00 ? 12   PRO A O     1 
ATOM   109  C  CB    . PRO A 1 12  ? -10.923 0.034   -18.607 1.00 24.56 ? 12   PRO A CB    1 
ATOM   110  C  CG    . PRO A 1 12  ? -11.927 0.896   -17.997 1.00 29.55 ? 12   PRO A CG    1 
ATOM   111  C  CD    . PRO A 1 12  ? -11.881 0.671   -16.504 1.00 23.07 ? 12   PRO A CD    1 
ATOM   112  N  N     . ARG A 1 13  ? -8.411  1.846   -17.093 1.00 15.73 ? 13   ARG A N     1 
ATOM   113  C  CA    . ARG A 1 13  ? -7.206  2.685   -17.203 1.00 14.67 ? 13   ARG A CA    1 
ATOM   114  C  C     . ARG A 1 13  ? -5.977  2.024   -16.597 1.00 15.27 ? 13   ARG A C     1 
ATOM   115  O  O     . ARG A 1 13  ? -4.850  2.357   -16.965 1.00 14.19 ? 13   ARG A O     1 
ATOM   116  C  CB    . ARG A 1 13  ? -7.427  4.035   -16.534 1.00 15.81 ? 13   ARG A CB    1 
ATOM   117  C  CG    . ARG A 1 13  ? -8.447  4.871   -17.299 1.00 18.70 ? 13   ARG A CG    1 
ATOM   118  C  CD    . ARG A 1 13  ? -8.931  6.076   -16.583 1.00 17.75 ? 13   ARG A CD    1 
ATOM   119  N  NE    . ARG A 1 13  ? -9.667  5.786   -15.352 1.00 19.02 ? 13   ARG A NE    1 
ATOM   120  C  CZ    . ARG A 1 13  ? -10.245 6.689   -14.593 1.00 17.91 ? 13   ARG A CZ    1 
ATOM   121  N  NH1   . ARG A 1 13  ? -10.183 7.970   -14.922 1.00 19.32 ? 13   ARG A NH1   1 
ATOM   122  N  NH2   . ARG A 1 13  ? -10.885 6.331   -13.488 1.00 18.97 ? 13   ARG A NH2   1 
ATOM   123  N  N     . VAL A 1 14  ? -6.194  1.061   -15.699 1.00 14.11 ? 14   VAL A N     1 
ATOM   124  C  CA    . VAL A 1 14  ? -5.060  0.381   -15.063 1.00 13.73 ? 14   VAL A CA    1 
ATOM   125  C  C     . VAL A 1 14  ? -4.444  -0.602  -16.058 1.00 14.48 ? 14   VAL A C     1 
ATOM   126  O  O     . VAL A 1 14  ? -5.142  -1.445  -16.650 1.00 18.12 ? 14   VAL A O     1 
ATOM   127  C  CB    . VAL A 1 14  ? -5.500  -0.300  -13.747 1.00 15.12 ? 14   VAL A CB    1 
ATOM   128  C  CG1   . VAL A 1 14  ? -4.377  -1.148  -13.189 1.00 18.22 ? 14   VAL A CG1   1 
ATOM   129  C  CG2   . VAL A 1 14  ? -5.933  0.758   -12.741 1.00 19.35 ? 14   VAL A CG2   1 
ATOM   130  N  N     . GLY A 1 15  ? -3.142  -0.476  -16.257 1.00 12.98 ? 15   GLY A N     1 
ATOM   131  C  CA    . GLY A 1 15  ? -2.411  -1.165  -17.300 1.00 15.14 ? 15   GLY A CA    1 
ATOM   132  C  C     . GLY A 1 15  ? -2.359  -0.403  -18.600 1.00 18.47 ? 15   GLY A C     1 
ATOM   133  O  O     . GLY A 1 15  ? -1.760  -0.875  -19.556 1.00 19.80 ? 15   GLY A O     1 
ATOM   134  N  N     . LYS A 1 16  ? -2.965  0.788   -18.620 1.00 15.95 ? 16   LYS A N     1 
ATOM   135  C  CA    . LYS A 1 16  ? -2.965  1.652   -19.788 1.00 17.81 ? 16   LYS A CA    1 
ATOM   136  C  C     . LYS A 1 16  ? -2.496  3.045   -19.327 1.00 14.95 ? 16   LYS A C     1 
ATOM   137  O  O     . LYS A 1 16  ? -1.303  3.233   -19.063 1.00 18.12 ? 16   LYS A O     1 
ATOM   138  C  CB    . LYS A 1 16  ? -4.361  1.677   -20.422 1.00 16.07 ? 16   LYS A CB    1 
ATOM   139  C  CG    . LYS A 1 16  ? -4.853  0.327   -20.961 1.00 24.40 ? 16   LYS A CG    1 
ATOM   140  C  CD    . LYS A 1 16  ? -4.057  -0.120  -22.149 1.00 29.91 ? 16   LYS A CD    1 
ATOM   141  C  CE    . LYS A 1 16  ? -4.584  -1.419  -22.745 1.00 47.37 ? 16   LYS A CE    1 
ATOM   142  N  NZ    . LYS A 1 16  ? -4.068  -1.622  -24.132 1.00 50.79 ? 16   LYS A NZ    1 
ATOM   143  N  N     . GLU A 1 17  ? -3.439  3.964   -19.145 1.00 14.94 ? 17   GLU A N     1 
ATOM   144  C  CA    . GLU A 1 17  ? -3.125  5.316   -18.681 1.00 15.84 ? 17   GLU A CA    1 
ATOM   145  C  C     . GLU A 1 17  ? -2.437  5.328   -17.307 1.00 16.70 ? 17   GLU A C     1 
ATOM   146  O  O     . GLU A 1 17  ? -1.629  6.213   -17.029 1.00 15.79 ? 17   GLU A O     1 
ATOM   147  C  CB    . GLU A 1 17  ? -4.385  6.165   -18.596 1.00 14.18 ? 17   GLU A CB    1 
ATOM   148  C  CG    . GLU A 1 17  ? -4.959  6.595   -19.946 1.00 18.16 ? 17   GLU A CG    1 
ATOM   149  C  CD    . GLU A 1 17  ? -5.782  5.522   -20.646 1.00 18.51 ? 17   GLU A CD    1 
ATOM   150  O  OE1   . GLU A 1 17  ? -6.102  4.479   -20.021 1.00 18.94 ? 17   GLU A OE1   1 
ATOM   151  O  OE2   . GLU A 1 17  ? -6.142  5.703   -21.844 1.00 17.34 ? 17   GLU A OE2   1 
ATOM   152  N  N     . PHE A 1 18  ? -2.835  4.384   -16.446 1.00 13.62 ? 18   PHE A N     1 
ATOM   153  C  CA    . PHE A 1 18  ? -2.284  4.211   -15.103 1.00 13.11 ? 18   PHE A CA    1 
ATOM   154  C  C     . PHE A 1 18  ? -1.535  2.886   -15.097 1.00 15.88 ? 18   PHE A C     1 
ATOM   155  O  O     . PHE A 1 18  ? -2.147  1.826   -14.951 1.00 14.84 ? 18   PHE A O     1 
ATOM   156  C  CB    . PHE A 1 18  ? -3.392  4.190   -14.033 1.00 14.40 ? 18   PHE A CB    1 
ATOM   157  C  CG    . PHE A 1 18  ? -4.269  5.411   -13.999 1.00 13.47 ? 18   PHE A CG    1 
ATOM   158  C  CD1   . PHE A 1 18  ? -5.613  5.302   -13.611 1.00 15.39 ? 18   PHE A CD1   1 
ATOM   159  C  CD2   . PHE A 1 18  ? -3.776  6.667   -14.285 1.00 16.91 ? 18   PHE A CD2   1 
ATOM   160  C  CE1   . PHE A 1 18  ? -6.443  6.401   -13.551 1.00 17.31 ? 18   PHE A CE1   1 
ATOM   161  C  CE2   . PHE A 1 18  ? -4.625  7.766   -14.229 1.00 14.49 ? 18   PHE A CE2   1 
ATOM   162  C  CZ    . PHE A 1 18  ? -5.926  7.645   -13.850 1.00 15.63 ? 18   PHE A CZ    1 
ATOM   163  N  N     . PRO A 1 19  ? -0.223  2.905   -15.308 1.00 15.59 ? 19   PRO A N     1 
ATOM   164  C  CA    . PRO A 1 19  ? 0.516   1.644   -15.357 1.00 16.40 ? 19   PRO A CA    1 
ATOM   165  C  C     . PRO A 1 19  ? 0.288   0.736   -14.142 1.00 15.23 ? 19   PRO A C     1 
ATOM   166  O  O     . PRO A 1 19  ? 0.118   1.202   -13.002 1.00 16.13 ? 19   PRO A O     1 
ATOM   167  C  CB    . PRO A 1 19  ? 1.975   2.099   -15.423 1.00 18.62 ? 19   PRO A CB    1 
ATOM   168  C  CG    . PRO A 1 19  ? 1.914   3.466   -16.054 1.00 21.03 ? 19   PRO A CG    1 
ATOM   169  C  CD    . PRO A 1 19  ? 0.655   4.070   -15.524 1.00 17.89 ? 19   PRO A CD    1 
ATOM   170  N  N     . LEU A 1 20  ? 0.256   -0.563  -14.414 1.00 15.79 ? 20   LEU A N     1 
ATOM   171  C  CA    . LEU A 1 20  ? 0.270   -1.560  -13.364 1.00 13.77 ? 20   LEU A CA    1 
ATOM   172  C  C     . LEU A 1 20  ? 1.516   -1.379  -12.506 1.00 15.84 ? 20   LEU A C     1 
ATOM   173  O  O     . LEU A 1 20  ? 2.565   -0.939  -13.021 1.00 16.83 ? 20   LEU A O     1 
ATOM   174  C  CB    . LEU A 1 20  ? 0.290   -2.952  -13.992 1.00 16.46 ? 20   LEU A CB    1 
ATOM   175  C  CG    . LEU A 1 20  ? -1.100  -3.532  -14.281 1.00 27.29 ? 20   LEU A CG    1 
ATOM   176  C  CD1   . LEU A 1 20  ? -0.967  -4.685  -15.264 1.00 31.25 ? 20   LEU A CD1   1 
ATOM   177  C  CD2   . LEU A 1 20  ? -1.784  -4.003  -13.022 1.00 25.21 ? 20   LEU A CD2   1 
ATOM   178  N  N     . PRO A 1 21  ? 1.419   -1.677  -11.215 1.00 16.81 ? 21   PRO A N     1 
ATOM   179  C  CA    . PRO A 1 21  ? 2.608   -1.589  -10.351 1.00 20.96 ? 21   PRO A CA    1 
ATOM   180  C  C     . PRO A 1 21  ? 3.735   -2.455  -10.902 1.00 21.09 ? 21   PRO A C     1 
ATOM   181  O  O     . PRO A 1 21  ? 3.478   -3.556  -11.364 1.00 21.17 ? 21   PRO A O     1 
ATOM   182  C  CB    . PRO A 1 21  ? 2.098   -2.107  -9.007  1.00 21.12 ? 21   PRO A CB    1 
ATOM   183  C  CG    . PRO A 1 21  ? 0.663   -1.842  -9.021  1.00 23.66 ? 21   PRO A CG    1 
ATOM   184  C  CD    . PRO A 1 21  ? 0.235   -2.077  -10.449 1.00 17.68 ? 21   PRO A CD    1 
ATOM   185  N  N     . THR A 1 22  ? 4.973   -1.967  -10.860 1.00 25.85 ? 22   THR A N     1 
ATOM   186  C  CA    . THR A 1 22  ? 6.116   -2.811  -11.229 1.00 28.57 ? 22   THR A CA    1 
ATOM   187  C  C     . THR A 1 22  ? 7.303   -2.551  -10.308 1.00 25.91 ? 22   THR A C     1 
ATOM   188  O  O     . THR A 1 22  ? 7.304   -1.593  -9.545  1.00 25.14 ? 22   THR A O     1 
ATOM   189  C  CB    . THR A 1 22  ? 6.532   -2.672  -12.737 1.00 33.06 ? 22   THR A CB    1 
ATOM   190  O  OG1   . THR A 1 22  ? 6.240   -1.369  -13.216 1.00 42.16 ? 22   THR A OG1   1 
ATOM   191  C  CG2   . THR A 1 22  ? 5.698   -3.589  -13.640 1.00 50.28 ? 22   THR A CG2   1 
ATOM   192  N  N     . TYR A 1 23  ? 8.244   -3.491  -10.322 1.00 27.74 ? 23   TYR A N     1 
ATOM   193  C  CA    . TYR A 1 23  ? 9.521   -3.317  -9.640  1.00 31.02 ? 23   TYR A CA    1 
ATOM   194  C  C     . TYR A 1 23  ? 10.479  -2.639  -10.605 1.00 29.51 ? 23   TYR A C     1 
ATOM   195  O  O     . TYR A 1 23  ? 10.727  -3.134  -11.713 1.00 33.66 ? 23   TYR A O     1 
ATOM   196  C  CB    . TYR A 1 23  ? 10.122  -4.654  -9.244  1.00 27.38 ? 23   TYR A CB    1 
ATOM   197  C  CG    . TYR A 1 23  ? 9.297   -5.399  -8.242  1.00 21.38 ? 23   TYR A CG    1 
ATOM   198  C  CD1   . TYR A 1 23  ? 8.450   -6.412  -8.655  1.00 23.93 ? 23   TYR A CD1   1 
ATOM   199  C  CD2   . TYR A 1 23  ? 9.376   -5.100  -6.881  1.00 17.86 ? 23   TYR A CD2   1 
ATOM   200  C  CE1   . TYR A 1 23  ? 7.679   -7.105  -7.753  1.00 22.14 ? 23   TYR A CE1   1 
ATOM   201  C  CE2   . TYR A 1 23  ? 8.619   -5.817  -5.945  1.00 17.39 ? 23   TYR A CE2   1 
ATOM   202  C  CZ    . TYR A 1 23  ? 7.766   -6.820  -6.409  1.00 16.21 ? 23   TYR A CZ    1 
ATOM   203  O  OH    . TYR A 1 23  ? 6.950   -7.520  -5.559  1.00 15.58 ? 23   TYR A OH    1 
ATOM   204  N  N     . ALA A 1 24  ? 11.041  -1.535  -10.157 1.00 30.55 ? 24   ALA A N     1 
ATOM   205  C  CA    . ALA A 1 24  ? 12.097  -0.823  -10.901 1.00 33.11 ? 24   ALA A CA    1 
ATOM   206  C  C     . ALA A 1 24  ? 13.358  -1.653  -11.239 1.00 34.74 ? 24   ALA A C     1 
ATOM   207  O  O     . ALA A 1 24  ? 13.839  -1.601  -12.375 1.00 33.66 ? 24   ALA A O     1 
ATOM   208  C  CB    . ALA A 1 24  ? 12.482  0.404   -10.149 1.00 32.68 ? 24   ALA A CB    1 
ATOM   209  N  N     . THR A 1 25  ? 13.904  -2.383  -10.261 1.00 28.93 ? 25   THR A N     1 
ATOM   210  C  CA    . THR A 1 25  ? 15.118  -3.183  -10.463 1.00 23.35 ? 25   THR A CA    1 
ATOM   211  C  C     . THR A 1 25  ? 14.933  -4.624  -10.019 1.00 25.71 ? 25   THR A C     1 
ATOM   212  O  O     . THR A 1 25  ? 13.958  -4.959  -9.330  1.00 32.11 ? 25   THR A O     1 
ATOM   213  C  CB    . THR A 1 25  ? 16.285  -2.547  -9.697  1.00 31.89 ? 25   THR A CB    1 
ATOM   214  O  OG1   . THR A 1 25  ? 15.988  -2.541  -8.295  1.00 34.73 ? 25   THR A OG1   1 
ATOM   215  C  CG2   . THR A 1 25  ? 16.412  -1.061  -10.025 1.00 32.18 ? 25   THR A CG2   1 
ATOM   216  N  N     . SER A 1 26  ? 15.878  -5.469  -10.390 1.00 28.67 ? 26   SER A N     1 
ATOM   217  C  CA    . SER A 1 26  ? 15.877  -6.850  -9.938  1.00 28.96 ? 26   SER A CA    1 
ATOM   218  C  C     . SER A 1 26  ? 15.957  -6.908  -8.402  1.00 29.00 ? 26   SER A C     1 
ATOM   219  O  O     . SER A 1 26  ? 15.624  -7.935  -7.807  1.00 29.99 ? 26   SER A O     1 
ATOM   220  C  CB    . SER A 1 26  ? 17.051  -7.607  -10.558 1.00 32.30 ? 26   SER A CB    1 
ATOM   221  O  OG    . SER A 1 26  ? 18.295  -7.084  -10.099 1.00 42.47 ? 26   SER A OG    1 
ATOM   222  N  N     . GLY A 1 27  ? 16.430  -5.820  -7.776  1.00 25.57 ? 27   GLY A N     1 
ATOM   223  C  CA    . GLY A 1 27  ? 16.654  -5.782  -6.328  1.00 20.43 ? 27   GLY A CA    1 
ATOM   224  C  C     . GLY A 1 27  ? 15.691  -4.941  -5.496  1.00 17.26 ? 27   GLY A C     1 
ATOM   225  O  O     . GLY A 1 27  ? 15.895  -4.761  -4.292  1.00 16.39 ? 27   GLY A O     1 
ATOM   226  N  N     . SER A 1 28  ? 14.652  -4.418  -6.122  1.00 18.88 ? 28   SER A N     1 
ATOM   227  C  CA    . SER A 1 28  ? 13.616  -3.667  -5.425  1.00 19.41 ? 28   SER A CA    1 
ATOM   228  C  C     . SER A 1 28  ? 12.741  -4.591  -4.568  1.00 13.17 ? 28   SER A C     1 
ATOM   229  O  O     . SER A 1 28  ? 12.347  -5.657  -5.014  1.00 15.56 ? 28   SER A O     1 
ATOM   230  C  CB    . SER A 1 28  ? 12.696  -2.998  -6.449  1.00 24.02 ? 28   SER A CB    1 
ATOM   231  O  OG    . SER A 1 28  ? 13.472  -2.313  -7.414  1.00 26.59 ? 28   SER A OG    1 
ATOM   232  N  N     . ALA A 1 29  ? 12.450  -4.139  -3.356  1.00 14.35 ? 29   ALA A N     1 
ATOM   233  C  CA    . ALA A 1 29  ? 11.589  -4.879  -2.414  1.00 13.35 ? 29   ALA A CA    1 
ATOM   234  C  C     . ALA A 1 29  ? 10.117  -4.570  -2.616  1.00 13.19 ? 29   ALA A C     1 
ATOM   235  O  O     . ALA A 1 29  ? 9.270   -5.424  -2.334  1.00 16.34 ? 29   ALA A O     1 
ATOM   236  C  CB    . ALA A 1 29  ? 11.958  -4.564  -1.014  1.00 15.71 ? 29   ALA A CB    1 
ATOM   237  N  N     . GLY A 1 30  ? 9.817   -3.347  -3.060  1.00 18.81 ? 30   GLY A N     1 
ATOM   238  C  CA    . GLY A 1 30  ? 8.438   -2.877  -3.128  1.00 19.67 ? 30   GLY A CA    1 
ATOM   239  C  C     . GLY A 1 30  ? 7.985   -2.516  -4.529  1.00 19.06 ? 30   GLY A C     1 
ATOM   240  O  O     . GLY A 1 30  ? 8.813   -2.204  -5.392  1.00 18.71 ? 30   GLY A O     1 
ATOM   241  N  N     . LEU A 1 31  ? 6.674   -2.604  -4.750  1.00 12.93 ? 31   LEU A N     1 
ATOM   242  C  CA    . LEU A 1 31  ? 6.024   -2.118  -5.968  1.00 16.10 ? 31   LEU A CA    1 
ATOM   243  C  C     . LEU A 1 31  ? 5.318   -0.810  -5.657  1.00 13.61 ? 31   LEU A C     1 
ATOM   244  O  O     . LEU A 1 31  ? 4.622   -0.731  -4.674  1.00 15.15 ? 31   LEU A O     1 
ATOM   245  C  CB    . LEU A 1 31  ? 4.944   -3.095  -6.448  1.00 19.59 ? 31   LEU A CB    1 
ATOM   246  C  CG    . LEU A 1 31  ? 5.287   -4.514  -6.863  1.00 32.13 ? 31   LEU A CG    1 
ATOM   247  C  CD1   . LEU A 1 31  ? 4.091   -5.433  -6.695  1.00 36.35 ? 31   LEU A CD1   1 
ATOM   248  C  CD2   . LEU A 1 31  ? 5.746   -4.533  -8.294  1.00 36.18 ? 31   LEU A CD2   1 
ATOM   249  N  N     . ASP A 1 32  ? 5.467   0.203   -6.511  1.00 14.56 ? 32   ASP A N     1 
ATOM   250  C  CA    . ASP A 1 32  ? 4.765   1.462   -6.306  1.00 13.44 ? 32   ASP A CA    1 
ATOM   251  C  C     . ASP A 1 32  ? 3.338   1.361   -6.810  1.00 13.94 ? 32   ASP A C     1 
ATOM   252  O  O     . ASP A 1 32  ? 3.085   0.874   -7.911  1.00 18.11 ? 32   ASP A O     1 
ATOM   253  C  CB    A ASP A 1 32  ? 5.521   2.618   -6.952  0.70 15.47 ? 32   ASP A CB    1 
ATOM   254  C  CB    B ASP A 1 32  ? 5.424   2.620   -7.077  0.30 14.38 ? 32   ASP A CB    1 
ATOM   255  C  CG    A ASP A 1 32  ? 6.942   2.707   -6.440  0.70 33.84 ? 32   ASP A CG    1 
ATOM   256  C  CG    B ASP A 1 32  ? 6.694   3.134   -6.430  0.30 11.60 ? 32   ASP A CG    1 
ATOM   257  O  OD1   A ASP A 1 32  ? 7.102   3.003   -5.243  0.70 16.30 ? 32   ASP A OD1   1 
ATOM   258  O  OD1   B ASP A 1 32  ? 7.125   2.583   -5.393  0.30 14.72 ? 32   ASP A OD1   1 
ATOM   259  O  OD2   A ASP A 1 32  ? 7.946   2.436   -7.133  0.70 21.27 ? 32   ASP A OD2   1 
ATOM   260  O  OD2   B ASP A 1 32  ? 7.342   4.084   -6.931  0.30 8.50  ? 32   ASP A OD2   1 
ATOM   261  N  N     . LEU A 1 33  ? 2.424   1.825   -5.977  1.00 13.90 ? 33   LEU A N     1 
ATOM   262  C  CA    . LEU A 1 33  ? 1.000   1.856   -6.273  1.00 14.77 ? 33   LEU A CA    1 
ATOM   263  C  C     . LEU A 1 33  ? 0.623   3.229   -6.789  1.00 15.12 ? 33   LEU A C     1 
ATOM   264  O  O     . LEU A 1 33  ? 1.048   4.240   -6.236  1.00 15.53 ? 33   LEU A O     1 
ATOM   265  C  CB    . LEU A 1 33  ? 0.221   1.586   -4.996  1.00 13.00 ? 33   LEU A CB    1 
ATOM   266  C  CG    . LEU A 1 33  ? 0.471   0.215   -4.328  1.00 15.90 ? 33   LEU A CG    1 
ATOM   267  C  CD1   . LEU A 1 33  ? -0.332  0.075   -3.054  1.00 18.69 ? 33   LEU A CD1   1 
ATOM   268  C  CD2   . LEU A 1 33  ? 0.172   -0.906  -5.280  1.00 20.60 ? 33   LEU A CD2   1 
ATOM   269  N  N     . ARG A 1 34  ? -0.214  3.261   -7.821  1.00 15.29 ? 34   ARG A N     1 
ATOM   270  C  CA    . ARG A 1 34  ? -0.652  4.531   -8.414  1.00 15.56 ? 34   ARG A CA    1 
ATOM   271  C  C     . ARG A 1 34  ? -2.090  4.877   -8.105  1.00 15.02 ? 34   ARG A C     1 
ATOM   272  O  O     . ARG A 1 34  ? -2.956  4.010   -8.000  1.00 15.33 ? 34   ARG A O     1 
ATOM   273  C  CB    . ARG A 1 34  ? -0.501  4.472   -9.914  1.00 13.42 ? 34   ARG A CB    1 
ATOM   274  C  CG    . ARG A 1 34  ? 0.906   4.319   -10.390 1.00 19.52 ? 34   ARG A CG    1 
ATOM   275  C  CD    . ARG A 1 34  ? 0.945   4.207   -11.887 1.00 19.20 ? 34   ARG A CD    1 
ATOM   276  N  NE    . ARG A 1 34  ? 2.279   3.922   -12.390 1.00 25.43 ? 34   ARG A NE    1 
ATOM   277  C  CZ    . ARG A 1 34  ? 3.153   4.817   -12.799 1.00 23.80 ? 34   ARG A CZ    1 
ATOM   278  N  NH1   . ARG A 1 34  ? 2.866   6.109   -12.744 1.00 24.87 ? 34   ARG A NH1   1 
ATOM   279  N  NH2   . ARG A 1 34  ? 4.343   4.412   -13.265 1.00 22.27 ? 34   ARG A NH2   1 
ATOM   280  N  N     . ALA A 1 35  ? -2.334  6.168   -7.980  1.00 14.75 ? 35   ALA A N     1 
ATOM   281  C  CA    . ALA A 1 35  ? -3.636  6.687   -7.673  1.00 14.42 ? 35   ALA A CA    1 
ATOM   282  C  C     . ALA A 1 35  ? -4.556  6.552   -8.875  1.00 16.65 ? 35   ALA A C     1 
ATOM   283  O  O     . ALA A 1 35  ? -4.266  7.101   -9.934  1.00 17.81 ? 35   ALA A O     1 
ATOM   284  C  CB    . ALA A 1 35  ? -3.517  8.149   -7.286  1.00 15.52 ? 35   ALA A CB    1 
ATOM   285  N  N     . CYS A 1 36  ? -5.669  5.845   -8.699  1.00 14.43 ? 36   CYS A N     1 
ATOM   286  C  CA    . CYS A 1 36  ? -6.639  5.675   -9.787  1.00 14.37 ? 36   CYS A CA    1 
ATOM   287  C  C     . CYS A 1 36  ? -7.760  6.657   -9.519  1.00 16.08 ? 36   CYS A C     1 
ATOM   288  O  O     . CYS A 1 36  ? -8.715  6.363   -8.774  1.00 17.36 ? 36   CYS A O     1 
ATOM   289  C  CB    . CYS A 1 36  ? -7.142  4.236   -9.840  1.00 16.18 ? 36   CYS A CB    1 
ATOM   290  S  SG    . CYS A 1 36  ? -8.263  3.887   -11.224 1.00 17.48 ? 36   CYS A SG    1 
ATOM   291  N  N     . LEU A 1 37  ? -7.592  7.848   -10.105 1.00 18.94 ? 37   LEU A N     1 
ATOM   292  C  CA    . LEU A 1 37  ? -8.468  9.000   -9.873  1.00 16.66 ? 37   LEU A CA    1 
ATOM   293  C  C     . LEU A 1 37  ? -8.855  9.627   -11.210 1.00 13.79 ? 37   LEU A C     1 
ATOM   294  O  O     . LEU A 1 37  ? -8.094  9.577   -12.177 1.00 16.65 ? 37   LEU A O     1 
ATOM   295  C  CB    . LEU A 1 37  ? -7.739  10.059  -9.062  1.00 14.86 ? 37   LEU A CB    1 
ATOM   296  C  CG    . LEU A 1 37  ? -7.368  9.687   -7.613  1.00 15.72 ? 37   LEU A CG    1 
ATOM   297  C  CD1   . LEU A 1 37  ? -6.362  10.675  -7.055  1.00 17.76 ? 37   LEU A CD1   1 
ATOM   298  C  CD2   . LEU A 1 37  ? -8.615  9.625   -6.751  1.00 19.86 ? 37   LEU A CD2   1 
ATOM   299  N  N     . ASN A 1 38  ? -10.062 10.182  -11.254 1.00 16.75 ? 38   ASN A N     1 
ATOM   300  C  CA    . ASN A 1 38  ? -10.537 10.887  -12.450 1.00 19.44 ? 38   ASN A CA    1 
ATOM   301  C  C     . ASN A 1 38  ? -9.946  12.283  -12.576 1.00 21.38 ? 38   ASN A C     1 
ATOM   302  O  O     . ASN A 1 38  ? -9.786  12.795  -13.688 1.00 22.61 ? 38   ASN A O     1 
ATOM   303  C  CB    . ASN A 1 38  ? -12.070 11.021  -12.420 1.00 21.18 ? 38   ASN A CB    1 
ATOM   304  C  CG    . ASN A 1 38  ? -12.770 9.699   -12.474 1.00 27.12 ? 38   ASN A CG    1 
ATOM   305  O  OD1   . ASN A 1 38  ? -12.399 8.824   -13.251 1.00 24.24 ? 38   ASN A OD1   1 
ATOM   306  N  ND2   . ASN A 1 38  ? -13.812 9.541   -11.659 1.00 31.81 ? 38   ASN A ND2   1 
ATOM   307  N  N     . ASP A 1 39  ? -9.662  12.891  -11.432 1.00 20.91 ? 39   ASP A N     1 
ATOM   308  C  CA    . ASP A 1 39  ? -9.155  14.252  -11.343 1.00 23.30 ? 39   ASP A CA    1 
ATOM   309  C  C     . ASP A 1 39  ? -8.269  14.339  -10.102 1.00 24.08 ? 39   ASP A C     1 
ATOM   310  O  O     . ASP A 1 39  ? -8.419  13.542  -9.161  1.00 22.71 ? 39   ASP A O     1 
ATOM   311  C  CB    . ASP A 1 39  ? -10.310 15.256  -11.140 1.00 27.82 ? 39   ASP A CB    1 
ATOM   312  C  CG    . ASP A 1 39  ? -11.337 15.238  -12.263 1.00 42.31 ? 39   ASP A CG    1 
ATOM   313  O  OD1   . ASP A 1 39  ? -12.428 14.659  -12.075 1.00 44.45 ? 39   ASP A OD1   1 
ATOM   314  O  OD2   . ASP A 1 39  ? -11.158 15.812  -13.355 1.00 44.22 ? 39   ASP A OD2   1 
ATOM   315  N  N     . ALA A 1 40  ? -7.384  15.327  -10.066 1.00 20.61 ? 40   ALA A N     1 
ATOM   316  C  CA    . ALA A 1 40  ? -6.585  15.560  -8.867  1.00 22.11 ? 40   ALA A CA    1 
ATOM   317  C  C     . ALA A 1 40  ? -7.435  15.763  -7.611  1.00 22.26 ? 40   ALA A C     1 
ATOM   318  O  O     . ALA A 1 40  ? -8.546  16.290  -7.661  1.00 22.07 ? 40   ALA A O     1 
ATOM   319  C  CB    . ALA A 1 40  ? -5.648  16.724  -9.056  1.00 24.91 ? 40   ALA A CB    1 
ATOM   320  N  N     . VAL A 1 41  ? -6.889  15.335  -6.477  1.00 18.18 ? 41   VAL A N     1 
ATOM   321  C  CA    . VAL A 1 41  ? -7.480  15.550  -5.173  1.00 19.37 ? 41   VAL A CA    1 
ATOM   322  C  C     . VAL A 1 41  ? -6.530  16.433  -4.364  1.00 22.17 ? 41   VAL A C     1 
ATOM   323  O  O     . VAL A 1 41  ? -5.362  16.103  -4.168  1.00 19.28 ? 41   VAL A O     1 
ATOM   324  C  CB    . VAL A 1 41  ? -7.735  14.197  -4.445  1.00 20.41 ? 41   VAL A CB    1 
ATOM   325  C  CG1   . VAL A 1 41  ? -8.235  14.420  -3.041  1.00 26.89 ? 41   VAL A CG1   1 
ATOM   326  C  CG2   . VAL A 1 41  ? -8.699  13.352  -5.247  1.00 27.75 ? 41   VAL A CG2   1 
ATOM   327  N  N     . GLU A 1 42  ? -7.021  17.579  -3.908  1.00 21.14 ? 42   GLU A N     1 
ATOM   328  C  CA    . GLU A 1 42  ? -6.239  18.453  -3.059  1.00 21.56 ? 42   GLU A CA    1 
ATOM   329  C  C     . GLU A 1 42  ? -6.381  18.016  -1.609  1.00 22.39 ? 42   GLU A C     1 
ATOM   330  O  O     . GLU A 1 42  ? -7.468  17.963  -1.074  1.00 24.67 ? 42   GLU A O     1 
ATOM   331  C  CB    . GLU A 1 42  ? -6.664  19.930  -3.226  1.00 25.19 ? 42   GLU A CB    1 
ATOM   332  C  CG    . GLU A 1 42  ? -5.685  20.910  -2.579  1.00 32.18 ? 42   GLU A CG    1 
ATOM   333  C  CD    . GLU A 1 42  ? -4.329  20.919  -3.263  1.00 31.72 ? 42   GLU A CD    1 
ATOM   334  O  OE1   . GLU A 1 42  ? -4.259  20.541  -4.457  1.00 29.92 ? 42   GLU A OE1   1 
ATOM   335  O  OE2   . GLU A 1 42  ? -3.327  21.295  -2.607  1.00 31.01 ? 42   GLU A OE2   1 
ATOM   336  N  N     . LEU A 1 43  ? -5.266  17.665  -0.987  1.00 20.62 ? 43   LEU A N     1 
ATOM   337  C  CA    . LEU A 1 43  ? -5.296  17.135  0.370   1.00 21.03 ? 43   LEU A CA    1 
ATOM   338  C  C     . LEU A 1 43  ? -4.704  18.169  1.335   1.00 18.45 ? 43   LEU A C     1 
ATOM   339  O  O     . LEU A 1 43  ? -3.506  18.418  1.353   1.00 18.33 ? 43   LEU A O     1 
ATOM   340  C  CB    . LEU A 1 43  ? -4.531  15.801  0.409   1.00 16.90 ? 43   LEU A CB    1 
ATOM   341  C  CG    . LEU A 1 43  ? -4.719  15.021  1.718   1.00 18.12 ? 43   LEU A CG    1 
ATOM   342  C  CD1   . LEU A 1 43  ? -6.164  14.711  1.996   1.00 18.80 ? 43   LEU A CD1   1 
ATOM   343  C  CD2   . LEU A 1 43  ? -3.825  13.740  1.705   1.00 18.99 ? 43   LEU A CD2   1 
ATOM   344  N  N     . ALA A 1 44  ? -5.563  18.776  2.149   1.00 20.66 ? 44   ALA A N     1 
ATOM   345  C  CA    . ALA A 1 44  ? -5.131  19.822  3.079   1.00 21.61 ? 44   ALA A CA    1 
ATOM   346  C  C     . ALA A 1 44  ? -4.323  19.244  4.244   1.00 20.04 ? 44   ALA A C     1 
ATOM   347  O  O     . ALA A 1 44  ? -4.452  18.050  4.551   1.00 18.01 ? 44   ALA A O     1 
ATOM   348  C  CB    . ALA A 1 44  ? -6.363  20.569  3.637   1.00 20.74 ? 44   ALA A CB    1 
ATOM   349  N  N     . PRO A 1 45  ? -3.516  20.073  4.913   1.00 20.89 ? 45   PRO A N     1 
ATOM   350  C  CA    . PRO A 1 45  ? -2.765  19.628  6.091   1.00 21.74 ? 45   PRO A CA    1 
ATOM   351  C  C     . PRO A 1 45  ? -3.659  18.971  7.140   1.00 23.07 ? 45   PRO A C     1 
ATOM   352  O  O     . PRO A 1 45  ? -4.708  19.512  7.516   1.00 20.85 ? 45   PRO A O     1 
ATOM   353  C  CB    . PRO A 1 45  ? -2.147  20.934  6.625   1.00 24.90 ? 45   PRO A CB    1 
ATOM   354  C  CG    . PRO A 1 45  ? -2.022  21.789  5.426   1.00 26.61 ? 45   PRO A CG    1 
ATOM   355  C  CD    . PRO A 1 45  ? -3.241  21.495  4.609   1.00 28.64 ? 45   PRO A CD    1 
ATOM   356  N  N     . GLY A 1 46  ? -3.240  17.789  7.588   1.00 20.67 ? 46   GLY A N     1 
ATOM   357  C  CA    . GLY A 1 46  ? -3.951  17.022  8.576   1.00 19.90 ? 46   GLY A CA    1 
ATOM   358  C  C     . GLY A 1 46  ? -5.036  16.115  8.044   1.00 20.54 ? 46   GLY A C     1 
ATOM   359  O  O     . GLY A 1 46  ? -5.544  15.286  8.783   1.00 22.20 ? 46   GLY A O     1 
ATOM   360  N  N     . ASP A 1 47  ? -5.418  16.265  6.781   1.00 18.95 ? 47   ASP A N     1 
ATOM   361  C  CA    . ASP A 1 47  ? -6.555  15.515  6.265   1.00 16.52 ? 47   ASP A CA    1 
ATOM   362  C  C     . ASP A 1 47  ? -6.160  14.167  5.679   1.00 13.71 ? 47   ASP A C     1 
ATOM   363  O  O     . ASP A 1 47  ? -4.999  13.950  5.364   1.00 15.78 ? 47   ASP A O     1 
ATOM   364  C  CB    . ASP A 1 47  ? -7.298  16.314  5.205   1.00 17.65 ? 47   ASP A CB    1 
ATOM   365  C  CG    . ASP A 1 47  ? -8.173  17.383  5.798   1.00 33.88 ? 47   ASP A CG    1 
ATOM   366  O  OD1   . ASP A 1 47  ? -8.686  18.208  5.003   1.00 29.96 ? 47   ASP A OD1   1 
ATOM   367  O  OD2   . ASP A 1 47  ? -8.410  17.459  7.026   1.00 27.65 ? 47   ASP A OD2   1 
ATOM   368  N  N     . THR A 1 48  ? -7.174  13.316  5.533   1.00 15.70 ? 48   THR A N     1 
ATOM   369  C  CA    . THR A 1 48  ? -7.048  11.955  5.010   1.00 15.83 ? 48   THR A CA    1 
ATOM   370  C  C     . THR A 1 48  ? -8.047  11.794  3.872   1.00 18.39 ? 48   THR A C     1 
ATOM   371  O  O     . THR A 1 48  ? -9.170  12.293  3.956   1.00 19.18 ? 48   THR A O     1 
ATOM   372  C  CB    . THR A 1 48  ? -7.337  10.950  6.136   1.00 18.25 ? 48   THR A CB    1 
ATOM   373  O  OG1   . THR A 1 48  ? -6.385  11.134  7.203   1.00 19.94 ? 48   THR A OG1   1 
ATOM   374  C  CG2   . THR A 1 48  ? -7.119  9.512   5.680   1.00 20.82 ? 48   THR A CG2   1 
ATOM   375  N  N     . THR A 1 49  ? -7.640  11.104  2.809   1.00 16.34 ? 49   THR A N     1 
ATOM   376  C  CA    . THR A 1 49  ? -8.512  10.787  1.677   1.00 14.59 ? 49   THR A CA    1 
ATOM   377  C  C     . THR A 1 49  ? -8.287  9.333   1.252   1.00 17.79 ? 49   THR A C     1 
ATOM   378  O  O     . THR A 1 49  ? -7.155  8.834   1.351   1.00 17.81 ? 49   THR A O     1 
ATOM   379  C  CB    . THR A 1 49  ? -8.272  11.771  0.490   1.00 18.23 ? 49   THR A CB    1 
ATOM   380  O  OG1   . THR A 1 49  ? -9.294  11.583  -0.498  1.00 20.52 ? 49   THR A OG1   1 
ATOM   381  C  CG2   . THR A 1 49  ? -6.985  11.524  -0.250  1.00 17.20 ? 49   THR A CG2   1 
ATOM   382  N  N     . LEU A 1 50  ? -9.339  8.655   0.796   1.00 16.65 ? 50   LEU A N     1 
ATOM   383  C  CA    . LEU A 1 50  ? -9.228  7.265   0.365   1.00 15.29 ? 50   LEU A CA    1 
ATOM   384  C  C     . LEU A 1 50  ? -8.999  7.220   -1.135  1.00 17.00 ? 50   LEU A C     1 
ATOM   385  O  O     . LEU A 1 50  ? -9.837  7.689   -1.919  1.00 16.59 ? 50   LEU A O     1 
ATOM   386  C  CB    . LEU A 1 50  ? -10.457 6.473   0.752   1.00 16.36 ? 50   LEU A CB    1 
ATOM   387  C  CG    . LEU A 1 50  ? -10.352 4.949   0.714   1.00 22.85 ? 50   LEU A CG    1 
ATOM   388  C  CD1   . LEU A 1 50  ? -9.302  4.457   1.696   1.00 20.49 ? 50   LEU A CD1   1 
ATOM   389  C  CD2   . LEU A 1 50  ? -11.723 4.354   0.986   1.00 27.61 ? 50   LEU A CD2   1 
ATOM   390  N  N     . VAL A 1 51  ? -7.850  6.695   -1.538  1.00 13.46 ? 51   VAL A N     1 
ATOM   391  C  CA    . VAL A 1 51  ? -7.470  6.658   -2.944  1.00 15.14 ? 51   VAL A CA    1 
ATOM   392  C  C     . VAL A 1 51  ? -7.609  5.233   -3.486  1.00 15.07 ? 51   VAL A C     1 
ATOM   393  O  O     . VAL A 1 51  ? -6.989  4.306   -2.976  1.00 12.86 ? 51   VAL A O     1 
ATOM   394  C  CB    . VAL A 1 51  ? -6.036  7.181   -3.147  1.00 14.79 ? 51   VAL A CB    1 
ATOM   395  C  CG1   . VAL A 1 51  ? -5.600  7.020   -4.602  1.00 19.45 ? 51   VAL A CG1   1 
ATOM   396  C  CG2   . VAL A 1 51  ? -5.923  8.637   -2.682  1.00 16.86 ? 51   VAL A CG2   1 
ATOM   397  N  N     . PRO A 1 52  ? -8.430  5.044   -4.516  1.00 14.50 ? 52   PRO A N     1 
ATOM   398  C  CA    . PRO A 1 52  ? -8.543  3.748   -5.176  1.00 15.00 ? 52   PRO A CA    1 
ATOM   399  C  C     . PRO A 1 52  ? -7.306  3.419   -5.991  1.00 14.51 ? 52   PRO A C     1 
ATOM   400  O  O     . PRO A 1 52  ? -6.676  4.333   -6.481  1.00 15.81 ? 52   PRO A O     1 
ATOM   401  C  CB    . PRO A 1 52  ? -9.724  3.944   -6.136  1.00 16.32 ? 52   PRO A CB    1 
ATOM   402  C  CG    . PRO A 1 52  ? -10.370 5.215   -5.759  1.00 23.37 ? 52   PRO A CG    1 
ATOM   403  C  CD    . PRO A 1 52  ? -9.316  6.047   -5.148  1.00 16.56 ? 52   PRO A CD    1 
ATOM   404  N  N     . THR A 1 53  ? -6.985  2.135   -6.144  1.00 13.86 ? 53   THR A N     1 
ATOM   405  C  CA    . THR A 1 53  ? -5.954  1.692   -7.093  1.00 11.40 ? 53   THR A CA    1 
ATOM   406  C  C     . THR A 1 53  ? -6.492  1.185   -8.412  1.00 12.02 ? 53   THR A C     1 
ATOM   407  O  O     . THR A 1 53  ? -5.733  1.064   -9.367  1.00 13.04 ? 53   THR A O     1 
ATOM   408  C  CB    . THR A 1 53  ? -5.086  0.567   -6.517  1.00 13.60 ? 53   THR A CB    1 
ATOM   409  O  OG1   . THR A 1 53  ? -5.911  -0.554  -6.141  1.00 15.77 ? 53   THR A OG1   1 
ATOM   410  C  CG2   . THR A 1 53  ? -4.319  1.017   -5.275  1.00 13.78 ? 53   THR A CG2   1 
ATOM   411  N  N     . GLY A 1 54  ? -7.786  0.848   -8.463  1.00 12.51 ? 54   GLY A N     1 
ATOM   412  C  CA    . GLY A 1 54  ? -8.362  0.257   -9.641  1.00 11.73 ? 54   GLY A CA    1 
ATOM   413  C  C     . GLY A 1 54  ? -8.026  -1.185  -9.843  1.00 14.55 ? 54   GLY A C     1 
ATOM   414  O  O     . GLY A 1 54  ? -8.178  -1.714  -10.925 1.00 14.03 ? 54   GLY A O     1 
ATOM   415  N  N     . LEU A 1 55  ? -7.508  -1.822  -8.804  1.00 14.61 ? 55   LEU A N     1 
ATOM   416  C  CA    . LEU A 1 55  ? -7.178  -3.229  -8.921  1.00 19.72 ? 55   LEU A CA    1 
ATOM   417  C  C     . LEU A 1 55  ? -7.392  -3.978  -7.627  1.00 15.70 ? 55   LEU A C     1 
ATOM   418  O  O     . LEU A 1 55  ? -7.453  -3.397  -6.540  1.00 13.74 ? 55   LEU A O     1 
ATOM   419  C  CB    . LEU A 1 55  ? -5.771  -3.408  -9.444  1.00 20.84 ? 55   LEU A CB    1 
ATOM   420  C  CG    . LEU A 1 55  ? -4.634  -2.947  -8.555  1.00 17.56 ? 55   LEU A CG    1 
ATOM   421  C  CD1   . LEU A 1 55  ? -4.286  -4.023  -7.514  1.00 21.52 ? 55   LEU A CD1   1 
ATOM   422  C  CD2   . LEU A 1 55  ? -3.426  -2.625  -9.406  1.00 33.16 ? 55   LEU A CD2   1 
ATOM   423  N  N     . ALA A 1 56  ? -7.561  -5.283  -7.800  1.00 14.11 ? 56   ALA A N     1 
ATOM   424  C  CA    . ALA A 1 56  ? -7.679  -6.215  -6.697  1.00 14.74 ? 56   ALA A CA    1 
ATOM   425  C  C     . ALA A 1 56  ? -6.619  -7.305  -6.901  1.00 14.20 ? 56   ALA A C     1 
ATOM   426  O  O     . ALA A 1 56  ? -6.349  -7.704  -8.023  1.00 14.21 ? 56   ALA A O     1 
ATOM   427  C  CB    . ALA A 1 56  ? -9.044  -6.816  -6.697  1.00 13.63 ? 56   ALA A CB    1 
ATOM   428  N  N     . ILE A 1 57  ? -6.002  -7.774  -5.809  1.00 13.02 ? 57   ILE A N     1 
ATOM   429  C  CA    . ILE A 1 57  ? -5.132  -8.928  -5.864  1.00 14.30 ? 57   ILE A CA    1 
ATOM   430  C  C     . ILE A 1 57  ? -5.724  -10.058 -5.014  1.00 13.59 ? 57   ILE A C     1 
ATOM   431  O  O     . ILE A 1 57  ? -6.570  -9.838  -4.141  1.00 15.54 ? 57   ILE A O     1 
ATOM   432  C  CB    . ILE A 1 57  ? -3.684  -8.601  -5.393  1.00 15.78 ? 57   ILE A CB    1 
ATOM   433  C  CG1   . ILE A 1 57  ? -3.632  -8.258  -3.909  1.00 14.89 ? 57   ILE A CG1   1 
ATOM   434  C  CG2   . ILE A 1 57  ? -3.088  -7.460  -6.217  1.00 18.30 ? 57   ILE A CG2   1 
ATOM   435  C  CD1   . ILE A 1 57  ? -2.220  -7.987  -3.434  1.00 18.22 ? 57   ILE A CD1   1 
ATOM   436  N  N     . HIS A 1 58  ? -5.276  -11.273 -5.279  1.00 14.53 ? 58   HIS A N     1 
ATOM   437  C  CA    . HIS A 1 58  ? -5.648  -12.397 -4.449  1.00 14.14 ? 58   HIS A CA    1 
ATOM   438  C  C     . HIS A 1 58  ? -4.398  -13.202 -4.166  1.00 12.52 ? 58   HIS A C     1 
ATOM   439  O  O     . HIS A 1 58  ? -3.963  -14.004 -4.984  1.00 15.25 ? 58   HIS A O     1 
ATOM   440  C  CB    . HIS A 1 58  ? -6.712  -13.273 -5.106  1.00 13.74 ? 58   HIS A CB    1 
ATOM   441  C  CG    . HIS A 1 58  ? -7.116  -14.434 -4.249  1.00 16.70 ? 58   HIS A CG    1 
ATOM   442  N  ND1   . HIS A 1 58  ? -7.621  -15.609 -4.764  1.00 20.78 ? 58   HIS A ND1   1 
ATOM   443  C  CD2   . HIS A 1 58  ? -7.088  -14.595 -2.906  1.00 19.35 ? 58   HIS A CD2   1 
ATOM   444  C  CE1   . HIS A 1 58  ? -7.899  -16.438 -3.773  1.00 22.90 ? 58   HIS A CE1   1 
ATOM   445  N  NE2   . HIS A 1 58  ? -7.586  -15.846 -2.635  1.00 19.74 ? 58   HIS A NE2   1 
ATOM   446  N  N     . ILE A 1 59  ? -3.791  -12.932 -3.016  1.00 13.05 ? 59   ILE A N     1 
ATOM   447  C  CA    . ILE A 1 59  ? -2.515  -13.539 -2.655  1.00 11.45 ? 59   ILE A CA    1 
ATOM   448  C  C     . ILE A 1 59  ? -2.669  -15.055 -2.521  1.00 15.44 ? 59   ILE A C     1 
ATOM   449  O  O     . ILE A 1 59  ? -1.806  -15.808 -2.986  1.00 16.64 ? 59   ILE A O     1 
ATOM   450  C  CB    . ILE A 1 59  ? -1.993  -12.890 -1.368  1.00 14.45 ? 59   ILE A CB    1 
ATOM   451  C  CG1   . ILE A 1 59  ? -1.565  -11.450 -1.647  1.00 15.83 ? 59   ILE A CG1   1 
ATOM   452  C  CG2   . ILE A 1 59  ? -0.831  -13.713 -0.764  1.00 15.94 ? 59   ILE A CG2   1 
ATOM   453  C  CD1   . ILE A 1 59  ? -1.368  -10.647 -0.373  1.00 13.94 ? 59   ILE A CD1   1 
ATOM   454  N  N     . ALA A 1 60  ? -3.785  -15.445 -1.903  1.00 16.81 ? 60   ALA A N     1 
ATOM   455  C  CA    . ALA A 1 60  ? -4.316  -16.816 -1.837  1.00 17.67 ? 60   ALA A CA    1 
ATOM   456  C  C     . ALA A 1 60  ? -3.553  -17.761 -0.879  1.00 22.46 ? 60   ALA A C     1 
ATOM   457  O  O     . ALA A 1 60  ? -4.160  -18.579 -0.182  1.00 29.56 ? 60   ALA A O     1 
ATOM   458  C  CB    . ALA A 1 60  ? -4.441  -17.416 -3.262  1.00 18.46 ? 60   ALA A CB    1 
ATOM   459  N  N     . ASP A 1 61  ? -2.248  -17.604 -0.803  1.00 15.53 ? 61   ASP A N     1 
ATOM   460  C  CA    . ASP A 1 61  ? -1.392  -18.464 0.012   1.00 13.20 ? 61   ASP A CA    1 
ATOM   461  C  C     . ASP A 1 61  ? -1.374  -17.907 1.409   1.00 15.95 ? 61   ASP A C     1 
ATOM   462  O  O     . ASP A 1 61  ? -0.883  -16.808 1.585   1.00 13.53 ? 61   ASP A O     1 
ATOM   463  C  CB    . ASP A 1 61  ? -0.009  -18.391 -0.580  1.00 14.79 ? 61   ASP A CB    1 
ATOM   464  C  CG    . ASP A 1 61  ? 0.978   -19.314 0.067   1.00 22.09 ? 61   ASP A CG    1 
ATOM   465  O  OD1   . ASP A 1 61  ? 0.741   -19.805 1.187   1.00 19.00 ? 61   ASP A OD1   1 
ATOM   466  O  OD2   . ASP A 1 61  ? 2.045   -19.579 -0.526  1.00 24.58 ? 61   ASP A OD2   1 
ATOM   467  N  N     . PRO A 1 62  ? -1.848  -18.642 2.420   1.00 14.92 ? 62   PRO A N     1 
ATOM   468  C  CA    . PRO A 1 62  ? -1.871  -18.095 3.778   1.00 13.78 ? 62   PRO A CA    1 
ATOM   469  C  C     . PRO A 1 62  ? -0.497  -17.891 4.444   1.00 13.87 ? 62   PRO A C     1 
ATOM   470  O  O     . PRO A 1 62  ? -0.453  -17.329 5.539   1.00 14.01 ? 62   PRO A O     1 
ATOM   471  C  CB    . PRO A 1 62  ? -2.729  -19.122 4.560   1.00 20.13 ? 62   PRO A CB    1 
ATOM   472  C  CG    . PRO A 1 62  ? -2.628  -20.361 3.784   1.00 21.84 ? 62   PRO A CG    1 
ATOM   473  C  CD    . PRO A 1 62  ? -2.411  -20.011 2.360   1.00 17.85 ? 62   PRO A CD    1 
ATOM   474  N  N     . SER A 1 63  ? 0.585   -18.329 3.786   1.00 13.52 ? 63   SER A N     1 
ATOM   475  C  CA    . SER A 1 63  ? 1.937   -18.100 4.225   1.00 11.89 ? 63   SER A CA    1 
ATOM   476  C  C     . SER A 1 63  ? 2.497   -16.758 3.758   1.00 11.33 ? 63   SER A C     1 
ATOM   477  O  O     . SER A 1 63  ? 3.637   -16.461 4.020   1.00 12.32 ? 63   SER A O     1 
ATOM   478  C  CB    . SER A 1 63  ? 2.851   -19.246 3.797   1.00 15.69 ? 63   SER A CB    1 
ATOM   479  O  OG    . SER A 1 63  ? 2.521   -20.452 4.533   1.00 19.83 ? 63   SER A OG    1 
ATOM   480  N  N     . LEU A 1 64  ? 1.683   -15.959 3.066   1.00 10.74 ? 64   LEU A N     1 
ATOM   481  C  CA    . LEU A 1 64  ? 2.134   -14.671 2.526   1.00 10.31 ? 64   LEU A CA    1 
ATOM   482  C  C     . LEU A 1 64  ? 1.132   -13.589 2.854   1.00 11.97 ? 64   LEU A C     1 
ATOM   483  O  O     . LEU A 1 64  ? -0.068  -13.831 2.904   1.00 13.09 ? 64   LEU A O     1 
ATOM   484  C  CB    A LEU A 1 64  ? 2.342   -14.765 1.007   0.70 14.55 ? 64   LEU A CB    1 
ATOM   485  C  CB    B LEU A 1 64  ? 2.260   -14.755 0.999   0.30 12.72 ? 64   LEU A CB    1 
ATOM   486  C  CG    A LEU A 1 64  ? 3.176   -13.673 0.312   0.70 8.25  ? 64   LEU A CG    1 
ATOM   487  C  CG    B LEU A 1 64  ? 3.555   -15.223 0.326   0.30 25.51 ? 64   LEU A CG    1 
ATOM   488  C  CD1   A LEU A 1 64  ? 4.633   -13.728 0.711   0.70 15.76 ? 64   LEU A CD1   1 
ATOM   489  C  CD1   B LEU A 1 64  ? 3.637   -14.609 -1.055  0.30 29.95 ? 64   LEU A CD1   1 
ATOM   490  C  CD2   A LEU A 1 64  ? 3.025   -13.856 -1.172  0.70 15.17 ? 64   LEU A CD2   1 
ATOM   491  C  CD2   B LEU A 1 64  ? 4.810   -14.876 1.109   0.30 19.59 ? 64   LEU A CD2   1 
ATOM   492  N  N     . ALA A 1 65  ? 1.641   -12.378 3.059   1.00 12.37 ? 65   ALA A N     1 
ATOM   493  C  CA    . ALA A 1 65  ? 0.798   -11.211 3.185   1.00 10.99 ? 65   ALA A CA    1 
ATOM   494  C  C     . ALA A 1 65  ? 1.473   -10.056 2.431   1.00 11.15 ? 65   ALA A C     1 
ATOM   495  O  O     . ALA A 1 65  ? 2.625   -10.155 2.034   1.00 13.43 ? 65   ALA A O     1 
ATOM   496  C  CB    . ALA A 1 65  ? 0.658   -10.841 4.675   1.00 11.66 ? 65   ALA A CB    1 
ATOM   497  N  N     . ALA A 1 66  ? 0.768   -8.956  2.245   1.00 12.52 ? 66   ALA A N     1 
ATOM   498  C  CA    . ALA A 1 66  ? 1.434   -7.752  1.776   1.00 12.80 ? 66   ALA A CA    1 
ATOM   499  C  C     . ALA A 1 66  ? 1.338   -6.652  2.804   1.00 11.16 ? 66   ALA A C     1 
ATOM   500  O  O     . ALA A 1 66  ? 0.397   -6.626  3.611   1.00 10.95 ? 66   ALA A O     1 
ATOM   501  C  CB    . ALA A 1 66  ? 0.856   -7.286  0.472   1.00 12.79 ? 66   ALA A CB    1 
ATOM   502  N  N     . MET A 1 67  ? 2.309   -5.734  2.767   1.00 12.01 ? 67   MET A N     1 
ATOM   503  C  CA    . MET A 1 67  ? 2.273   -4.544  3.601   1.00 11.33 ? 67   MET A CA    1 
ATOM   504  C  C     . MET A 1 67  ? 2.380   -3.303  2.727   1.00 13.75 ? 67   MET A C     1 
ATOM   505  O  O     . MET A 1 67  ? 3.228   -3.237  1.859   1.00 14.08 ? 67   MET A O     1 
ATOM   506  C  CB    . MET A 1 67  ? 3.395   -4.569  4.631   1.00 14.32 ? 67   MET A CB    1 
ATOM   507  C  CG    . MET A 1 67  ? 3.393   -5.836  5.464   1.00 31.17 ? 67   MET A CG    1 
ATOM   508  S  SD    . MET A 1 67  ? 4.739   -5.948  6.713   1.00 26.44 ? 67   MET A SD    1 
ATOM   509  C  CE    . MET A 1 67  ? 4.064   -4.982  7.685   1.00 14.10 ? 67   MET A CE    1 
ATOM   510  N  N     . MET A 1 68  ? 1.468   -2.360  2.919   1.00 12.66 ? 68   MET A N     1 
ATOM   511  C  CA    . MET A 1 68  ? 1.508   -1.067  2.211   1.00 9.45  ? 68   MET A CA    1 
ATOM   512  C  C     . MET A 1 68  ? 2.241   -0.077  3.109   1.00 12.39 ? 68   MET A C     1 
ATOM   513  O  O     . MET A 1 68  ? 1.949   0.023   4.308   1.00 12.48 ? 68   MET A O     1 
ATOM   514  C  CB    . MET A 1 68  ? 0.098   -0.575  1.936   1.00 13.37 ? 68   MET A CB    1 
ATOM   515  C  CG    . MET A 1 68  ? -0.737  -1.421  0.942   1.00 30.67 ? 68   MET A CG    1 
ATOM   516  S  SD    . MET A 1 68  ? -2.325  -0.543  0.503   1.00 29.63 ? 68   MET A SD    1 
ATOM   517  C  CE    . MET A 1 68  ? -1.757  0.967   0.570   1.00 10.88 ? 68   MET A CE    1 
ATOM   518  N  N     . LEU A 1 69  ? 3.172   0.673   2.520   1.00 10.57 ? 69   LEU A N     1 
ATOM   519  C  CA    . LEU A 1 69  ? 4.006   1.637   3.228   1.00 9.65  ? 69   LEU A CA    1 
ATOM   520  C  C     . LEU A 1 69  ? 4.017   2.958   2.449   1.00 8.95  ? 69   LEU A C     1 
ATOM   521  O  O     . LEU A 1 69  ? 3.899   2.960   1.222   1.00 10.64 ? 69   LEU A O     1 
ATOM   522  C  CB    . LEU A 1 69  ? 5.453   1.147   3.314   1.00 12.45 ? 69   LEU A CB    1 
ATOM   523  C  CG    . LEU A 1 69  ? 5.722   -0.241  3.910   1.00 23.10 ? 69   LEU A CG    1 
ATOM   524  C  CD1   . LEU A 1 69  ? 7.207   -0.591  3.741   1.00 21.24 ? 69   LEU A CD1   1 
ATOM   525  C  CD2   . LEU A 1 69  ? 5.306   -0.303  5.365   1.00 24.71 ? 69   LEU A CD2   1 
ATOM   526  N  N     . PRO A 1 70  ? 4.276   4.070   3.138   1.00 10.72 ? 70   PRO A N     1 
ATOM   527  C  CA    . PRO A 1 70  ? 4.623   5.299   2.428   1.00 8.77  ? 70   PRO A CA    1 
ATOM   528  C  C     . PRO A 1 70  ? 5.884   5.119   1.583   1.00 11.72 ? 70   PRO A C     1 
ATOM   529  O  O     . PRO A 1 70  ? 6.740   4.259   1.860   1.00 12.73 ? 70   PRO A O     1 
ATOM   530  C  CB    . PRO A 1 70  ? 4.850   6.308   3.564   1.00 10.48 ? 70   PRO A CB    1 
ATOM   531  C  CG    . PRO A 1 70  ? 4.147   5.754   4.719   1.00 11.21 ? 70   PRO A CG    1 
ATOM   532  C  CD    . PRO A 1 70  ? 4.329   4.258   4.602   1.00 12.41 ? 70   PRO A CD    1 
ATOM   533  N  N     . ARG A 1 71  ? 6.035   5.964   0.570   1.00 12.45 ? 71   ARG A N     1 
ATOM   534  C  CA    . ARG A 1 71  ? 7.302   6.143   -0.104  1.00 12.94 ? 71   ARG A CA    1 
ATOM   535  C  C     . ARG A 1 71  ? 8.137   7.133   0.690   1.00 12.87 ? 71   ARG A C     1 
ATOM   536  O  O     . ARG A 1 71  ? 7.596   8.054   1.290   1.00 12.59 ? 71   ARG A O     1 
ATOM   537  C  CB    . ARG A 1 71  ? 7.085   6.676   -1.526  1.00 15.05 ? 71   ARG A CB    1 
ATOM   538  C  CG    . ARG A 1 71  ? 6.399   5.671   -2.439  1.00 18.63 ? 71   ARG A CG    1 
ATOM   539  C  CD    . ARG A 1 71  ? 6.185   6.193   -3.838  1.00 20.37 ? 71   ARG A CD    1 
ATOM   540  N  NE    . ARG A 1 71  ? 7.483   6.505   -4.440  1.00 20.74 ? 71   ARG A NE    1 
ATOM   541  C  CZ    . ARG A 1 71  ? 7.713   7.458   -5.325  1.00 21.81 ? 71   ARG A CZ    1 
ATOM   542  N  NH1   . ARG A 1 71  ? 6.730   8.226   -5.767  1.00 23.14 ? 71   ARG A NH1   1 
ATOM   543  N  NH2   . ARG A 1 71  ? 8.951   7.628   -5.791  1.00 24.13 ? 71   ARG A NH2   1 
ATOM   544  N  N     . SER A 1 72  ? 9.437   6.917   0.750   1.00 11.93 ? 72   SER A N     1 
ATOM   545  C  CA    . SER A 1 72  ? 10.248  7.726   1.689   1.00 12.28 ? 72   SER A CA    1 
ATOM   546  C  C     . SER A 1 72  ? 10.316  9.206   1.364   1.00 13.10 ? 72   SER A C     1 
ATOM   547  O  O     . SER A 1 72  ? 10.247  10.024  2.291   1.00 13.69 ? 72   SER A O     1 
ATOM   548  C  CB    . SER A 1 72  ? 11.633  7.168   1.925   1.00 12.83 ? 72   SER A CB    1 
ATOM   549  O  OG    . SER A 1 72  ? 12.509  7.456   0.857   1.00 13.30 ? 72   SER A OG    1 
ATOM   550  N  N     . GLY A 1 73  ? 10.392  9.528   0.075   1.00 14.36 ? 73   GLY A N     1 
ATOM   551  C  CA    . GLY A 1 73  ? 10.449  10.920  -0.389  1.00 14.65 ? 73   GLY A CA    1 
ATOM   552  C  C     . GLY A 1 73  ? 9.200   11.678  -0.044  1.00 14.93 ? 73   GLY A C     1 
ATOM   553  O  O     . GLY A 1 73  ? 9.238   12.723  0.588   1.00 14.30 ? 73   GLY A O     1 
ATOM   554  N  N     . LEU A 1 74  ? 8.062   11.133  -0.466  1.00 13.33 ? 74   LEU A N     1 
ATOM   555  C  CA    . LEU A 1 74  ? 6.770   11.705  -0.126  1.00 16.21 ? 74   LEU A CA    1 
ATOM   556  C  C     . LEU A 1 74  ? 6.589   11.880  1.370   1.00 16.39 ? 74   LEU A C     1 
ATOM   557  O  O     . LEU A 1 74  ? 6.091   12.917  1.830   1.00 14.97 ? 74   LEU A O     1 
ATOM   558  C  CB    . LEU A 1 74  ? 5.664   10.821  -0.680  1.00 14.44 ? 74   LEU A CB    1 
ATOM   559  C  CG    . LEU A 1 74  ? 5.400   10.907  -2.197  1.00 19.42 ? 74   LEU A CG    1 
ATOM   560  C  CD1   . LEU A 1 74  ? 4.324   9.971   -2.570  1.00 19.79 ? 74   LEU A CD1   1 
ATOM   561  C  CD2   . LEU A 1 74  ? 4.989   12.331  -2.568  1.00 22.31 ? 74   LEU A CD2   1 
ATOM   562  N  N     . GLY A 1 75  ? 6.984   10.873  2.161   1.00 12.91 ? 75   GLY A N     1 
ATOM   563  C  CA    . GLY A 1 75  ? 6.775   10.976  3.589   1.00 12.42 ? 75   GLY A CA    1 
ATOM   564  C  C     . GLY A 1 75  ? 7.664   12.035  4.230   1.00 12.69 ? 75   GLY A C     1 
ATOM   565  O  O     . GLY A 1 75  ? 7.215   12.893  4.978   1.00 14.11 ? 75   GLY A O     1 
ATOM   566  N  N     . HIS A 1 76  ? 8.948   11.948  3.946   1.00 13.94 ? 76   HIS A N     1 
ATOM   567  C  CA    . HIS A 1 76  ? 9.948   12.837  4.536   1.00 15.42 ? 76   HIS A CA    1 
ATOM   568  C  C     . HIS A 1 76  ? 9.799   14.301  4.079   1.00 15.95 ? 76   HIS A C     1 
ATOM   569  O  O     . HIS A 1 76  ? 9.785   15.223  4.914   1.00 18.16 ? 76   HIS A O     1 
ATOM   570  C  CB    . HIS A 1 76  ? 11.363  12.340  4.239   1.00 15.03 ? 76   HIS A CB    1 
ATOM   571  C  CG    . HIS A 1 76  ? 12.409  13.305  4.682   1.00 15.41 ? 76   HIS A CG    1 
ATOM   572  N  ND1   . HIS A 1 76  ? 12.638  13.590  6.012   1.00 16.16 ? 76   HIS A ND1   1 
ATOM   573  C  CD2   . HIS A 1 76  ? 13.248  14.099  3.972   1.00 16.86 ? 76   HIS A CD2   1 
ATOM   574  C  CE1   . HIS A 1 76  ? 13.567  14.534  6.101   1.00 16.21 ? 76   HIS A CE1   1 
ATOM   575  N  NE2   . HIS A 1 76  ? 13.958  14.853  4.877   1.00 18.33 ? 76   HIS A NE2   1 
ATOM   576  N  N     . LYS A 1 77  ? 9.695   14.489  2.776   1.00 18.43 ? 77   LYS A N     1 
ATOM   577  C  CA    . LYS A 1 77  ? 9.694   15.831  2.174   1.00 18.46 ? 77   LYS A CA    1 
ATOM   578  C  C     . LYS A 1 77  ? 8.321   16.500  2.203   1.00 21.37 ? 77   LYS A C     1 
ATOM   579  O  O     . LYS A 1 77  ? 8.224   17.717  2.376   1.00 21.13 ? 77   LYS A O     1 
ATOM   580  C  CB    . LYS A 1 77  ? 10.166  15.750  0.738   1.00 19.45 ? 77   LYS A CB    1 
ATOM   581  C  CG    . LYS A 1 77  ? 11.571  15.245  0.571   1.00 36.00 ? 77   LYS A CG    1 
ATOM   582  C  CD    . LYS A 1 77  ? 12.048  15.432  -0.855  1.00 45.72 ? 77   LYS A CD    1 
ATOM   583  C  CE    . LYS A 1 77  ? 13.557  15.221  -0.977  1.00 54.16 ? 77   LYS A CE    1 
ATOM   584  N  NZ    . LYS A 1 77  ? 14.318  16.477  -0.696  1.00 62.80 ? 77   LYS A NZ    1 
ATOM   585  N  N     . HIS A 1 78  ? 7.267   15.719  1.961   1.00 17.75 ? 78   HIS A N     1 
ATOM   586  C  CA    . HIS A 1 78  ? 5.915   16.268  1.791   1.00 15.57 ? 78   HIS A CA    1 
ATOM   587  C  C     . HIS A 1 78  ? 4.916   15.927  2.869   1.00 14.82 ? 78   HIS A C     1 
ATOM   588  O  O     . HIS A 1 78  ? 3.783   16.409  2.870   1.00 16.52 ? 78   HIS A O     1 
ATOM   589  C  CB    . HIS A 1 78  ? 5.364   15.839  0.436   1.00 15.78 ? 78   HIS A CB    1 
ATOM   590  C  CG    . HIS A 1 78  ? 6.206   16.305  -0.702  1.00 21.95 ? 78   HIS A CG    1 
ATOM   591  N  ND1   . HIS A 1 78  ? 6.263   17.627  -1.096  1.00 24.16 ? 78   HIS A ND1   1 
ATOM   592  C  CD2   . HIS A 1 78  ? 7.074   15.634  -1.490  1.00 17.21 ? 78   HIS A CD2   1 
ATOM   593  C  CE1   . HIS A 1 78  ? 7.112   17.737  -2.105  1.00 26.03 ? 78   HIS A CE1   1 
ATOM   594  N  NE2   . HIS A 1 78  ? 7.620   16.546  -2.361  1.00 25.78 ? 78   HIS A NE2   1 
ATOM   595  N  N     . GLY A 1 79  ? 5.302   15.058  3.797   1.00 14.36 ? 79   GLY A N     1 
ATOM   596  C  CA    . GLY A 1 79  ? 4.386   14.592  4.791   1.00 12.55 ? 79   GLY A CA    1 
ATOM   597  C  C     . GLY A 1 79  ? 3.233   13.782  4.246   1.00 13.13 ? 79   GLY A C     1 
ATOM   598  O  O     . GLY A 1 79  ? 2.178   13.744  4.845   1.00 15.84 ? 79   GLY A O     1 
ATOM   599  N  N     . ILE A 1 80  ? 3.428   13.119  3.114   1.00 13.35 ? 80   ILE A N     1 
ATOM   600  C  CA    . ILE A 1 80  ? 2.359   12.328  2.489   1.00 13.05 ? 80   ILE A CA    1 
ATOM   601  C  C     . ILE A 1 80  ? 2.604   10.869  2.815   1.00 10.20 ? 80   ILE A C     1 
ATOM   602  O  O     . ILE A 1 80  ? 3.530   10.259  2.279   1.00 12.39 ? 80   ILE A O     1 
ATOM   603  C  CB    . ILE A 1 80  ? 2.320   12.602  1.006   1.00 14.86 ? 80   ILE A CB    1 
ATOM   604  C  CG1   . ILE A 1 80  ? 1.890   14.057  0.776   1.00 15.88 ? 80   ILE A CG1   1 
ATOM   605  C  CG2   . ILE A 1 80  ? 1.325   11.671  0.287   1.00 16.24 ? 80   ILE A CG2   1 
ATOM   606  C  CD1   . ILE A 1 80  ? 0.562   14.365  1.322   1.00 18.21 ? 80   ILE A CD1   1 
ATOM   607  N  N     . VAL A 1 81  ? 1.785   10.356  3.739   1.00 12.06 ? 81   VAL A N     1 
ATOM   608  C  CA    . VAL A 1 81  ? 1.970   9.029   4.324   1.00 11.48 ? 81   VAL A CA    1 
ATOM   609  C  C     . VAL A 1 81  ? 0.600   8.347   4.309   1.00 12.26 ? 81   VAL A C     1 
ATOM   610  O  O     . VAL A 1 81  ? -0.284  8.778   3.565   1.00 13.35 ? 81   VAL A O     1 
ATOM   611  C  CB    . VAL A 1 81  ? 2.602   9.125   5.718   1.00 11.29 ? 81   VAL A CB    1 
ATOM   612  C  CG1   . VAL A 1 81  ? 3.979   9.762   5.580   1.00 12.21 ? 81   VAL A CG1   1 
ATOM   613  C  CG2   . VAL A 1 81  ? 1.740   9.910   6.703   1.00 10.88 ? 81   VAL A CG2   1 
ATOM   614  N  N     . LEU A 1 82  ? 0.434   7.282   5.093   1.00 12.32 ? 82   LEU A N     1 
ATOM   615  C  CA    . LEU A 1 82  ? -0.806  6.535   5.172   1.00 11.11 ? 82   LEU A CA    1 
ATOM   616  C  C     . LEU A 1 82  ? -1.548  6.813   6.456   1.00 11.64 ? 82   LEU A C     1 
ATOM   617  O  O     . LEU A 1 82  ? -0.932  6.885   7.528   1.00 11.08 ? 82   LEU A O     1 
ATOM   618  C  CB    . LEU A 1 82  ? -0.516  5.039   5.063   1.00 10.48 ? 82   LEU A CB    1 
ATOM   619  C  CG    . LEU A 1 82  ? 0.264   4.586   3.832   1.00 13.14 ? 82   LEU A CG    1 
ATOM   620  C  CD1   . LEU A 1 82  ? 0.460   3.066   3.882   1.00 13.83 ? 82   LEU A CD1   1 
ATOM   621  C  CD2   . LEU A 1 82  ? -0.444  4.966   2.530   1.00 12.54 ? 82   LEU A CD2   1 
ATOM   622  N  N     . GLY A 1 83  ? -2.867  6.964   6.357   1.00 13.32 ? 83   GLY A N     1 
ATOM   623  C  CA    . GLY A 1 83  ? -3.700  7.238   7.514   1.00 13.12 ? 83   GLY A CA    1 
ATOM   624  C  C     . GLY A 1 83  ? -3.759  6.106   8.524   1.00 13.34 ? 83   GLY A C     1 
ATOM   625  O  O     . GLY A 1 83  ? -3.946  6.331   9.714   1.00 14.37 ? 83   GLY A O     1 
ATOM   626  N  N     . ASN A 1 84  ? -3.620  4.888   8.030   1.00 12.02 ? 84   ASN A N     1 
ATOM   627  C  CA    . ASN A 1 84  ? -3.487  3.708   8.879   1.00 10.64 ? 84   ASN A CA    1 
ATOM   628  C  C     . ASN A 1 84  ? -2.032  3.326   9.147   1.00 11.23 ? 84   ASN A C     1 
ATOM   629  O  O     . ASN A 1 84  ? -1.754  2.275   9.754   1.00 10.58 ? 84   ASN A O     1 
ATOM   630  C  CB    . ASN A 1 84  ? -4.282  2.541   8.275   1.00 12.50 ? 84   ASN A CB    1 
ATOM   631  C  CG    . ASN A 1 84  ? -3.852  2.161   6.859   1.00 13.18 ? 84   ASN A CG    1 
ATOM   632  O  OD1   . ASN A 1 84  ? -3.448  3.004   6.047   1.00 13.42 ? 84   ASN A OD1   1 
ATOM   633  N  ND2   . ASN A 1 84  ? -4.041  0.883   6.522   1.00 11.68 ? 84   ASN A ND2   1 
ATOM   634  N  N     . LEU A 1 85  ? -1.114  4.184   8.696   1.00 11.44 ? 85   LEU A N     1 
ATOM   635  C  CA    . LEU A 1 85  ? 0.342   4.058   8.878   1.00 11.96 ? 85   LEU A CA    1 
ATOM   636  C  C     . LEU A 1 85  ? 1.005   2.999   8.009   1.00 11.78 ? 85   LEU A C     1 
ATOM   637  O  O     . LEU A 1 85  ? 1.852   3.327   7.185   1.00 11.69 ? 85   LEU A O     1 
ATOM   638  C  CB    . LEU A 1 85  ? 0.755   3.896   10.353  1.00 10.87 ? 85   LEU A CB    1 
ATOM   639  C  CG    . LEU A 1 85  ? 0.108   4.885   11.335  1.00 10.30 ? 85   LEU A CG    1 
ATOM   640  C  CD1   . LEU A 1 85  ? 0.749   4.723   12.723  1.00 9.87  ? 85   LEU A CD1   1 
ATOM   641  C  CD2   . LEU A 1 85  ? 0.208   6.321   10.888  1.00 12.00 ? 85   LEU A CD2   1 
ATOM   642  N  N     . VAL A 1 86  ? 0.623   1.746   8.228   1.00 11.66 ? 86   VAL A N     1 
ATOM   643  C  CA    . VAL A 1 86  ? 1.017   0.618   7.439   1.00 11.56 ? 86   VAL A CA    1 
ATOM   644  C  C     . VAL A 1 86  ? -0.239  -0.193  7.197   1.00 12.69 ? 86   VAL A C     1 
ATOM   645  O  O     . VAL A 1 86  ? -1.034  -0.455  8.130   1.00 14.94 ? 86   VAL A O     1 
ATOM   646  C  CB    . VAL A 1 86  ? 2.035   -0.278  8.202   1.00 15.38 ? 86   VAL A CB    1 
ATOM   647  C  CG1   . VAL A 1 86  ? 2.308   -1.568  7.415   1.00 18.54 ? 86   VAL A CG1   1 
ATOM   648  C  CG2   . VAL A 1 86  ? 3.297   0.486   8.489   1.00 20.94 ? 86   VAL A CG2   1 
ATOM   649  N  N     . GLY A 1 87  ? -0.423  -0.597  5.958   1.00 12.29 ? 87   GLY A N     1 
ATOM   650  C  CA    . GLY A 1 87  ? -1.575  -1.371  5.558   1.00 14.11 ? 87   GLY A CA    1 
ATOM   651  C  C     . GLY A 1 87  ? -1.186  -2.827  5.493   1.00 18.96 ? 87   GLY A C     1 
ATOM   652  O  O     . GLY A 1 87  ? -0.066  -3.147  5.097   1.00 20.17 ? 87   GLY A O     1 
ATOM   653  N  N     . LEU A 1 88  ? -2.075  -3.692  5.940   1.00 11.82 ? 88   LEU A N     1 
ATOM   654  C  CA    . LEU A 1 88  ? -1.849  -5.135  5.893   1.00 9.94  ? 88   LEU A CA    1 
ATOM   655  C  C     . LEU A 1 88  ? -2.906  -5.703  4.962   1.00 11.84 ? 88   LEU A C     1 
ATOM   656  O  O     . LEU A 1 88  ? -4.124  -5.481  5.162   1.00 14.43 ? 88   LEU A O     1 
ATOM   657  C  CB    . LEU A 1 88  ? -1.954  -5.726  7.297   1.00 12.92 ? 88   LEU A CB    1 
ATOM   658  C  CG    . LEU A 1 88  ? -1.837  -7.247  7.429   1.00 15.41 ? 88   LEU A CG    1 
ATOM   659  C  CD1   . LEU A 1 88  ? -0.451  -7.682  7.057   1.00 14.70 ? 88   LEU A CD1   1 
ATOM   660  C  CD2   . LEU A 1 88  ? -2.182  -7.695  8.831   1.00 20.61 ? 88   LEU A CD2   1 
ATOM   661  N  N     . ILE A 1 89  ? -2.454  -6.434  3.947   1.00 9.91  ? 89   ILE A N     1 
ATOM   662  C  CA    . ILE A 1 89  ? -3.328  -7.106  2.988   1.00 10.00 ? 89   ILE A CA    1 
ATOM   663  C  C     . ILE A 1 89  ? -3.304  -8.603  3.257   1.00 12.97 ? 89   ILE A C     1 
ATOM   664  O  O     . ILE A 1 89  ? -2.250  -9.230  3.140   1.00 11.93 ? 89   ILE A O     1 
ATOM   665  C  CB    . ILE A 1 89  ? -2.880  -6.844  1.543   1.00 14.13 ? 89   ILE A CB    1 
ATOM   666  C  CG1   . ILE A 1 89  ? -2.533  -5.353  1.293   1.00 15.03 ? 89   ILE A CG1   1 
ATOM   667  C  CG2   . ILE A 1 89  ? -3.927  -7.367  0.585   1.00 14.42 ? 89   ILE A CG2   1 
ATOM   668  C  CD1   . ILE A 1 89  ? -3.615  -4.368  1.604   1.00 16.60 ? 89   ILE A CD1   1 
ATOM   669  N  N     . ASN A 1 90  ? -4.442  -9.161  3.657   1.00 11.60 ? 90   ASN A N     1 
ATOM   670  C  CA    . ASN A 1 90  ? -4.555  -10.577 3.988   1.00 12.58 ? 90   ASN A CA    1 
ATOM   671  C  C     . ASN A 1 90  ? -4.630  -11.430 2.744   1.00 11.18 ? 90   ASN A C     1 
ATOM   672  O  O     . ASN A 1 90  ? -5.109  -10.996 1.687   1.00 12.64 ? 90   ASN A O     1 
ATOM   673  C  CB    . ASN A 1 90  ? -5.830  -10.801 4.840   1.00 14.35 ? 90   ASN A CB    1 
ATOM   674  C  CG    . ASN A 1 90  ? -5.766  -10.055 6.146   1.00 19.34 ? 90   ASN A CG    1 
ATOM   675  O  OD1   . ASN A 1 90  ? -4.841  -10.250 6.926   1.00 20.03 ? 90   ASN A OD1   1 
ATOM   676  N  ND2   . ASN A 1 90  ? -6.734  -9.168  6.388   1.00 29.02 ? 90   ASN A ND2   1 
ATOM   677  N  N     . SER A 1 91  ? -4.175  -12.674 2.864   1.00 12.91 ? 91   SER A N     1 
ATOM   678  C  CA    . SER A 1 91  ? -4.138  -13.580 1.722   1.00 12.75 ? 91   SER A CA    1 
ATOM   679  C  C     . SER A 1 91  ? -5.496  -13.867 1.087   1.00 12.58 ? 91   SER A C     1 
ATOM   680  O  O     . SER A 1 91  ? -5.559  -14.194 -0.096  1.00 15.63 ? 91   SER A O     1 
ATOM   681  C  CB    . SER A 1 91  ? -3.450  -14.906 2.087   1.00 14.11 ? 91   SER A CB    1 
ATOM   682  O  OG    . SER A 1 91  ? -4.235  -15.637 3.031   1.00 15.19 ? 91   SER A OG    1 
ATOM   683  N  N     . ASP A 1 92  ? -6.554  -13.795 1.875   1.00 13.71 ? 92   ASP A N     1 
ATOM   684  C  CA    . ASP A 1 92  ? -7.887  -14.098 1.384   1.00 13.31 ? 92   ASP A CA    1 
ATOM   685  C  C     . ASP A 1 92  ? -8.686  -12.860 1.021   1.00 13.59 ? 92   ASP A C     1 
ATOM   686  O  O     . ASP A 1 92  ? -9.856  -12.964 0.683   1.00 15.75 ? 92   ASP A O     1 
ATOM   687  C  CB    . ASP A 1 92  ? -8.644  -15.003 2.354   1.00 16.32 ? 92   ASP A CB    1 
ATOM   688  C  CG    . ASP A 1 92  ? -8.816  -14.424 3.727   1.00 21.49 ? 92   ASP A CG    1 
ATOM   689  O  OD1   . ASP A 1 92  ? -8.298  -13.327 4.032   1.00 20.25 ? 92   ASP A OD1   1 
ATOM   690  O  OD2   . ASP A 1 92  ? -9.486  -15.029 4.593   1.00 23.82 ? 92   ASP A OD2   1 
ATOM   691  N  N     . TYR A 1 93  ? -8.050  -11.687 1.055   1.00 11.12 ? 93   TYR A N     1 
ATOM   692  C  CA    . TYR A 1 93  ? -8.745  -10.471 0.636   1.00 12.07 ? 93   TYR A CA    1 
ATOM   693  C  C     . TYR A 1 93  ? -8.804  -10.402 -0.889  1.00 12.49 ? 93   TYR A C     1 
ATOM   694  O  O     . TYR A 1 93  ? -7.777  -10.538 -1.559  1.00 18.75 ? 93   TYR A O     1 
ATOM   695  C  CB    . TYR A 1 93  ? -7.999  -9.249  1.136   1.00 12.08 ? 93   TYR A CB    1 
ATOM   696  C  CG    . TYR A 1 93  ? -8.662  -7.942  0.769   1.00 12.24 ? 93   TYR A CG    1 
ATOM   697  C  CD1   . TYR A 1 93  ? -8.080  -7.072  -0.169  1.00 13.16 ? 93   TYR A CD1   1 
ATOM   698  C  CD2   . TYR A 1 93  ? -9.835  -7.539  1.394   1.00 14.21 ? 93   TYR A CD2   1 
ATOM   699  C  CE1   . TYR A 1 93  ? -8.704  -5.849  -0.489  1.00 11.80 ? 93   TYR A CE1   1 
ATOM   700  C  CE2   . TYR A 1 93  ? -10.438 -6.307  1.080   1.00 18.10 ? 93   TYR A CE2   1 
ATOM   701  C  CZ    . TYR A 1 93  ? -9.852  -5.476  0.142   1.00 13.43 ? 93   TYR A CZ    1 
ATOM   702  O  OH    . TYR A 1 93  ? -10.443 -4.270  -0.183  1.00 15.69 ? 93   TYR A OH    1 
ATOM   703  N  N     . GLN A 1 94  ? -9.986  -10.130 -1.433  1.00 13.25 ? 94   GLN A N     1 
ATOM   704  C  CA    . GLN A 1 94  ? -10.188 -10.087 -2.867  1.00 13.47 ? 94   GLN A CA    1 
ATOM   705  C  C     . GLN A 1 94  ? -10.842 -8.768  -3.314  1.00 14.50 ? 94   GLN A C     1 
ATOM   706  O  O     . GLN A 1 94  ? -11.249 -8.623  -4.467  1.00 16.94 ? 94   GLN A O     1 
ATOM   707  C  CB    . GLN A 1 94  ? -11.062 -11.283 -3.291  1.00 16.54 ? 94   GLN A CB    1 
ATOM   708  C  CG    . GLN A 1 94  ? -10.400 -12.608 -3.094  1.00 18.21 ? 94   GLN A CG    1 
ATOM   709  C  CD    . GLN A 1 94  ? -11.233 -13.792 -3.635  1.00 26.63 ? 94   GLN A CD    1 
ATOM   710  O  OE1   . GLN A 1 94  ? -12.428 -13.672 -3.871  1.00 31.54 ? 94   GLN A OE1   1 
ATOM   711  N  NE2   . GLN A 1 94  ? -10.580 -14.908 -3.842  1.00 29.42 ? 94   GLN A NE2   1 
ATOM   712  N  N     . GLY A 1 95  ? -10.956 -7.814  -2.408  1.00 17.01 ? 95   GLY A N     1 
ATOM   713  C  CA    . GLY A 1 95  ? -11.516 -6.516  -2.742  1.00 14.84 ? 95   GLY A CA    1 
ATOM   714  C  C     . GLY A 1 95  ? -10.500 -5.609  -3.407  1.00 14.94 ? 95   GLY A C     1 
ATOM   715  O  O     . GLY A 1 95  ? -9.330  -5.944  -3.546  1.00 13.91 ? 95   GLY A O     1 
ATOM   716  N  N     . GLN A 1 96  ? -10.960 -4.425  -3.791  1.00 14.97 ? 96   GLN A N     1 
ATOM   717  C  CA    . GLN A 1 96  ? -10.052 -3.422  -4.328  1.00 13.19 ? 96   GLN A CA    1 
ATOM   718  C  C     . GLN A 1 96  ? -9.009  -3.017  -3.289  1.00 14.43 ? 96   GLN A C     1 
ATOM   719  O  O     . GLN A 1 96  ? -9.337  -2.821  -2.118  1.00 14.07 ? 96   GLN A O     1 
ATOM   720  C  CB    . GLN A 1 96  ? -10.836 -2.180  -4.738  1.00 14.07 ? 96   GLN A CB    1 
ATOM   721  C  CG    . GLN A 1 96  ? -9.974  -1.167  -5.446  1.00 15.33 ? 96   GLN A CG    1 
ATOM   722  C  CD    . GLN A 1 96  ? -10.729 0.011   -6.055  1.00 17.03 ? 96   GLN A CD    1 
ATOM   723  O  OE1   . GLN A 1 96  ? -10.178 0.702   -6.886  1.00 16.28 ? 96   GLN A OE1   1 
ATOM   724  N  NE2   . GLN A 1 96  ? -11.953 0.245   -5.632  1.00 16.67 ? 96   GLN A NE2   1 
ATOM   725  N  N     . LEU A 1 97  ? -7.762  -2.870  -3.719  1.00 13.43 ? 97   LEU A N     1 
ATOM   726  C  CA    . LEU A 1 97  ? -6.721  -2.325  -2.854  1.00 12.57 ? 97   LEU A CA    1 
ATOM   727  C  C     . LEU A 1 97  ? -6.933  -0.837  -2.728  1.00 12.52 ? 97   LEU A C     1 
ATOM   728  O  O     . LEU A 1 97  ? -7.007  -0.135  -3.739  1.00 14.03 ? 97   LEU A O     1 
ATOM   729  C  CB    . LEU A 1 97  ? -5.336  -2.576  -3.417  1.00 13.01 ? 97   LEU A CB    1 
ATOM   730  C  CG    . LEU A 1 97  ? -4.806  -3.993  -3.482  1.00 21.28 ? 97   LEU A CG    1 
ATOM   731  C  CD1   . LEU A 1 97  ? -3.402  -3.965  -4.100  1.00 25.90 ? 97   LEU A CD1   1 
ATOM   732  C  CD2   . LEU A 1 97  ? -4.788  -4.620  -2.079  1.00 21.81 ? 97   LEU A CD2   1 
ATOM   733  N  N     . MET A 1 98  ? -7.083  -0.364  -1.501  1.00 13.94 ? 98   MET A N     1 
ATOM   734  C  CA    . MET A 1 98  ? -7.358  1.063   -1.249  1.00 14.22 ? 98   MET A CA    1 
ATOM   735  C  C     . MET A 1 98  ? -6.178  1.661   -0.499  1.00 14.41 ? 98   MET A C     1 
ATOM   736  O  O     . MET A 1 98  ? -5.524  0.968   0.279   1.00 16.08 ? 98   MET A O     1 
ATOM   737  C  CB    . MET A 1 98  ? -8.619  1.190   -0.403  1.00 15.18 ? 98   MET A CB    1 
ATOM   738  C  CG    . MET A 1 98  ? -9.852  0.503   -0.994  1.00 16.95 ? 98   MET A CG    1 
ATOM   739  S  SD    . MET A 1 98  ? -10.302 1.063   -2.647  1.00 18.86 ? 98   MET A SD    1 
ATOM   740  C  CE    . MET A 1 98  ? -10.870 2.726   -2.295  1.00 22.20 ? 98   MET A CE    1 
ATOM   741  N  N     . ILE A 1 99  ? -5.901  2.946   -0.733  1.00 12.58 ? 99   ILE A N     1 
ATOM   742  C  CA    . ILE A 1 99  ? -4.806  3.646   -0.064  1.00 13.97 ? 99   ILE A CA    1 
ATOM   743  C  C     . ILE A 1 99  ? -5.368  4.800   0.774   1.00 14.86 ? 99   ILE A C     1 
ATOM   744  O  O     . ILE A 1 99  ? -6.006  5.729   0.234   1.00 14.06 ? 99   ILE A O     1 
ATOM   745  C  CB    . ILE A 1 99  ? -3.793  4.201   -1.064  1.00 12.01 ? 99   ILE A CB    1 
ATOM   746  C  CG1   . ILE A 1 99  ? -3.404  3.142   -2.107  1.00 14.13 ? 99   ILE A CG1   1 
ATOM   747  C  CG2   . ILE A 1 99  ? -2.533  4.713   -0.318  1.00 13.60 ? 99   ILE A CG2   1 
ATOM   748  C  CD1   . ILE A 1 99  ? -2.567  3.713   -3.225  1.00 16.23 ? 99   ILE A CD1   1 
ATOM   749  N  N     . SER A 1 100 ? -5.162  4.732   2.078   1.00 12.38 ? 100  SER A N     1 
ATOM   750  C  CA    . SER A 1 100 ? -5.562  5.797   2.985   1.00 11.32 ? 100  SER A CA    1 
ATOM   751  C  C     . SER A 1 100 ? -4.423  6.789   2.999   1.00 12.72 ? 100  SER A C     1 
ATOM   752  O  O     . SER A 1 100 ? -3.383  6.518   3.612   1.00 13.85 ? 100  SER A O     1 
ATOM   753  C  CB    . SER A 1 100 ? -5.834  5.264   4.399   1.00 11.18 ? 100  SER A CB    1 
ATOM   754  O  OG    . SER A 1 100 ? -5.998  6.318   5.323   1.00 12.89 ? 100  SER A OG    1 
ATOM   755  N  N     . VAL A 1 101 ? -4.586  7.915   2.307   1.00 11.77 ? 101  VAL A N     1 
ATOM   756  C  CA    . VAL A 1 101 ? -3.509  8.898   2.182   1.00 11.40 ? 101  VAL A CA    1 
ATOM   757  C  C     . VAL A 1 101 ? -3.753  10.007  3.211   1.00 13.75 ? 101  VAL A C     1 
ATOM   758  O  O     . VAL A 1 101 ? -4.828  10.605  3.257   1.00 15.34 ? 101  VAL A O     1 
ATOM   759  C  CB    . VAL A 1 101 ? -3.388  9.483   0.761   1.00 12.02 ? 101  VAL A CB    1 
ATOM   760  C  CG1   . VAL A 1 101 ? -2.260  10.521  0.697   1.00 14.30 ? 101  VAL A CG1   1 
ATOM   761  C  CG2   . VAL A 1 101 ? -3.177  8.395   -0.273  1.00 15.80 ? 101  VAL A CG2   1 
ATOM   762  N  N     . TRP A 1 102 ? -2.753  10.249  4.042   1.00 12.13 ? 102  TRP A N     1 
ATOM   763  C  CA    . TRP A 1 102 ? -2.821  11.218  5.124   1.00 11.98 ? 102  TRP A CA    1 
ATOM   764  C  C     . TRP A 1 102 ? -1.707  12.217  4.948   1.00 13.38 ? 102  TRP A C     1 
ATOM   765  O  O     . TRP A 1 102 ? -0.536  11.861  4.756   1.00 13.12 ? 102  TRP A O     1 
ATOM   766  C  CB    . TRP A 1 102 ? -2.722  10.505  6.476   1.00 12.95 ? 102  TRP A CB    1 
ATOM   767  C  CG    . TRP A 1 102 ? -2.587  11.410  7.686   1.00 14.76 ? 102  TRP A CG    1 
ATOM   768  C  CD1   . TRP A 1 102 ? -3.251  12.588  7.928   1.00 16.60 ? 102  TRP A CD1   1 
ATOM   769  C  CD2   . TRP A 1 102 ? -1.729  11.197  8.800   1.00 15.19 ? 102  TRP A CD2   1 
ATOM   770  N  NE1   . TRP A 1 102 ? -2.857  13.108  9.138   1.00 18.20 ? 102  TRP A NE1   1 
ATOM   771  C  CE2   . TRP A 1 102 ? -1.903  12.288  9.684   1.00 18.20 ? 102  TRP A CE2   1 
ATOM   772  C  CE3   . TRP A 1 102 ? -0.821  10.186  9.149   1.00 13.30 ? 102  TRP A CE3   1 
ATOM   773  C  CZ2   . TRP A 1 102 ? -1.219  12.389  10.875  1.00 20.53 ? 102  TRP A CZ2   1 
ATOM   774  C  CZ3   . TRP A 1 102 ? -0.138  10.290  10.325  1.00 14.77 ? 102  TRP A CZ3   1 
ATOM   775  C  CH2   . TRP A 1 102 ? -0.346  11.390  11.182  1.00 14.40 ? 102  TRP A CH2   1 
ATOM   776  N  N     . ASN A 1 103 ? -2.091  13.494  4.976   1.00 15.39 ? 103  ASN A N     1 
ATOM   777  C  CA    . ASN A 1 103 ? -1.159  14.600  4.997   1.00 14.75 ? 103  ASN A CA    1 
ATOM   778  C  C     . ASN A 1 103 ? -0.811  14.951  6.436   1.00 16.16 ? 103  ASN A C     1 
ATOM   779  O  O     . ASN A 1 103 ? -1.550  15.639  7.108   1.00 16.49 ? 103  ASN A O     1 
ATOM   780  C  CB    . ASN A 1 103 ? -1.770  15.807  4.283   1.00 15.87 ? 103  ASN A CB    1 
ATOM   781  C  CG    . ASN A 1 103 ? -0.764  16.917  4.041   1.00 17.53 ? 103  ASN A CG    1 
ATOM   782  O  OD1   . ASN A 1 103 ? 0.317   16.939  4.632   1.00 16.86 ? 103  ASN A OD1   1 
ATOM   783  N  ND2   . ASN A 1 103 ? -1.118  17.857  3.140   1.00 15.26 ? 103  ASN A ND2   1 
ATOM   784  N  N     . ARG A 1 104 ? 0.330   14.470  6.896   1.00 14.83 ? 104  ARG A N     1 
ATOM   785  C  CA    . ARG A 1 104 ? 0.765   14.673  8.277   1.00 17.42 ? 104  ARG A CA    1 
ATOM   786  C  C     . ARG A 1 104 ? 1.544   15.974  8.458   1.00 21.43 ? 104  ARG A C     1 
ATOM   787  O  O     . ARG A 1 104 ? 2.017   16.263  9.558   1.00 28.38 ? 104  ARG A O     1 
ATOM   788  C  CB    . ARG A 1 104 ? 1.641   13.519  8.753   1.00 15.09 ? 104  ARG A CB    1 
ATOM   789  C  CG    . ARG A 1 104 ? 3.005   13.472  8.074   1.00 12.91 ? 104  ARG A CG    1 
ATOM   790  C  CD    . ARG A 1 104 ? 4.064   12.647  8.789   1.00 12.66 ? 104  ARG A CD    1 
ATOM   791  N  NE    . ARG A 1 104 ? 5.364   12.872  8.164   1.00 14.09 ? 104  ARG A NE    1 
ATOM   792  C  CZ    . ARG A 1 104 ? 6.106   13.973  8.337   1.00 18.00 ? 104  ARG A CZ    1 
ATOM   793  N  NH1   . ARG A 1 104 ? 5.699   14.950  9.158   1.00 17.48 ? 104  ARG A NH1   1 
ATOM   794  N  NH2   . ARG A 1 104 ? 7.255   14.106  7.686   1.00 17.69 ? 104  ARG A NH2   1 
ATOM   795  N  N     . GLY A 1 105 ? 1.724   16.703  7.373   1.00 19.85 ? 105  GLY A N     1 
ATOM   796  C  CA    . GLY A 1 105 ? 2.530   17.912  7.385   1.00 21.39 ? 105  GLY A CA    1 
ATOM   797  C  C     . GLY A 1 105 ? 1.688   19.179  7.427   1.00 22.60 ? 105  GLY A C     1 
ATOM   798  O  O     . GLY A 1 105 ? 0.498   19.173  7.754   1.00 22.80 ? 105  GLY A O     1 
ATOM   799  N  N     . GLN A 1 106 ? 2.343   20.276  7.063   1.00 26.91 ? 106  GLN A N     1 
ATOM   800  C  CA    . GLN A 1 106 ? 1.781   21.611  7.186   1.00 28.59 ? 106  GLN A CA    1 
ATOM   801  C  C     . GLN A 1 106 ? 1.464   22.240  5.828   1.00 29.56 ? 106  GLN A C     1 
ATOM   802  O  O     . GLN A 1 106 ? 0.924   23.342  5.759   1.00 30.44 ? 106  GLN A O     1 
ATOM   803  C  CB    . GLN A 1 106 ? 2.760   22.485  7.969   1.00 30.82 ? 106  GLN A CB    1 
ATOM   804  C  CG    . GLN A 1 106 ? 2.841   22.136  9.463   1.00 38.49 ? 106  GLN A CG    1 
ATOM   805  C  CD    . GLN A 1 106 ? 3.729   20.915  9.761   1.00 69.64 ? 106  GLN A CD    1 
ATOM   806  O  OE1   . GLN A 1 106 ? 3.298   19.971  10.440  1.00 62.86 ? 106  GLN A OE1   1 
ATOM   807  N  NE2   . GLN A 1 106 ? 4.963   20.936  9.259   1.00 55.93 ? 106  GLN A NE2   1 
ATOM   808  N  N     . ASP A 1 107 ? 1.766   21.530  4.746   1.00 27.40 ? 107  ASP A N     1 
ATOM   809  C  CA    . ASP A 1 107 ? 1.553   22.056  3.407   1.00 26.59 ? 107  ASP A CA    1 
ATOM   810  C  C     . ASP A 1 107 ? 0.501   21.259  2.641   1.00 27.75 ? 107  ASP A C     1 
ATOM   811  O  O     . ASP A 1 107 ? 0.542   20.030  2.611   1.00 27.48 ? 107  ASP A O     1 
ATOM   812  C  CB    . ASP A 1 107 ? 2.870   22.034  2.639   1.00 26.93 ? 107  ASP A CB    1 
ATOM   813  C  CG    . ASP A 1 107 ? 3.921   22.936  3.263   1.00 47.60 ? 107  ASP A CG    1 
ATOM   814  O  OD1   . ASP A 1 107 ? 5.065   22.471  3.444   1.00 40.48 ? 107  ASP A OD1   1 
ATOM   815  O  OD2   . ASP A 1 107 ? 3.681   24.111  3.617   1.00 39.75 ? 107  ASP A OD2   1 
ATOM   816  N  N     . SER A 1 108 ? -0.426  21.964  2.005   1.00 22.79 ? 108  SER A N     1 
ATOM   817  C  CA    . SER A 1 108 ? -1.382  21.336  1.098   1.00 22.60 ? 108  SER A CA    1 
ATOM   818  C  C     . SER A 1 108 ? -0.643  20.598  -0.009  1.00 19.25 ? 108  SER A C     1 
ATOM   819  O  O     . SER A 1 108 ? 0.446   21.004  -0.418  1.00 21.31 ? 108  SER A O     1 
ATOM   820  C  CB    . SER A 1 108 ? -2.335  22.367  0.491   1.00 28.06 ? 108  SER A CB    1 
ATOM   821  O  OG    . SER A 1 108 ? -3.418  21.725  -0.158  1.00 31.90 ? 108  SER A OG    1 
ATOM   822  N  N     . PHE A 1 109 ? -1.232  19.491  -0.469  1.00 18.28 ? 109  PHE A N     1 
ATOM   823  C  CA    . PHE A 1 109 ? -0.610  18.614  -1.446  1.00 15.42 ? 109  PHE A CA    1 
ATOM   824  C  C     . PHE A 1 109 ? -1.638  18.167  -2.446  1.00 15.28 ? 109  PHE A C     1 
ATOM   825  O  O     . PHE A 1 109 ? -2.753  17.807  -2.072  1.00 19.42 ? 109  PHE A O     1 
ATOM   826  C  CB    . PHE A 1 109 ? -0.031  17.364  -0.742  1.00 18.65 ? 109  PHE A CB    1 
ATOM   827  C  CG    . PHE A 1 109 ? 0.721   16.437  -1.664  1.00 15.76 ? 109  PHE A CG    1 
ATOM   828  C  CD1   . PHE A 1 109 ? 2.063   16.646  -1.940  1.00 16.72 ? 109  PHE A CD1   1 
ATOM   829  C  CD2   . PHE A 1 109 ? 0.090   15.325  -2.219  1.00 17.66 ? 109  PHE A CD2   1 
ATOM   830  C  CE1   . PHE A 1 109 ? 2.769   15.789  -2.780  1.00 21.10 ? 109  PHE A CE1   1 
ATOM   831  C  CE2   . PHE A 1 109 ? 0.783   14.476  -3.059  1.00 19.34 ? 109  PHE A CE2   1 
ATOM   832  C  CZ    . PHE A 1 109 ? 2.136   14.712  -3.333  1.00 17.81 ? 109  PHE A CZ    1 
ATOM   833  N  N     . THR A 1 110 ? -1.266  18.164  -3.723  1.00 17.37 ? 110  THR A N     1 
ATOM   834  C  CA    . THR A 1 110 ? -2.133  17.695  -4.784  1.00 19.77 ? 110  THR A CA    1 
ATOM   835  C  C     . THR A 1 110 ? -1.801  16.258  -5.161  1.00 17.93 ? 110  THR A C     1 
ATOM   836  O  O     . THR A 1 110 ? -0.706  15.984  -5.643  1.00 16.25 ? 110  THR A O     1 
ATOM   837  C  CB    . THR A 1 110 ? -1.951  18.582  -6.005  1.00 20.85 ? 110  THR A CB    1 
ATOM   838  O  OG1   . THR A 1 110 ? -2.116  19.946  -5.598  1.00 22.79 ? 110  THR A OG1   1 
ATOM   839  C  CG2   . THR A 1 110 ? -3.033  18.325  -7.039  1.00 22.62 ? 110  THR A CG2   1 
ATOM   840  N  N     . ILE A 1 111 ? -2.765  15.364  -4.946  1.00 18.38 ? 111  ILE A N     1 
ATOM   841  C  CA    . ILE A 1 111 ? -2.642  13.978  -5.385  1.00 17.47 ? 111  ILE A CA    1 
ATOM   842  C  C     . ILE A 1 111 ? -3.129  13.910  -6.835  1.00 16.30 ? 111  ILE A C     1 
ATOM   843  O  O     . ILE A 1 111 ? -4.295  14.154  -7.127  1.00 19.39 ? 111  ILE A O     1 
ATOM   844  C  CB    . ILE A 1 111 ? -3.479  13.032  -4.530  1.00 14.99 ? 111  ILE A CB    1 
ATOM   845  C  CG1   . ILE A 1 111 ? -3.168  13.226  -3.033  1.00 17.30 ? 111  ILE A CG1   1 
ATOM   846  C  CG2   . ILE A 1 111 ? -3.198  11.578  -4.945  1.00 15.21 ? 111  ILE A CG2   1 
ATOM   847  C  CD1   . ILE A 1 111 ? -4.100  12.460  -2.138  1.00 22.51 ? 111  ILE A CD1   1 
ATOM   848  N  N     . GLN A 1 112 ? -2.223  13.579  -7.725  1.00 14.50 ? 112  GLN A N     1 
ATOM   849  C  CA    . GLN A 1 112 ? -2.526  13.529  -9.133  1.00 15.36 ? 112  GLN A CA    1 
ATOM   850  C  C     . GLN A 1 112 ? -2.906  12.136  -9.583  1.00 18.57 ? 112  GLN A C     1 
ATOM   851  O  O     . GLN A 1 112 ? -2.341  11.159  -9.105  1.00 19.05 ? 112  GLN A O     1 
ATOM   852  C  CB    . GLN A 1 112 ? -1.325  13.979  -9.903  1.00 20.56 ? 112  GLN A CB    1 
ATOM   853  C  CG    . GLN A 1 112 ? -0.956  15.427  -9.587  1.00 22.45 ? 112  GLN A CG    1 
ATOM   854  C  CD    . GLN A 1 112 ? -1.746  16.430  -10.395 1.00 32.54 ? 112  GLN A CD    1 
ATOM   855  O  OE1   . GLN A 1 112 ? -2.814  16.116  -10.948 1.00 28.55 ? 112  GLN A OE1   1 
ATOM   856  N  NE2   . GLN A 1 112 ? -1.218  17.646  -10.484 1.00 39.36 ? 112  GLN A NE2   1 
ATOM   857  N  N     . PRO A 1 113 ? -3.823  12.033  -10.538 1.00 18.05 ? 113  PRO A N     1 
ATOM   858  C  CA    . PRO A 1 113 ? -4.097  10.751  -11.157 1.00 15.77 ? 113  PRO A CA    1 
ATOM   859  C  C     . PRO A 1 113 ? -2.809  10.147  -11.685 1.00 14.56 ? 113  PRO A C     1 
ATOM   860  O  O     . PRO A 1 113 ? -1.977  10.817  -12.267 1.00 16.13 ? 113  PRO A O     1 
ATOM   861  C  CB    . PRO A 1 113 ? -5.062  11.108  -12.287 1.00 14.83 ? 113  PRO A CB    1 
ATOM   862  C  CG    . PRO A 1 113 ? -5.707  12.361  -11.823 1.00 17.28 ? 113  PRO A CG    1 
ATOM   863  C  CD    . PRO A 1 113 ? -4.665  13.108  -11.115 1.00 18.45 ? 113  PRO A CD    1 
ATOM   864  N  N     . GLY A 1 114 ? -2.637  8.857   -11.426 1.00 14.37 ? 114  GLY A N     1 
ATOM   865  C  CA    . GLY A 1 114 ? -1.509  8.111   -11.927 1.00 14.67 ? 114  GLY A CA    1 
ATOM   866  C  C     . GLY A 1 114 ? -0.241  8.239   -11.080 1.00 20.03 ? 114  GLY A C     1 
ATOM   867  O  O     . GLY A 1 114 ? 0.702   7.539   -11.348 1.00 19.29 ? 114  GLY A O     1 
ATOM   868  N  N     . GLU A 1 115 ? -0.245  9.101   -10.057 1.00 18.56 ? 115  GLU A N     1 
ATOM   869  C  CA    . GLU A 1 115 ? 0.931   9.372   -9.239  1.00 21.04 ? 115  GLU A CA    1 
ATOM   870  C  C     . GLU A 1 115 ? 1.261   8.126   -8.418  1.00 12.53 ? 115  GLU A C     1 
ATOM   871  O  O     . GLU A 1 115 ? 0.355   7.530   -7.833  1.00 15.63 ? 115  GLU A O     1 
ATOM   872  C  CB    . GLU A 1 115 ? 0.637   10.531  -8.279  1.00 24.51 ? 115  GLU A CB    1 
ATOM   873  C  CG    . GLU A 1 115 ? 1.803   10.947  -7.396  1.00 39.15 ? 115  GLU A CG    1 
ATOM   874  C  CD    . GLU A 1 115 ? 1.653   12.309  -6.706  1.00 60.86 ? 115  GLU A CD    1 
ATOM   875  O  OE1   . GLU A 1 115 ? 2.676   12.751  -6.143  1.00 29.85 ? 115  GLU A OE1   1 
ATOM   876  O  OE2   . GLU A 1 115 ? 0.562   12.952  -6.704  1.00 30.05 ? 115  GLU A OE2   1 
ATOM   877  N  N     . ARG A 1 116 ? 2.548   7.775   -8.381  1.00 15.03 ? 116  ARG A N     1 
ATOM   878  C  CA    . ARG A 1 116 ? 3.060   6.728   -7.473  1.00 13.38 ? 116  ARG A CA    1 
ATOM   879  C  C     . ARG A 1 116 ? 3.031   7.311   -6.069  1.00 14.72 ? 116  ARG A C     1 
ATOM   880  O  O     . ARG A 1 116 ? 3.854   8.177   -5.751  1.00 17.61 ? 116  ARG A O     1 
ATOM   881  C  CB    . ARG A 1 116 ? 4.468   6.278   -7.902  1.00 15.51 ? 116  ARG A CB    1 
ATOM   882  C  CG    . ARG A 1 116 ? 4.405   5.443   -9.199  1.00 17.29 ? 116  ARG A CG    1 
ATOM   883  C  CD    . ARG A 1 116 ? 5.702   5.090   -9.821  1.00 25.35 ? 116  ARG A CD    1 
ATOM   884  N  NE    . ARG A 1 116 ? 6.336   6.260   -10.423 1.00 37.45 ? 116  ARG A NE    1 
ATOM   885  C  CZ    . ARG A 1 116 ? 7.375   6.907   -9.909  1.00 43.08 ? 116  ARG A CZ    1 
ATOM   886  N  NH1   . ARG A 1 116 ? 7.873   7.968   -10.538 1.00 51.78 ? 116  ARG A NH1   1 
ATOM   887  N  NH2   . ARG A 1 116 ? 7.928   6.500   -8.782  1.00 34.86 ? 116  ARG A NH2   1 
ATOM   888  N  N     . ILE A 1 117 ? 2.060   6.893   -5.259  1.00 14.01 ? 117  ILE A N     1 
ATOM   889  C  CA    . ILE A 1 117 ? 1.750   7.559   -3.978  1.00 13.42 ? 117  ILE A CA    1 
ATOM   890  C  C     . ILE A 1 117 ? 2.075   6.714   -2.739  1.00 14.18 ? 117  ILE A C     1 
ATOM   891  O  O     . ILE A 1 117 ? 2.122   7.236   -1.611  1.00 15.43 ? 117  ILE A O     1 
ATOM   892  C  CB    A ILE A 1 117 ? 0.270   8.022   -3.977  0.80 17.61 ? 117  ILE A CB    1 
ATOM   893  C  CB    B ILE A 1 117 ? 0.289   8.077   -3.930  0.20 14.71 ? 117  ILE A CB    1 
ATOM   894  C  CG1   A ILE A 1 117 ? 0.033   9.135   -2.961  0.80 31.63 ? 117  ILE A CG1   1 
ATOM   895  C  CG1   B ILE A 1 117 ? -0.702  7.009   -4.406  0.20 21.05 ? 117  ILE A CG1   1 
ATOM   896  C  CG2   A ILE A 1 117 ? -0.693  6.851   -3.739  0.80 19.40 ? 117  ILE A CG2   1 
ATOM   897  C  CG2   B ILE A 1 117 ? 0.154   9.352   -4.759  0.20 11.43 ? 117  ILE A CG2   1 
ATOM   898  C  CD1   A ILE A 1 117 ? 0.611   10.448  -3.381  0.80 21.98 ? 117  ILE A CD1   1 
ATOM   899  C  CD1   B ILE A 1 117 ? -2.120  7.244   -3.921  0.20 31.47 ? 117  ILE A CD1   1 
ATOM   900  N  N     . ALA A 1 118 ? 2.296   5.429   -2.957  1.00 13.41 ? 118  ALA A N     1 
ATOM   901  C  CA    . ALA A 1 118 ? 2.630   4.484   -1.874  1.00 13.58 ? 118  ALA A CA    1 
ATOM   902  C  C     . ALA A 1 118 ? 3.345   3.298   -2.497  1.00 14.79 ? 118  ALA A C     1 
ATOM   903  O  O     . ALA A 1 118 ? 3.524   3.241   -3.713  1.00 14.67 ? 118  ALA A O     1 
ATOM   904  C  CB    . ALA A 1 118 ? 1.395   4.027   -1.168  1.00 14.66 ? 118  ALA A CB    1 
ATOM   905  N  N     . GLN A 1 119 ? 3.738   2.342   -1.668  1.00 12.45 ? 119  GLN A N     1 
ATOM   906  C  CA    . GLN A 1 119 ? 4.412   1.149   -2.142  1.00 11.42 ? 119  GLN A CA    1 
ATOM   907  C  C     . GLN A 1 119 ? 3.963   -0.063  -1.336  1.00 13.59 ? 119  GLN A C     1 
ATOM   908  O  O     . GLN A 1 119 ? 3.434   0.066   -0.245  1.00 12.62 ? 119  GLN A O     1 
ATOM   909  C  CB    . GLN A 1 119 ? 5.926   1.297   -2.103  1.00 11.50 ? 119  GLN A CB    1 
ATOM   910  C  CG    . GLN A 1 119 ? 6.528   1.441   -0.733  1.00 12.09 ? 119  GLN A CG    1 
ATOM   911  C  CD    . GLN A 1 119 ? 7.984   1.784   -0.789  1.00 14.70 ? 119  GLN A CD    1 
ATOM   912  O  OE1   . GLN A 1 119 ? 8.701   1.285   -1.672  1.00 16.80 ? 119  GLN A OE1   1 
ATOM   913  N  NE2   . GLN A 1 119 ? 8.445   2.640   0.130   1.00 10.87 ? 119  GLN A NE2   1 
ATOM   914  N  N     . MET A 1 120 ? 4.173   -1.247  -1.890  1.00 12.60 ? 120  MET A N     1 
ATOM   915  C  CA    . MET A 1 120 ? 3.708   -2.470  -1.272  1.00 14.34 ? 120  MET A CA    1 
ATOM   916  C  C     . MET A 1 120 ? 4.774   -3.555  -1.368  1.00 14.00 ? 120  MET A C     1 
ATOM   917  O  O     . MET A 1 120 ? 5.382   -3.739  -2.437  1.00 14.52 ? 120  MET A O     1 
ATOM   918  C  CB    . MET A 1 120 ? 2.434   -2.938  -1.969  1.00 14.40 ? 120  MET A CB    1 
ATOM   919  C  CG    . MET A 1 120 ? 1.754   -4.071  -1.317  1.00 18.64 ? 120  MET A CG    1 
ATOM   920  S  SD    . MET A 1 120 ? 0.076   -4.335  -2.076  1.00 23.59 ? 120  MET A SD    1 
ATOM   921  C  CE    . MET A 1 120 ? 0.465   -4.546  -3.438  1.00 13.54 ? 120  MET A CE    1 
ATOM   922  N  N     . ILE A 1 121 ? 5.004   -4.253  -0.253  1.00 11.50 ? 121  ILE A N     1 
ATOM   923  C  CA    . ILE A 1 121 ? 5.905   -5.388  -0.187  1.00 9.98  ? 121  ILE A CA    1 
ATOM   924  C  C     . ILE A 1 121 ? 5.119   -6.671  0.141   1.00 12.66 ? 121  ILE A C     1 
ATOM   925  O  O     . ILE A 1 121 ? 4.044   -6.611  0.739   1.00 14.51 ? 121  ILE A O     1 
ATOM   926  C  CB    . ILE A 1 121 ? 7.021   -5.191  0.846   1.00 12.66 ? 121  ILE A CB    1 
ATOM   927  C  CG1   . ILE A 1 121 ? 6.467   -5.073  2.269   1.00 17.54 ? 121  ILE A CG1   1 
ATOM   928  C  CG2   . ILE A 1 121 ? 7.816   -3.951  0.482   1.00 18.94 ? 121  ILE A CG2   1 
ATOM   929  C  CD1   . ILE A 1 121 ? 7.517   -5.049  3.333   1.00 22.34 ? 121  ILE A CD1   1 
ATOM   930  N  N     . PHE A 1 122 ? 5.647   -7.807  -0.304  1.00 12.43 ? 122  PHE A N     1 
ATOM   931  C  CA    . PHE A 1 122 ? 5.098   -9.110  0.030   1.00 12.05 ? 122  PHE A CA    1 
ATOM   932  C  C     . PHE A 1 122 ? 6.076   -9.798  0.988   1.00 11.57 ? 122  PHE A C     1 
ATOM   933  O  O     . PHE A 1 122 ? 7.261   -9.897  0.678   1.00 11.75 ? 122  PHE A O     1 
ATOM   934  C  CB    . PHE A 1 122 ? 4.886   -9.958  -1.243  1.00 10.50 ? 122  PHE A CB    1 
ATOM   935  C  CG    . PHE A 1 122 ? 3.823   -9.415  -2.121  1.00 11.21 ? 122  PHE A CG    1 
ATOM   936  C  CD1   . PHE A 1 122 ? 2.502   -9.791  -1.958  1.00 13.79 ? 122  PHE A CD1   1 
ATOM   937  C  CD2   . PHE A 1 122 ? 4.128   -8.437  -3.054  1.00 17.40 ? 122  PHE A CD2   1 
ATOM   938  C  CE1   . PHE A 1 122 ? 1.494   -9.217  -2.780  1.00 13.82 ? 122  PHE A CE1   1 
ATOM   939  C  CE2   . PHE A 1 122 ? 3.133   -7.876  -3.866  1.00 17.73 ? 122  PHE A CE2   1 
ATOM   940  C  CZ    . PHE A 1 122 ? 1.820   -8.262  -3.711  1.00 13.66 ? 122  PHE A CZ    1 
ATOM   941  N  N     . VAL A 1 123 ? 5.582   -10.198 2.156   1.00 11.16 ? 123  VAL A N     1 
ATOM   942  C  CA    . VAL A 1 123 ? 6.397   -10.812 3.200   1.00 12.54 ? 123  VAL A CA    1 
ATOM   943  C  C     . VAL A 1 123 ? 5.761   -12.107 3.634   1.00 13.74 ? 123  VAL A C     1 
ATOM   944  O  O     . VAL A 1 123 ? 4.532   -12.223 3.747   1.00 14.48 ? 123  VAL A O     1 
ATOM   945  C  CB    . VAL A 1 123 ? 6.584   -9.892  4.439   1.00 17.08 ? 123  VAL A CB    1 
ATOM   946  C  CG1   . VAL A 1 123 ? 7.374   -8.633  4.074   1.00 18.20 ? 123  VAL A CG1   1 
ATOM   947  C  CG2   . VAL A 1 123 ? 5.241   -9.567  5.109   1.00 17.59 ? 123  VAL A CG2   1 
ATOM   948  N  N     . PRO A 1 124 ? 6.563   -13.119 3.886   1.00 11.09 ? 124  PRO A N     1 
ATOM   949  C  CA    . PRO A 1 124 ? 6.043   -14.308 4.548   1.00 11.61 ? 124  PRO A CA    1 
ATOM   950  C  C     . PRO A 1 124 ? 5.479   -13.989 5.919   1.00 11.70 ? 124  PRO A C     1 
ATOM   951  O  O     . PRO A 1 124 ? 5.997   -13.121 6.642   1.00 13.27 ? 124  PRO A O     1 
ATOM   952  C  CB    . PRO A 1 124 ? 7.272   -15.198 4.698   1.00 14.08 ? 124  PRO A CB    1 
ATOM   953  C  CG    . PRO A 1 124 ? 8.256   -14.678 3.775   1.00 25.08 ? 124  PRO A CG    1 
ATOM   954  C  CD    . PRO A 1 124 ? 8.011   -13.221 3.632   1.00 15.77 ? 124  PRO A CD    1 
ATOM   955  N  N     . VAL A 1 125 ? 4.394   -14.671 6.267   1.00 12.79 ? 125  VAL A N     1 
ATOM   956  C  CA    . VAL A 1 125 ? 3.805   -14.529 7.593   1.00 11.16 ? 125  VAL A CA    1 
ATOM   957  C  C     . VAL A 1 125 ? 3.593   -15.902 8.199   1.00 13.94 ? 125  VAL A C     1 
ATOM   958  O  O     . VAL A 1 125 ? 3.403   -16.895 7.500   1.00 14.76 ? 125  VAL A O     1 
ATOM   959  C  CB    . VAL A 1 125 ? 2.494   -13.715 7.578   1.00 13.15 ? 125  VAL A CB    1 
ATOM   960  C  CG1   . VAL A 1 125 ? 2.802   -12.250 7.203   1.00 17.96 ? 125  VAL A CG1   1 
ATOM   961  C  CG2   . VAL A 1 125 ? 1.435   -14.363 6.653   1.00 15.15 ? 125  VAL A CG2   1 
ATOM   962  N  N     . VAL A 1 126 ? 3.582   -15.926 9.510   1.00 12.56 ? 126  VAL A N     1 
ATOM   963  C  CA    . VAL A 1 126 ? 3.358   -17.147 10.277  1.00 13.66 ? 126  VAL A CA    1 
ATOM   964  C  C     . VAL A 1 126 ? 2.101   -16.979 11.091  1.00 14.11 ? 126  VAL A C     1 
ATOM   965  O  O     . VAL A 1 126 ? 1.879   -15.930 11.707  1.00 14.80 ? 126  VAL A O     1 
ATOM   966  C  CB    . VAL A 1 126 ? 4.563   -17.415 11.194  1.00 12.76 ? 126  VAL A CB    1 
ATOM   967  C  CG1   . VAL A 1 126 ? 4.300   -18.586 12.136  1.00 16.20 ? 126  VAL A CG1   1 
ATOM   968  C  CG2   . VAL A 1 126 ? 5.824   -17.653 10.339  1.00 19.11 ? 126  VAL A CG2   1 
ATOM   969  N  N     . GLN A 1 127 ? 1.244   -17.991 11.054  1.00 13.25 ? 127  GLN A N     1 
ATOM   970  C  CA    . GLN A 1 127 ? 0.028   -17.994 11.853  1.00 15.22 ? 127  GLN A CA    1 
ATOM   971  C  C     . GLN A 1 127 ? 0.309   -18.664 13.174  1.00 15.64 ? 127  GLN A C     1 
ATOM   972  O  O     . GLN A 1 127 ? 0.743   -19.812 13.215  1.00 17.65 ? 127  GLN A O     1 
ATOM   973  C  CB    . GLN A 1 127 ? -1.116  -18.685 11.119  1.00 18.01 ? 127  GLN A CB    1 
ATOM   974  C  CG    . GLN A 1 127 ? -1.604  -17.857 9.945   1.00 20.98 ? 127  GLN A CG    1 
ATOM   975  C  CD    . GLN A 1 127 ? -2.651  -18.549 9.116   1.00 26.88 ? 127  GLN A CD    1 
ATOM   976  O  OE1   . GLN A 1 127 ? -2.529  -19.737 8.787   1.00 26.60 ? 127  GLN A OE1   1 
ATOM   977  N  NE2   . GLN A 1 127 ? -3.668  -17.793 8.733   1.00 22.08 ? 127  GLN A NE2   1 
ATOM   978  N  N     . ALA A 1 128 ? 0.117   -17.917 14.259  1.00 13.79 ? 128  ALA A N     1 
ATOM   979  C  CA    . ALA A 1 128 ? 0.383   -18.390 15.605  1.00 17.48 ? 128  ALA A CA    1 
ATOM   980  C  C     . ALA A 1 128 ? -0.815  -19.179 16.161  1.00 19.45 ? 128  ALA A C     1 
ATOM   981  O  O     . ALA A 1 128 ? -1.969  -18.821 15.974  1.00 21.83 ? 128  ALA A O     1 
ATOM   982  C  CB    . ALA A 1 128 ? 0.698   -17.219 16.522  1.00 20.34 ? 128  ALA A CB    1 
ATOM   983  N  N     . GLU A 1 129 ? -0.495  -20.284 16.819  1.00 19.00 ? 129  GLU A N     1 
ATOM   984  C  CA    . GLU A 1 129 ? -1.419  -21.009 17.650  1.00 16.36 ? 129  GLU A CA    1 
ATOM   985  C  C     . GLU A 1 129 ? -0.948  -20.809 19.087  1.00 16.71 ? 129  GLU A C     1 
ATOM   986  O  O     . GLU A 1 129 ? 0.160   -21.170 19.444  1.00 19.55 ? 129  GLU A O     1 
ATOM   987  C  CB    . GLU A 1 129 ? -1.419  -22.498 17.280  1.00 22.08 ? 129  GLU A CB    1 
ATOM   988  C  CG    . GLU A 1 129 ? -2.549  -23.268 17.933  1.00 33.25 ? 129  GLU A CG    1 
ATOM   989  C  CD    . GLU A 1 129 ? -2.350  -24.779 17.892  1.00 58.85 ? 129  GLU A CD    1 
ATOM   990  O  OE1   . GLU A 1 129 ? -2.989  -25.462 18.717  1.00 55.70 ? 129  GLU A OE1   1 
ATOM   991  O  OE2   . GLU A 1 129 ? -1.563  -25.286 17.051  1.00 37.84 ? 129  GLU A OE2   1 
ATOM   992  N  N     . PHE A 1 130 ? -1.787  -20.222 19.925  1.00 18.03 ? 130  PHE A N     1 
ATOM   993  C  CA    . PHE A 1 130 ? -1.394  -19.951 21.295  1.00 16.97 ? 130  PHE A CA    1 
ATOM   994  C  C     . PHE A 1 130 ? -1.407  -21.205 22.165  1.00 19.63 ? 130  PHE A C     1 
ATOM   995  O  O     . PHE A 1 130 ? -2.326  -22.040 22.098  1.00 21.46 ? 130  PHE A O     1 
ATOM   996  C  CB    . PHE A 1 130 ? -2.305  -18.900 21.922  1.00 21.74 ? 130  PHE A CB    1 
ATOM   997  C  CG    . PHE A 1 130 ? -2.137  -17.521 21.355  1.00 26.43 ? 130  PHE A CG    1 
ATOM   998  C  CD1   . PHE A 1 130 ? -3.239  -16.692 21.207  1.00 37.81 ? 130  PHE A CD1   1 
ATOM   999  C  CD2   . PHE A 1 130 ? -0.896  -17.053 20.956  1.00 34.62 ? 130  PHE A CD2   1 
ATOM   1000 C  CE1   . PHE A 1 130 ? -3.102  -15.431 20.691  1.00 36.15 ? 130  PHE A CE1   1 
ATOM   1001 C  CE2   . PHE A 1 130 ? -0.749  -15.774 20.430  1.00 47.20 ? 130  PHE A CE2   1 
ATOM   1002 C  CZ    . PHE A 1 130 ? -1.847  -14.960 20.307  1.00 37.98 ? 130  PHE A CZ    1 
ATOM   1003 N  N     . ASN A 1 131 ? -0.366  -21.336 22.957  1.00 16.83 ? 131  ASN A N     1 
ATOM   1004 C  CA    . ASN A 1 131 ? -0.202  -22.442 23.906  1.00 16.29 ? 131  ASN A CA    1 
ATOM   1005 C  C     . ASN A 1 131 ? -0.172  -21.821 25.284  1.00 17.30 ? 131  ASN A C     1 
ATOM   1006 O  O     . ASN A 1 131 ? 0.777   -21.136 25.621  1.00 15.70 ? 131  ASN A O     1 
ATOM   1007 C  CB    . ASN A 1 131 ? 1.105   -23.176 23.616  1.00 19.51 ? 131  ASN A CB    1 
ATOM   1008 C  CG    . ASN A 1 131 ? 1.352   -24.340 24.553  1.00 29.01 ? 131  ASN A CG    1 
ATOM   1009 O  OD1   . ASN A 1 131 ? 0.486   -25.207 24.720  1.00 29.98 ? 131  ASN A OD1   1 
ATOM   1010 N  ND2   . ASN A 1 131 ? 2.532   -24.371 25.166  1.00 25.37 ? 131  ASN A ND2   1 
ATOM   1011 N  N     . LEU A 1 132 ? -1.272  -21.943 26.028  1.00 17.88 ? 132  LEU A N     1 
ATOM   1012 C  CA    . LEU A 1 132 ? -1.371  -21.328 27.335  1.00 16.91 ? 132  LEU A CA    1 
ATOM   1013 C  C     . LEU A 1 132 ? -0.437  -22.006 28.313  1.00 18.55 ? 132  LEU A C     1 
ATOM   1014 O  O     . LEU A 1 132 ? -0.462  -23.241 28.450  1.00 19.68 ? 132  LEU A O     1 
ATOM   1015 C  CB    . LEU A 1 132 ? -2.811  -21.378 27.849  1.00 19.77 ? 132  LEU A CB    1 
ATOM   1016 C  CG    . LEU A 1 132 ? -3.782  -20.321 27.300  1.00 39.36 ? 132  LEU A CG    1 
ATOM   1017 C  CD1   . LEU A 1 132 ? -3.938  -20.388 25.795  1.00 50.39 ? 132  LEU A CD1   1 
ATOM   1018 C  CD2   . LEU A 1 132 ? -5.142  -20.471 27.959  1.00 46.60 ? 132  LEU A CD2   1 
ATOM   1019 N  N     . VAL A 1 133 ? 0.404   -21.208 28.968  1.00 16.78 ? 133  VAL A N     1 
ATOM   1020 C  CA    . VAL A 1 133 ? 1.287   -21.675 30.020  1.00 15.61 ? 133  VAL A CA    1 
ATOM   1021 C  C     . VAL A 1 133 ? 1.133   -20.868 31.284  1.00 18.48 ? 133  VAL A C     1 
ATOM   1022 O  O     . VAL A 1 133 ? 0.758   -19.699 31.269  1.00 18.17 ? 133  VAL A O     1 
ATOM   1023 C  CB    . VAL A 1 133 ? 2.790   -21.712 29.563  1.00 17.27 ? 133  VAL A CB    1 
ATOM   1024 C  CG1   . VAL A 1 133 ? 2.940   -22.602 28.325  1.00 22.03 ? 133  VAL A CG1   1 
ATOM   1025 C  CG2   . VAL A 1 133 ? 3.351   -20.308 29.309  1.00 21.77 ? 133  VAL A CG2   1 
ATOM   1026 N  N     . GLU A 1 134 ? 1.456   -21.510 32.406  1.00 22.03 ? 134  GLU A N     1 
ATOM   1027 C  CA    . GLU A 1 134 ? 1.536   -20.838 33.684  1.00 24.27 ? 134  GLU A CA    1 
ATOM   1028 C  C     . GLU A 1 134 ? 2.771   -19.969 33.793  1.00 22.22 ? 134  GLU A C     1 
ATOM   1029 O  O     . GLU A 1 134 ? 2.709   -18.894 34.370  1.00 28.03 ? 134  GLU A O     1 
ATOM   1030 C  CB    . GLU A 1 134 ? 1.537   -21.875 34.832  1.00 29.53 ? 134  GLU A CB    1 
ATOM   1031 C  CG    . GLU A 1 134 ? 0.985   -21.353 36.149  1.00 63.11 ? 134  GLU A CG    1 
ATOM   1032 C  CD    . GLU A 1 134 ? -0.460  -20.909 36.045  1.00 64.67 ? 134  GLU A CD    1 
ATOM   1033 O  OE1   . GLU A 1 134 ? -1.262  -21.634 35.415  1.00 59.49 ? 134  GLU A OE1   1 
ATOM   1034 O  OE2   . GLU A 1 134 ? -0.789  -19.829 36.589  1.00 66.16 ? 134  GLU A OE2   1 
ATOM   1035 N  N     . ASP A 1 135 ? 3.896   -20.459 33.274  1.00 22.68 ? 135  ASP A N     1 
ATOM   1036 C  CA    . ASP A 1 135 ? 5.175   -19.751 33.305  1.00 26.51 ? 135  ASP A CA    1 
ATOM   1037 C  C     . ASP A 1 135 ? 5.989   -20.093 32.063  1.00 25.02 ? 135  ASP A C     1 
ATOM   1038 O  O     . ASP A 1 135 ? 5.875   -21.182 31.505  1.00 25.59 ? 135  ASP A O     1 
ATOM   1039 C  CB    . ASP A 1 135 ? 5.977   -20.126 34.562  1.00 32.32 ? 135  ASP A CB    1 
ATOM   1040 C  CG    . ASP A 1 135 ? 5.574   -19.310 35.783  1.00 59.68 ? 135  ASP A CG    1 
ATOM   1041 O  OD1   . ASP A 1 135 ? 5.494   -19.892 36.880  1.00 63.78 ? 135  ASP A OD1   1 
ATOM   1042 O  OD2   . ASP A 1 135 ? 5.324   -18.085 35.746  1.00 63.66 ? 135  ASP A OD2   1 
ATOM   1043 N  N     . PHE A 1 136 ? 6.817   -19.156 31.632  1.00 22.84 ? 136  PHE A N     1 
ATOM   1044 C  CA    . PHE A 1 136 ? 7.680   -19.374 30.478  1.00 20.80 ? 136  PHE A CA    1 
ATOM   1045 C  C     . PHE A 1 136 ? 8.919   -20.218 30.783  1.00 29.92 ? 136  PHE A C     1 
ATOM   1046 O  O     . PHE A 1 136 ? 9.425   -20.166 31.899  1.00 34.50 ? 136  PHE A O     1 
ATOM   1047 C  CB    . PHE A 1 136 ? 8.120   -18.027 29.929  1.00 21.87 ? 136  PHE A CB    1 
ATOM   1048 C  CG    . PHE A 1 136 ? 6.992   -17.223 29.344  1.00 14.96 ? 136  PHE A CG    1 
ATOM   1049 C  CD1   . PHE A 1 136 ? 6.877   -15.877 29.652  1.00 19.75 ? 136  PHE A CD1   1 
ATOM   1050 C  CD2   . PHE A 1 136 ? 6.071   -17.795 28.471  1.00 15.80 ? 136  PHE A CD2   1 
ATOM   1051 C  CE1   . PHE A 1 136 ? 5.853   -15.116 29.121  1.00 19.60 ? 136  PHE A CE1   1 
ATOM   1052 C  CE2   . PHE A 1 136 ? 5.051   -17.020 27.916  1.00 16.80 ? 136  PHE A CE2   1 
ATOM   1053 C  CZ    . PHE A 1 136 ? 4.957   -15.684 28.250  1.00 16.08 ? 136  PHE A CZ    1 
ATOM   1054 N  N     . ARG A 1 141 ? 15.674  -9.707  31.385  1.00 86.38 ? 141  ARG A N     1 
ATOM   1055 C  CA    . ARG A 1 141 ? 15.070  -8.658  30.570  1.00 86.45 ? 141  ARG A CA    1 
ATOM   1056 C  C     . ARG A 1 141 ? 13.907  -7.994  31.308  1.00 84.43 ? 141  ARG A C     1 
ATOM   1057 O  O     . ARG A 1 141 ? 13.247  -8.615  32.148  1.00 83.12 ? 141  ARG A O     1 
ATOM   1058 C  CB    . ARG A 1 141 ? 14.594  -9.238  29.227  1.00 88.61 ? 141  ARG A CB    1 
ATOM   1059 C  CG    . ARG A 1 141 ? 14.643  -8.260  28.040  1.00 87.91 ? 141  ARG A CG    1 
ATOM   1060 C  CD    . ARG A 1 141 ? 13.288  -7.679  27.625  1.00 85.06 ? 141  ARG A CD    1 
ATOM   1061 N  NE    . ARG A 1 141 ? 13.066  -6.330  28.161  1.00 72.37 ? 141  ARG A NE    1 
ATOM   1062 C  CZ    . ARG A 1 141 ? 12.011  -5.938  28.887  1.00 71.63 ? 141  ARG A CZ    1 
ATOM   1063 N  NH1   . ARG A 1 141 ? 11.030  -6.778  29.207  1.00 82.57 ? 141  ARG A NH1   1 
ATOM   1064 N  NH2   . ARG A 1 141 ? 11.941  -4.678  29.305  1.00 77.81 ? 141  ARG A NH2   1 
ATOM   1065 N  N     . PHE A 1 146 ? 10.159  0.228   27.215  1.00 89.47 ? 146  PHE A N     1 
ATOM   1066 C  CA    . PHE A 1 146 ? 9.508   1.243   28.035  1.00 90.70 ? 146  PHE A CA    1 
ATOM   1067 C  C     . PHE A 1 146 ? 10.181  1.342   29.402  1.00 89.17 ? 146  PHE A C     1 
ATOM   1068 O  O     . PHE A 1 146 ? 9.924   2.271   30.169  1.00 87.90 ? 146  PHE A O     1 
ATOM   1069 C  CB    . PHE A 1 146 ? 8.018   0.922   28.220  1.00 92.52 ? 146  PHE A CB    1 
ATOM   1070 C  CG    . PHE A 1 146 ? 7.259   0.761   26.928  1.00 86.29 ? 146  PHE A CG    1 
ATOM   1071 C  CD1   . PHE A 1 146 ? 6.871   -0.496  26.486  1.00 86.53 ? 146  PHE A CD1   1 
ATOM   1072 C  CD2   . PHE A 1 146 ? 6.926   1.867   26.160  1.00 84.54 ? 146  PHE A CD2   1 
ATOM   1073 C  CE1   . PHE A 1 146 ? 6.171   -0.646  25.296  1.00 76.07 ? 146  PHE A CE1   1 
ATOM   1074 C  CE2   . PHE A 1 146 ? 6.222   1.718   24.970  1.00 70.65 ? 146  PHE A CE2   1 
ATOM   1075 C  CZ    . PHE A 1 146 ? 5.843   0.466   24.543  1.00 56.98 ? 146  PHE A CZ    1 
ATOM   1076 N  N     . ARG A 1 151 ? 16.131  9.403   28.828  1.00 63.89 ? 151  ARG A N     1 
ATOM   1077 C  CA    . ARG A 1 151 ? 16.137  9.038   27.413  1.00 67.12 ? 151  ARG A CA    1 
ATOM   1078 C  C     . ARG A 1 151 ? 16.106  7.511   27.229  1.00 66.78 ? 151  ARG A C     1 
ATOM   1079 O  O     . ARG A 1 151 ? 15.678  6.803   28.139  1.00 69.10 ? 151  ARG A O     1 
ATOM   1080 C  CB    . ARG A 1 151 ? 17.340  9.694   26.717  1.00 68.91 ? 151  ARG A CB    1 
ATOM   1081 C  CG    . ARG A 1 151 ? 17.056  10.286  25.340  1.00 65.27 ? 151  ARG A CG    1 
ATOM   1082 C  CD    . ARG A 1 151 ? 15.841  11.229  25.265  1.00 77.25 ? 151  ARG A CD    1 
ATOM   1083 N  NE    . ARG A 1 151 ? 16.162  12.647  25.452  1.00 72.63 ? 151  ARG A NE    1 
ATOM   1084 C  CZ    . ARG A 1 151 ? 16.889  13.386  24.612  1.00 54.79 ? 151  ARG A CZ    1 
ATOM   1085 N  NH1   . ARG A 1 151 ? 17.416  12.855  23.514  1.00 73.53 ? 151  ARG A NH1   1 
ATOM   1086 N  NH2   . ARG A 1 151 ? 17.103  14.665  24.874  1.00 54.64 ? 151  ARG A NH2   1 
ATOM   1087 N  N     . GLN A 1 152 ? 16.535  7.004   26.067  1.00 62.69 ? 152  GLN A N     1 
ATOM   1088 C  CA    . GLN A 1 152 ? 16.327  5.590   25.714  1.00 56.02 ? 152  GLN A CA    1 
ATOM   1089 C  C     . GLN A 1 152 ? 17.624  4.845   25.379  1.00 50.59 ? 152  GLN A C     1 
ATOM   1090 O  O     . GLN A 1 152 ? 17.761  3.644   25.667  1.00 44.35 ? 152  GLN A O     1 
ATOM   1091 C  CB    . GLN A 1 152 ? 15.351  5.497   24.539  1.00 53.45 ? 152  GLN A CB    1 
ATOM   1092 C  CG    . GLN A 1 152 ? 14.118  6.361   24.673  1.00 67.30 ? 152  GLN A CG    1 
ATOM   1093 C  CD    . GLN A 1 152 ? 13.112  5.845   25.669  1.00 61.81 ? 152  GLN A CD    1 
ATOM   1094 O  OE1   . GLN A 1 152 ? 12.095  6.485   25.883  1.00 43.28 ? 152  GLN A OE1   1 
ATOM   1095 N  NE2   . GLN A 1 152 ? 13.384  4.693   26.277  1.00 77.12 ? 152  GLN A NE2   1 
HETATM 1096 MG MG    . MG  B 2 .   ? -9.169  -6.432  10.468  1.00 19.33 ? 999  MG  A MG    1 
HETATM 1097 O  O4    . DUP C 3 .   ? -4.123  0.070   3.604   1.00 13.57 ? 777  DUP A O4    1 
HETATM 1098 C  C4    . DUP C 3 .   ? -4.943  -0.867  3.489   1.00 14.67 ? 777  DUP A C4    1 
HETATM 1099 C  C5    . DUP C 3 .   ? -5.152  -1.799  4.512   1.00 11.77 ? 777  DUP A C5    1 
HETATM 1100 C  C6    . DUP C 3 .   ? -6.094  -2.800  4.318   1.00 11.49 ? 777  DUP A C6    1 
HETATM 1101 N  N3    . DUP C 3 .   ? -5.602  -1.012  2.321   1.00 13.06 ? 777  DUP A N3    1 
HETATM 1102 C  C2    . DUP C 3 .   ? -6.507  -1.993  2.115   1.00 13.72 ? 777  DUP A C2    1 
HETATM 1103 O  O2    . DUP C 3 .   ? -7.088  -2.072  1.004   1.00 13.82 ? 777  DUP A O2    1 
HETATM 1104 N  N1    . DUP C 3 .   ? -6.767  -2.918  3.131   1.00 12.93 ? 777  DUP A N1    1 
HETATM 1105 C  "C1'" . DUP C 3 .   ? -7.737  -4.002  2.906   1.00 13.65 ? 777  DUP A "C1'" 1 
HETATM 1106 C  "C2'" . DUP C 3 .   ? -7.047  -5.340  2.709   1.00 15.02 ? 777  DUP A "C2'" 1 
HETATM 1107 C  "C3'" . DUP C 3 .   ? -7.105  -5.999  4.058   1.00 16.88 ? 777  DUP A "C3'" 1 
HETATM 1108 O  "O3'" . DUP C 3 .   ? -7.046  -7.427  3.968   1.00 16.44 ? 777  DUP A "O3'" 1 
HETATM 1109 O  "O4'" . DUP C 3 .   ? -8.552  -4.126  4.083   1.00 14.08 ? 777  DUP A "O4'" 1 
HETATM 1110 C  "C4'" . DUP C 3 .   ? -8.428  -5.471  4.593   1.00 9.67  ? 777  DUP A "C4'" 1 
HETATM 1111 C  "C5'" . DUP C 3 .   ? -8.585  -5.476  6.108   1.00 12.23 ? 777  DUP A "C5'" 1 
HETATM 1112 O  "O5'" . DUP C 3 .   ? -7.498  -4.814  6.742   1.00 14.76 ? 777  DUP A "O5'" 1 
HETATM 1113 P  PA    . DUP C 3 .   ? -7.570  -4.612  8.314   1.00 16.08 ? 777  DUP A PA    1 
HETATM 1114 O  O1A   . DUP C 3 .   ? -7.840  -5.938  9.027   1.00 16.69 ? 777  DUP A O1A   1 
HETATM 1115 O  O2A   . DUP C 3 .   ? -6.320  -3.854  8.692   1.00 17.65 ? 777  DUP A O2A   1 
HETATM 1116 N  N3A   . DUP C 3 .   ? -8.830  -3.530  8.541   1.00 15.12 ? 777  DUP A N3A   1 
HETATM 1117 P  PB    . DUP C 3 .   ? -10.168 -3.734  9.528   1.00 18.67 ? 777  DUP A PB    1 
HETATM 1118 O  O1B   . DUP C 3 .   ? -9.785  -4.661  10.660  1.00 19.56 ? 777  DUP A O1B   1 
HETATM 1119 O  O2B   . DUP C 3 .   ? -10.633 -2.369  9.816   1.00 18.65 ? 777  DUP A O2B   1 
HETATM 1120 O  O3B   . DUP C 3 .   ? -11.246 -4.439  8.568   1.00 19.60 ? 777  DUP A O3B   1 
HETATM 1121 P  PG    . DUP C 3 .   ? -11.848 -5.931  8.766   1.00 24.24 ? 777  DUP A PG    1 
HETATM 1122 O  O2G   . DUP C 3 .   ? -10.778 -6.884  9.122   1.00 19.51 ? 777  DUP A O2G   1 
HETATM 1123 O  O1G   . DUP C 3 .   ? -12.930 -5.834  9.810   1.00 29.31 ? 777  DUP A O1G   1 
HETATM 1124 O  O3G   . DUP C 3 .   ? -12.419 -6.398  7.449   1.00 22.62 ? 777  DUP A O3G   1 
HETATM 1125 C  C     . TRS D 4 .   ? 0.460   15.663  13.467  0.17 18.31 ? 801  TRS A C     1 
HETATM 1126 C  C3    . TRS D 4 .   ? 0.243   16.019  12.004  0.50 17.85 ? 801  TRS A C3    1 
HETATM 1127 N  N     . TRS D 4 .   ? 0.144   14.246  13.665  0.17 13.62 ? 801  TRS A N     1 
HETATM 1128 O  O3    . TRS D 4 .   ? -1.134  16.183  11.725  0.50 30.99 ? 801  TRS A O3    1 
HETATM 1129 C  C     . TRS E 4 .   ? 10.976  -18.234 4.446   0.11 21.16 ? 802  TRS A C     1 
HETATM 1130 C  C2    . TRS E 4 .   ? 10.982  -17.592 3.064   0.33 23.97 ? 802  TRS A C2    1 
HETATM 1131 N  N     . TRS E 4 .   ? 10.323  -17.343 5.408   0.11 17.67 ? 802  TRS A N     1 
HETATM 1132 O  O2    . TRS E 4 .   ? 10.003  -18.216 2.263   0.33 22.04 ? 802  TRS A O2    1 
HETATM 1133 O  O     . HOH F 5 .   ? -2.187  -13.376 4.727   1.00 13.24 ? 1000 HOH A O     1 
HETATM 1134 O  O     . HOH F 5 .   ? 3.805   7.913   0.516   1.00 12.92 ? 1001 HOH A O     1 
HETATM 1135 O  O     . HOH F 5 .   ? -4.202  -2.627  7.461   1.00 12.23 ? 1002 HOH A O     1 
HETATM 1136 O  O     . HOH F 5 .   ? -3.436  -0.689  9.192   1.00 12.98 ? 1003 HOH A O     1 
HETATM 1137 O  O     . HOH F 5 .   ? -10.667 -1.064  12.105  1.00 20.18 ? 1004 HOH A O     1 
HETATM 1138 O  O     . HOH F 5 .   ? -5.065  -10.944 -1.237  1.00 14.16 ? 1005 HOH A O     1 
HETATM 1139 O  O     . HOH F 5 .   ? -3.442  2.694   3.242   1.00 13.23 ? 1006 HOH A O     1 
HETATM 1140 O  O     . HOH F 5 .   ? -6.994  -7.219  -3.195  1.00 16.39 ? 1007 HOH A O     1 
HETATM 1141 O  O     . HOH F 5 .   ? -7.799  -17.210 -0.282  1.00 19.95 ? 1008 HOH A O     1 
HETATM 1142 O  O     . HOH F 5 .   ? 7.707   -7.405  -2.359  1.00 19.74 ? 1009 HOH A O     1 
HETATM 1143 O  O     . HOH F 5 .   ? 0.984   -18.330 7.697   1.00 19.76 ? 1010 HOH A O     1 
HETATM 1144 O  O     . HOH F 5 .   ? 1.169   -22.022 2.667   1.00 21.02 ? 1011 HOH A O     1 
HETATM 1145 O  O     . HOH F 5 .   ? -8.035  2.666   -20.754 1.00 20.88 ? 1012 HOH A O     1 
HETATM 1146 O  O     . HOH F 5 .   ? -6.824  13.012  9.156   1.00 21.64 ? 1013 HOH A O     1 
HETATM 1147 O  O     . HOH F 5 .   ? -2.313  -15.628 6.335   1.00 20.68 ? 1014 HOH A O     1 
HETATM 1148 O  O     . HOH F 5 .   ? -5.810  -17.523 1.860   1.00 21.44 ? 1015 HOH A O     1 
HETATM 1149 O  O     . HOH F 5 .   ? -1.355  -18.290 31.890  1.00 24.33 ? 1016 HOH A O     1 
HETATM 1150 O  O     . HOH F 5 .   ? -13.439 2.735   -6.402  1.00 28.13 ? 1017 HOH A O     1 
HETATM 1151 O  O     . HOH F 5 .   ? -13.433 -12.345 -8.965  1.00 29.85 ? 1018 HOH A O     1 
HETATM 1152 O  O     . HOH F 5 .   ? 1.130   -1.228  -17.192 1.00 21.77 ? 1019 HOH A O     1 
HETATM 1153 O  O     . HOH F 5 .   ? -5.030  3.760   -23.567 1.00 26.13 ? 1020 HOH A O     1 
HETATM 1154 O  O     . HOH F 5 .   ? 2.594   18.515  4.389   1.00 27.13 ? 1021 HOH A O     1 
HETATM 1155 O  O     . HOH F 5 .   ? -12.510 -10.206 -0.005  1.00 20.72 ? 1022 HOH A O     1 
HETATM 1156 O  O     . HOH F 5 .   ? 4.596   8.836   -10.379 1.00 31.29 ? 1023 HOH A O     1 
HETATM 1157 O  O     . HOH F 5 .   ? -9.808  14.150  6.766   1.00 27.48 ? 1024 HOH A O     1 
HETATM 1158 O  O     . HOH F 5 .   ? -9.314  10.306  -2.903  1.00 24.84 ? 1025 HOH A O     1 
HETATM 1159 O  O     . HOH F 5 .   ? -13.157 -7.180  12.051  1.00 25.11 ? 1026 HOH A O     1 
HETATM 1160 O  O     . HOH F 5 .   ? -11.835 9.862   -8.942  1.00 30.85 ? 1027 HOH A O     1 
HETATM 1161 O  O     . HOH F 5 .   ? -11.995 9.746   0.810   1.00 27.74 ? 1028 HOH A O     1 
HETATM 1162 O  O     . HOH F 5 .   ? -13.677 -3.705  -3.036  1.00 28.28 ? 1029 HOH A O     1 
HETATM 1163 O  O     . HOH F 5 .   ? 11.464  17.319  5.369   1.00 24.65 ? 1030 HOH A O     1 
HETATM 1164 O  O     . HOH F 5 .   ? 19.549  -7.429  -7.759  1.00 31.18 ? 1031 HOH A O     1 
HETATM 1165 O  O     . HOH F 5 .   ? -1.811  0.783   -11.186 1.00 26.67 ? 1032 HOH A O     1 
HETATM 1166 O  O     . HOH F 5 .   ? -9.356  -8.818  4.645   1.00 19.69 ? 1033 HOH A O     1 
HETATM 1167 O  O     . HOH F 5 .   ? -8.379  18.010  2.261   1.00 24.63 ? 1034 HOH A O     1 
HETATM 1168 O  O     . HOH F 5 .   ? -2.522  -15.595 -6.513  1.00 26.42 ? 1035 HOH A O     1 
HETATM 1169 O  O     . HOH F 5 .   ? 2.705   18.383  1.377   1.00 26.95 ? 1036 HOH A O     1 
HETATM 1170 O  O     . HOH F 5 .   ? -3.503  -23.716 25.152  1.00 29.23 ? 1037 HOH A O     1 
HETATM 1171 O  O     . HOH F 5 .   ? -11.780 0.887   -9.215  1.00 25.84 ? 1038 HOH A O     1 
HETATM 1172 O  O     . HOH F 5 .   ? -13.967 -1.239  -4.049  1.00 30.46 ? 1039 HOH A O     1 
HETATM 1173 O  O     . HOH F 5 .   ? -4.568  -19.712 19.189  1.00 27.43 ? 1040 HOH A O     1 
HETATM 1174 O  O     . HOH F 5 .   ? -12.391 6.852   -2.781  1.00 31.70 ? 1041 HOH A O     1 
HETATM 1175 O  O     . HOH F 5 .   ? -0.089  7.601   -15.183 1.00 29.15 ? 1042 HOH A O     1 
HETATM 1176 O  O     . HOH F 5 .   ? 4.414   19.504  -0.385  1.00 29.82 ? 1043 HOH A O     1 
HETATM 1177 O  O     . HOH F 5 .   ? -9.880  18.202  -4.177  1.00 29.65 ? 1044 HOH A O     1 
HETATM 1178 O  O     . HOH F 5 .   ? 10.268  -0.632  -8.301  1.00 29.35 ? 1045 HOH A O     1 
HETATM 1179 O  O     . HOH F 5 .   ? -7.793  16.879  -12.418 1.00 31.73 ? 1046 HOH A O     1 
HETATM 1180 O  O     . HOH F 5 .   ? -7.633  -16.559 -7.373  1.00 25.83 ? 1047 HOH A O     1 
HETATM 1181 O  O     . HOH F 5 .   ? 3.451   17.269  12.034  1.00 30.76 ? 1048 HOH A O     1 
HETATM 1182 O  O     . HOH F 5 .   ? 0.715   1.332   -18.978 1.00 23.18 ? 1049 HOH A O     1 
HETATM 1183 O  O     . HOH F 5 .   ? 15.851  16.832  4.115   1.00 28.90 ? 1050 HOH A O     1 
HETATM 1184 O  O     . HOH F 5 .   ? -11.621 -6.843  5.029   1.00 29.84 ? 1051 HOH A O     1 
HETATM 1185 O  O     . HOH F 5 .   ? -0.797  24.788  2.267   1.00 34.19 ? 1052 HOH A O     1 
HETATM 1186 O  O     . HOH F 5 .   ? 4.601   10.796  -6.344  1.00 42.81 ? 1053 HOH A O     1 
HETATM 1187 O  O     . HOH F 5 .   ? 8.548   0.561   -4.441  1.00 35.28 ? 1054 HOH A O     1 
HETATM 1188 O  O     . HOH F 5 .   ? 2.130   -18.624 -7.147  1.00 30.63 ? 1055 HOH A O     1 
HETATM 1189 O  O     . HOH F 5 .   ? 12.022  2.372   26.380  1.00 35.81 ? 1056 HOH A O     1 
HETATM 1190 O  O     . HOH F 5 .   ? 15.139  -10.329 -8.620  1.00 33.21 ? 1057 HOH A O     1 
HETATM 1191 O  O     . HOH F 5 .   ? 3.505   -1.395  -15.690 1.00 38.31 ? 1058 HOH A O     1 
HETATM 1192 O  O     . HOH F 5 .   ? 3.827   1.428   -12.241 1.00 29.20 ? 1059 HOH A O     1 
HETATM 1193 O  O     . HOH F 5 .   ? -9.910  -17.853 3.816   1.00 44.39 ? 1060 HOH A O     1 
HETATM 1194 O  O     . HOH F 5 .   ? -12.276 -7.587  -6.712  1.00 32.36 ? 1061 HOH A O     1 
HETATM 1195 O  O     . HOH F 5 .   ? -8.405  6.172   -22.930 1.00 33.57 ? 1062 HOH A O     1 
HETATM 1196 O  O     . HOH F 5 .   ? 5.042   0.904   -10.035 1.00 29.74 ? 1063 HOH A O     1 
HETATM 1197 O  O     . HOH F 5 .   ? -6.210  -7.453  8.896   1.00 23.58 ? 1064 HOH A O     1 
HETATM 1198 O  O     . HOH F 5 .   ? -3.792  2.665   -10.378 1.00 27.84 ? 1065 HOH A O     1 
HETATM 1199 O  O     . HOH F 5 .   ? -1.868  0.934   -8.367  1.00 30.12 ? 1066 HOH A O     1 
HETATM 1200 O  O     . HOH F 5 .   ? -9.681  -11.253 4.893   1.00 35.80 ? 1067 HOH A O     1 
HETATM 1201 O  O     . HOH F 5 .   ? 3.619   -23.639 32.782  1.00 39.52 ? 1068 HOH A O     1 
HETATM 1202 O  O     . HOH F 5 .   ? -5.500  -2.861  -18.823 1.00 40.66 ? 1069 HOH A O     1 
HETATM 1203 O  O     . HOH F 5 .   ? 0.557   11.349  -12.446 1.00 37.41 ? 1070 HOH A O     1 
HETATM 1204 O  O     . HOH F 5 .   ? 7.579   0.417   -8.512  1.00 36.54 ? 1071 HOH A O     1 
HETATM 1205 O  O     . HOH F 5 .   ? -0.394  -24.624 14.940  1.00 48.07 ? 1072 HOH A O     1 
HETATM 1206 O  O     . HOH F 5 .   ? 16.534  -8.261  34.705  1.00 41.46 ? 1073 HOH A O     1 
HETATM 1207 O  O     . HOH F 5 .   ? -12.368 3.222   -10.735 1.00 34.77 ? 1074 HOH A O     1 
HETATM 1208 O  O     . HOH F 5 .   ? -13.923 7.708   -15.128 1.00 43.74 ? 1075 HOH A O     1 
HETATM 1209 O  O     . HOH F 5 .   ? -9.319  18.476  -8.932  1.00 39.57 ? 1076 HOH A O     1 
HETATM 1210 O  O     . HOH F 5 .   ? 7.884   16.917  6.110   1.00 33.24 ? 1077 HOH A O     1 
HETATM 1211 O  O     . HOH F 5 .   ? 7.790   -6.129  -12.131 1.00 32.35 ? 1078 HOH A O     1 
HETATM 1212 O  O     . HOH F 5 .   ? -1.041  21.851  -3.367  1.00 39.25 ? 1079 HOH A O     1 
HETATM 1213 O  O     . HOH F 5 .   ? 7.515   21.278  9.749   1.00 41.26 ? 1080 HOH A O     1 
HETATM 1214 O  O     . HOH F 5 .   ? -0.796  18.175  10.037  1.00 41.27 ? 1081 HOH A O     1 
HETATM 1215 O  O     . HOH F 5 .   ? -14.151 -5.528  -6.221  1.00 44.48 ? 1082 HOH A O     1 
HETATM 1216 O  O     . HOH F 5 .   ? 5.150   20.352  6.098   1.00 35.49 ? 1083 HOH A O     1 
HETATM 1217 O  O     . HOH F 5 .   ? -12.669 4.103   -15.716 1.00 36.94 ? 1084 HOH A O     1 
HETATM 1218 O  O     . HOH F 5 .   ? -0.905  -18.666 -4.046  1.00 31.66 ? 1085 HOH A O     1 
HETATM 1219 O  O     . HOH F 5 .   ? -7.626  -1.905  -19.851 1.00 38.43 ? 1086 HOH A O     1 
HETATM 1220 O  O     . HOH F 5 .   ? -0.724  -21.327 7.653   1.00 45.61 ? 1087 HOH A O     1 
HETATM 1221 O  O     . HOH F 5 .   ? -14.181 13.900  -13.944 1.00 43.19 ? 1088 HOH A O     1 
HETATM 1222 O  O     . HOH F 5 .   ? -13.419 13.503  -9.960  1.00 39.78 ? 1089 HOH A O     1 
HETATM 1223 O  O     . HOH F 5 .   ? 3.085   -5.480  -13.341 1.00 58.96 ? 1090 HOH A O     1 
HETATM 1224 O  O     . HOH F 5 .   ? -5.709  21.056  -6.471  1.00 45.02 ? 1091 HOH A O     1 
HETATM 1225 O  O     . HOH F 5 .   ? -9.077  20.906  5.899   1.00 48.34 ? 1092 HOH A O     1 
HETATM 1226 O  O     . HOH F 5 .   ? -12.330 -3.110  1.983   1.00 58.88 ? 1093 HOH A O     1 
HETATM 1227 O  O     . HOH F 5 .   ? -6.086  21.831  7.208   1.00 35.84 ? 1094 HOH A O     1 
HETATM 1228 O  O     . HOH F 5 .   ? -7.138  18.799  8.825   1.00 41.68 ? 1095 HOH A O     1 
HETATM 1229 O  O     . HOH F 5 .   ? -10.535 14.212  2.612   1.00 45.48 ? 1096 HOH A O     1 
HETATM 1230 O  O     . HOH F 5 .   ? -14.158 -3.562  10.319  1.00 38.96 ? 1097 HOH A O     1 
HETATM 1231 O  O     . HOH F 5 .   ? -11.431 -3.313  -16.235 1.00 42.78 ? 1098 HOH A O     1 
HETATM 1232 O  O     . HOH F 5 .   ? -11.220 -3.426  4.399   1.00 53.12 ? 1099 HOH A O     1 
HETATM 1233 O  O     . HOH F 5 .   ? -10.865 13.792  -0.422  1.00 44.63 ? 1100 HOH A O     1 
HETATM 1234 O  O     . HOH F 5 .   ? -11.387 -7.502  -14.812 1.00 48.36 ? 1101 HOH A O     1 
HETATM 1235 O  O     . HOH F 5 .   ? -0.525  -16.617 -5.360  1.00 44.28 ? 1102 HOH A O     1 
HETATM 1236 O  O     . HOH F 5 .   ? -15.184 7.009   -11.184 1.00 44.69 ? 1103 HOH A O     1 
HETATM 1237 O  O     . HOH F 5 .   ? -9.875  16.875  -1.014  1.00 57.48 ? 1104 HOH A O     1 
HETATM 1238 O  O     . HOH F 5 .   ? -2.053  -24.661 21.557  1.00 48.15 ? 1105 HOH A O     1 
HETATM 1239 O  O     . HOH F 5 .   ? -13.889 -12.519 -0.796  1.00 51.92 ? 1106 HOH A O     1 
HETATM 1240 O  O     . HOH F 5 .   ? -5.776  22.786  0.653   1.00 40.06 ? 1107 HOH A O     1 
HETATM 1241 O  O     . HOH F 5 .   ? -5.250  -9.510  9.443   1.00 28.37 ? 1108 HOH A O     1 
HETATM 1242 O  O     . HOH F 5 .   ? -4.599  -19.423 16.357  1.00 40.69 ? 1109 HOH A O     1 
HETATM 1243 O  O     . HOH F 5 .   ? -7.554  -6.277  11.869  1.00 16.60 ? 1110 HOH A O     1 
HETATM 1244 O  O     . HOH F 5 .   ? -10.261 -7.110  12.220  1.00 22.39 ? 1111 HOH A O     1 
HETATM 1245 O  O     . HOH F 5 .   ? 13.049  -0.286  -6.562  1.00 38.12 ? 1112 HOH A O     1 
HETATM 1246 O  O     . HOH F 5 .   ? -9.773  17.511  -13.139 1.00 35.06 ? 1113 HOH A O     1 
HETATM 1247 O  O     . HOH F 5 .   ? 6.359   -6.149  -3.750  1.00 31.89 ? 1114 HOH A O     1 
HETATM 1248 O  O     . HOH F 5 .   ? -11.364 11.024  -4.545  1.00 25.43 ? 1115 HOH A O     1 
HETATM 1249 O  O     . HOH F 5 .   ? 2.035   12.364  -10.370 1.00 40.19 ? 1116 HOH A O     1 
HETATM 1250 O  O     . HOH F 5 .   ? 2.976   9.561   -13.215 0.50 29.10 ? 1117 HOH A O     1 
HETATM 1251 O  O     . HOH F 5 .   ? 15.008  16.268  24.563  1.00 27.01 ? 1118 HOH A O     1 
HETATM 1252 O  O     . HOH F 5 .   ? -0.884  -23.686 3.196   1.00 45.19 ? 1119 HOH A O     1 
HETATM 1253 O  O     . HOH F 5 .   ? -14.156 -0.546  -8.779  1.00 35.61 ? 1120 HOH A O     1 
HETATM 1254 O  O     . HOH F 5 .   ? -10.686 3.814   -20.388 1.00 38.34 ? 1121 HOH A O     1 
HETATM 1255 O  O     . HOH F 5 .   ? -11.144 10.028  4.185   1.00 32.69 ? 1122 HOH A O     1 
HETATM 1256 O  O     . HOH F 5 .   ? -9.829  -9.780  7.841   1.00 30.86 ? 1123 HOH A O     1 
HETATM 1257 O  O     . HOH F 5 .   ? 0.254   -3.145  -18.801 1.00 40.38 ? 1124 HOH A O     1 
HETATM 1258 O  O     . HOH F 5 .   ? 5.608   -17.579 2.101   1.00 33.96 ? 1125 HOH A O     1 
HETATM 1259 O  O     . HOH F 5 .   ? 11.385  -21.385 29.486  1.00 68.50 ? 1126 HOH A O     1 
HETATM 1260 O  O     . HOH F 5 .   ? 12.641  8.249   28.285  1.00 46.99 ? 1127 HOH A O     1 
HETATM 1261 O  O     . HOH F 5 .   ? -11.326 6.603   -9.139  1.00 37.92 ? 1128 HOH A O     1 
HETATM 1262 O  O     . HOH F 5 .   ? -12.532 8.454   -5.313  1.00 35.76 ? 1129 HOH A O     1 
HETATM 1263 O  O     . HOH F 5 .   ? -15.558 -7.076  -8.075  1.00 51.60 ? 1130 HOH A O     1 
HETATM 1264 O  O     . HOH F 5 .   ? -3.969  -20.530 14.496  1.00 52.94 ? 1131 HOH A O     1 
HETATM 1265 O  O     . HOH F 5 .   ? 6.809   -23.196 29.988  1.00 44.28 ? 1132 HOH A O     1 
HETATM 1266 O  O     . HOH F 5 .   ? -11.545 -17.225 -4.977  1.00 42.98 ? 1133 HOH A O     1 
HETATM 1267 O  O     . HOH F 5 .   ? -9.322  -3.781  -18.751 1.00 36.28 ? 1134 HOH A O     1 
HETATM 1268 O  O     . HOH F 5 .   ? -8.496  -8.098  10.242  1.00 26.22 ? 1135 HOH A O     1 
HETATM 1269 O  O     . HOH F 5 .   ? 5.929   18.427  4.725   1.00 40.59 ? 1136 HOH A O     1 
HETATM 1270 O  O     . HOH F 5 .   ? -6.669  -20.061 -1.275  1.00 40.17 ? 1137 HOH A O     1 
HETATM 1271 O  O     . HOH F 5 .   ? -3.703  -18.309 -6.923  1.00 40.94 ? 1138 HOH A O     1 
HETATM 1272 O  O     . HOH F 5 .   ? -13.463 12.032  -15.878 1.00 45.52 ? 1139 HOH A O     1 
HETATM 1273 O  O     . HOH F 5 .   ? -2.381  -4.950  -18.583 1.00 50.80 ? 1140 HOH A O     1 
HETATM 1274 O  O     . HOH F 5 .   ? 10.999  4.531   27.452  1.00 58.70 ? 1141 HOH A O     1 
HETATM 1275 O  O     . HOH F 5 .   ? -3.539  -19.729 32.379  1.00 41.40 ? 1142 HOH A O     1 
HETATM 1276 O  O     . HOH F 5 .   ? -13.205 -4.043  -0.202  1.00 43.45 ? 1143 HOH A O     1 
HETATM 1277 O  O     . HOH F 5 .   ? 9.618   19.865  1.946   1.00 49.57 ? 1144 HOH A O     1 
HETATM 1278 O  O     . HOH F 5 .   ? -12.738 -0.822  0.961   1.00 61.09 ? 1145 HOH A O     1 
HETATM 1279 O  O     . HOH F 5 .   ? 3.808   19.792  -3.357  1.00 38.02 ? 1146 HOH A O     1 
HETATM 1280 O  O     . HOH F 5 .   ? -15.600 1.110   -7.374  1.00 46.74 ? 1147 HOH A O     1 
HETATM 1281 O  O     . HOH F 5 .   ? 4.711   -24.748 30.521  1.00 53.46 ? 1148 HOH A O     1 
HETATM 1282 O  O     . HOH F 5 .   ? 4.485   -18.496 0.116   1.00 46.18 ? 1149 HOH A O     1 
HETATM 1283 O  O     . HOH F 5 .   ? 8.279   2.091   -9.851  1.00 35.70 ? 1150 HOH A O     1 
HETATM 1284 O  O     . HOH F 5 .   ? -12.710 4.682   -8.730  1.00 42.34 ? 1151 HOH A O     1 
HETATM 1285 O  O     . HOH F 5 .   ? -11.236 12.158  -7.313  1.00 48.80 ? 1152 HOH A O     1 
HETATM 1286 O  O     . HOH F 5 .   ? 17.500  -4.408  -12.750 1.00 53.04 ? 1153 HOH A O     1 
HETATM 1287 O  O     . HOH F 5 .   ? -4.605  -18.553 -11.106 1.00 44.63 ? 1154 HOH A O     1 
HETATM 1288 O  O     . HOH F 5 .   ? 6.848   0.151   -11.716 1.00 41.58 ? 1155 HOH A O     1 
HETATM 1289 O  O     . HOH F 5 .   ? -0.781  24.213  7.961   1.00 47.54 ? 1156 HOH A O     1 
HETATM 1290 O  O     . HOH F 5 .   ? -13.572 4.567   -3.097  1.00 49.52 ? 1157 HOH A O     1 
HETATM 1291 O  O     . HOH F 5 .   ? 1.702   -24.646 32.098  1.00 46.13 ? 1158 HOH A O     1 
HETATM 1292 O  O     . HOH F 5 .   ? 8.194   4.199   -11.329 1.00 66.49 ? 1159 HOH A O     1 
HETATM 1293 O  O     . HOH F 5 .   ? -8.033  21.441  0.154   1.00 56.79 ? 1160 HOH A O     1 
HETATM 1294 O  O     . HOH F 5 .   ? 15.019  5.109   29.478  1.00 41.98 ? 1161 HOH A O     1 
HETATM 1295 O  O     . HOH F 5 .   ? -3.246  19.926  10.631  1.00 45.10 ? 1162 HOH A O     1 
HETATM 1296 O  O     . HOH F 5 .   ? 15.718  -5.401  29.930  1.00 74.11 ? 1163 HOH A O     1 
HETATM 1297 O  O     . HOH F 5 .   ? -7.932  1.336   -23.368 1.00 40.83 ? 1164 HOH A O     1 
HETATM 1298 O  O     . HOH F 5 .   ? -11.541 16.342  -5.106  1.00 44.84 ? 1165 HOH A O     1 
HETATM 1299 O  O     . HOH F 5 .   ? 1.818   25.836  4.732   1.00 56.59 ? 1166 HOH A O     1 
HETATM 1300 O  O     . HOH F 5 .   ? 3.223   -2.152  -19.946 1.00 41.12 ? 1167 HOH A O     1 
HETATM 1301 O  O     . HOH F 5 .   ? 6.591   2.176   -13.630 1.00 41.92 ? 1168 HOH A O     1 
HETATM 1302 O  O     . HOH F 5 .   ? 14.361  16.779  1.666   1.00 49.71 ? 1169 HOH A O     1 
HETATM 1303 O  O     . HOH F 5 .   ? -15.447 -6.209  -3.232  1.00 57.82 ? 1170 HOH A O     1 
HETATM 1304 O  O     . HOH F 5 .   ? -2.061  8.642   -16.161 0.50 58.32 ? 1171 HOH A O     1 
HETATM 1305 O  O     . HOH F 5 .   ? 6.769   8.616   -13.577 1.00 37.95 ? 1172 HOH A O     1 
HETATM 1306 O  O     . HOH F 5 .   ? -13.647 8.518   -1.035  1.00 48.48 ? 1173 HOH A O     1 
HETATM 1307 O  O     . HOH F 5 .   ? 14.850  1.233   -13.032 1.00 47.54 ? 1174 HOH A O     1 
HETATM 1308 O  O     . HOH F 5 .   ? -4.078  -17.665 17.840  1.00 55.17 ? 1175 HOH A O     1 
HETATM 1309 O  O     . HOH F 5 .   ? -6.570  -18.869 -6.181  1.00 40.37 ? 1176 HOH A O     1 
HETATM 1310 O  O     . HOH F 5 .   ? 2.806   -26.319 27.495  1.00 47.82 ? 1177 HOH A O     1 
HETATM 1311 O  O     . HOH F 5 .   ? -10.729 -17.653 0.792   1.00 46.98 ? 1178 HOH A O     1 
HETATM 1312 O  O     . HOH F 5 .   ? 3.654   -4.672  -16.095 1.00 54.27 ? 1179 HOH A O     1 
HETATM 1313 O  O     . HOH F 5 .   ? -17.728 7.141   -11.242 1.00 56.68 ? 1180 HOH A O     1 
HETATM 1314 O  O     . HOH F 5 .   ? -14.978 -2.451  -11.617 1.00 49.16 ? 1181 HOH A O     1 
HETATM 1315 O  O     . HOH F 5 .   ? -14.579 0.498   -13.821 1.00 43.35 ? 1182 HOH A O     1 
HETATM 1316 O  O     . HOH F 5 .   ? 15.260  -10.663 34.564  1.00 54.27 ? 1183 HOH A O     1 
HETATM 1317 O  O     . HOH F 5 .   ? -12.027 14.879  -2.997  1.00 60.66 ? 1184 HOH A O     1 
HETATM 1318 O  O     . HOH F 5 .   ? -14.209 -15.379 -5.858  1.00 60.05 ? 1185 HOH A O     1 
HETATM 1319 O  O     . HOH F 5 .   ? 4.193   -20.098 -13.551 1.00 34.99 ? 1186 HOH A O     1 
HETATM 1320 O  O     . HOH F 5 .   ? -11.965 4.924   -18.350 1.00 48.66 ? 1187 HOH A O     1 
HETATM 1321 O  O     . HOH F 5 .   ? 6.745   24.618  2.672   1.00 50.90 ? 1188 HOH A O     1 
HETATM 1322 O  O     . HOH F 5 .   ? -11.764 -16.334 4.008   1.00 52.22 ? 1189 HOH A O     1 
HETATM 1323 O  O     . HOH F 5 .   ? -16.394 12.294  -13.501 1.00 56.45 ? 1190 HOH A O     1 
HETATM 1324 O  O     . HOH F 5 .   ? 1.243   -25.829 29.547  1.00 56.98 ? 1191 HOH A O     1 
HETATM 1325 O  O     . HOH F 5 .   ? -14.622 -2.351  -6.409  1.00 57.42 ? 1192 HOH A O     1 
HETATM 1326 O  O     . HOH F 5 .   ? -0.855  25.551  4.774   1.00 62.87 ? 1193 HOH A O     1 
HETATM 1327 O  O     . HOH F 5 .   ? 4.318   -18.697 -7.194  0.50 27.31 ? 1194 HOH A O     1 
HETATM 1328 O  O     . HOH F 5 .   ? 8.523   23.422  7.812   1.00 56.12 ? 1195 HOH A O     1 
HETATM 1329 O  O     . HOH F 5 .   ? -11.512 15.022  4.932   1.00 63.49 ? 1196 HOH A O     1 
HETATM 1330 O  O     . HOH F 5 .   ? -10.987 15.511  -7.168  1.00 56.89 ? 1197 HOH A O     1 
HETATM 1331 O  O     . HOH F 5 .   ? -12.465 -2.133  -1.596  1.00 51.72 ? 1198 HOH A O     1 
HETATM 1332 O  O     . HOH F 5 .   ? -16.213 -6.642  -10.335 1.00 55.12 ? 1199 HOH A O     1 
HETATM 1333 O  O     . HOH F 5 .   ? -13.199 -9.835  -6.425  1.00 54.40 ? 1200 HOH A O     1 
HETATM 1334 O  O     . HOH F 5 .   ? -2.146  -3.231  -21.027 1.00 56.46 ? 1201 HOH A O     1 
HETATM 1335 O  O     . HOH F 5 .   ? -12.591 17.566  -9.635  1.00 58.44 ? 1202 HOH A O     1 
HETATM 1336 O  O     . HOH F 5 .   ? 9.797   -23.528 29.784  1.00 60.44 ? 1203 HOH A O     1 
HETATM 1337 O  O     . HOH F 5 .   ? 3.867   25.651  6.430   1.00 57.62 ? 1204 HOH A O     1 
HETATM 1338 O  O     . HOH F 5 .   ? -13.987 -12.021 -5.205  1.00 50.08 ? 1205 HOH A O     1 
HETATM 1339 O  O     . HOH F 5 .   ? 9.631   0.354   -6.462  1.00 30.20 ? 1206 HOH A O     1 
HETATM 1340 O  O     . HOH F 5 .   ? 0.163   21.242  -5.512  1.00 46.10 ? 1207 HOH A O     1 
HETATM 1341 O  O     . HOH F 5 .   ? 12.009  -7.193  -10.610 1.00 57.48 ? 1208 HOH A O     1 
HETATM 1342 O  O     . HOH F 5 .   ? 5.220   24.386  8.314   1.00 61.02 ? 1209 HOH A O     1 
HETATM 1343 O  O     . HOH F 5 .   ? -10.134 20.908  -4.212  1.00 59.85 ? 1210 HOH A O     1 
HETATM 1344 O  O     . HOH F 5 .   ? -3.001  25.074  3.221   1.00 59.29 ? 1211 HOH A O     1 
HETATM 1345 O  O     . HOH F 5 .   ? -7.811  20.346  -7.936  1.00 66.18 ? 1212 HOH A O     1 
HETATM 1346 O  O     . HOH F 5 .   ? -13.868 -3.241  -16.352 1.00 60.47 ? 1213 HOH A O     1 
HETATM 1347 O  O     . HOH F 5 .   ? -1.685  24.493  -3.486  1.00 65.60 ? 1214 HOH A O     1 
HETATM 1348 O  O     . HOH F 5 .   ? -9.899  20.629  -13.409 1.00 71.11 ? 1215 HOH A O     1 
HETATM 1349 O  O     . HOH F 5 .   ? -9.715  20.257  1.586   1.00 54.63 ? 1216 HOH A O     1 
HETATM 1350 O  O     . HOH F 5 .   ? -7.984  23.503  4.728   1.00 56.16 ? 1217 HOH A O     1 
HETATM 1351 O  O     . HOH F 5 .   ? -12.172 -9.033  10.759  1.00 60.61 ? 1218 HOH A O     1 
HETATM 1352 O  O     . HOH F 5 .   ? -5.468  24.304  2.817   1.00 57.71 ? 1219 HOH A O     1 
HETATM 1353 O  O     . HOH F 5 .   ? 9.274   -21.781 34.474  1.00 64.45 ? 1220 HOH A O     1 
# 
loop_
_pdbx_poly_seq_scheme.asym_id 
_pdbx_poly_seq_scheme.entity_id 
_pdbx_poly_seq_scheme.seq_id 
_pdbx_poly_seq_scheme.mon_id 
_pdbx_poly_seq_scheme.ndb_seq_num 
_pdbx_poly_seq_scheme.pdb_seq_num 
_pdbx_poly_seq_scheme.auth_seq_num 
_pdbx_poly_seq_scheme.pdb_mon_id 
_pdbx_poly_seq_scheme.auth_mon_id 
_pdbx_poly_seq_scheme.pdb_strand_id 
_pdbx_poly_seq_scheme.pdb_ins_code 
_pdbx_poly_seq_scheme.hetero 
A 1 1   MET 1   1   1   MET MET A . n 
A 1 2   MET 2   2   2   MET MET A . n 
A 1 3   LYS 3   3   3   LYS LYS A . n 
A 1 4   LYS 4   4   4   LYS LYS A . n 
A 1 5   ILE 5   5   5   ILE ILE A . n 
A 1 6   ASP 6   6   6   ASP ASP A . n 
A 1 7   VAL 7   7   7   VAL VAL A . n 
A 1 8   LYS 8   8   8   LYS LYS A . n 
A 1 9   ILE 9   9   9   ILE ILE A . n 
A 1 10  LEU 10  10  10  LEU LEU A . n 
A 1 11  ASP 11  11  11  ASP ASP A . n 
A 1 12  PRO 12  12  12  PRO PRO A . n 
A 1 13  ARG 13  13  13  ARG ARG A . n 
A 1 14  VAL 14  14  14  VAL VAL A . n 
A 1 15  GLY 15  15  15  GLY GLY A . n 
A 1 16  LYS 16  16  16  LYS LYS A . n 
A 1 17  GLU 17  17  17  GLU GLU A . n 
A 1 18  PHE 18  18  18  PHE PHE A . n 
A 1 19  PRO 19  19  19  PRO PRO A . n 
A 1 20  LEU 20  20  20  LEU LEU A . n 
A 1 21  PRO 21  21  21  PRO PRO A . n 
A 1 22  THR 22  22  22  THR THR A . n 
A 1 23  TYR 23  23  23  TYR TYR A . n 
A 1 24  ALA 24  24  24  ALA ALA A . n 
A 1 25  THR 25  25  25  THR THR A . n 
A 1 26  SER 26  26  26  SER SER A . n 
A 1 27  GLY 27  27  27  GLY GLY A . n 
A 1 28  SER 28  28  28  SER SER A . n 
A 1 29  ALA 29  29  29  ALA ALA A . n 
A 1 30  GLY 30  30  30  GLY GLY A . n 
A 1 31  LEU 31  31  31  LEU LEU A . n 
A 1 32  ASP 32  32  32  ASP ASP A . n 
A 1 33  LEU 33  33  33  LEU LEU A . n 
A 1 34  ARG 34  34  34  ARG ARG A . n 
A 1 35  ALA 35  35  35  ALA ALA A . n 
A 1 36  CYS 36  36  36  CYS CYS A . n 
A 1 37  LEU 37  37  37  LEU LEU A . n 
A 1 38  ASN 38  38  38  ASN ASN A . n 
A 1 39  ASP 39  39  39  ASP ASP A . n 
A 1 40  ALA 40  40  40  ALA ALA A . n 
A 1 41  VAL 41  41  41  VAL VAL A . n 
A 1 42  GLU 42  42  42  GLU GLU A . n 
A 1 43  LEU 43  43  43  LEU LEU A . n 
A 1 44  ALA 44  44  44  ALA ALA A . n 
A 1 45  PRO 45  45  45  PRO PRO A . n 
A 1 46  GLY 46  46  46  GLY GLY A . n 
A 1 47  ASP 47  47  47  ASP ASP A . n 
A 1 48  THR 48  48  48  THR THR A . n 
A 1 49  THR 49  49  49  THR THR A . n 
A 1 50  LEU 50  50  50  LEU LEU A . n 
A 1 51  VAL 51  51  51  VAL VAL A . n 
A 1 52  PRO 52  52  52  PRO PRO A . n 
A 1 53  THR 53  53  53  THR THR A . n 
A 1 54  GLY 54  54  54  GLY GLY A . n 
A 1 55  LEU 55  55  55  LEU LEU A . n 
A 1 56  ALA 56  56  56  ALA ALA A . n 
A 1 57  ILE 57  57  57  ILE ILE A . n 
A 1 58  HIS 58  58  58  HIS HIS A . n 
A 1 59  ILE 59  59  59  ILE ILE A . n 
A 1 60  ALA 60  60  60  ALA ALA A . n 
A 1 61  ASP 61  61  61  ASP ASP A . n 
A 1 62  PRO 62  62  62  PRO PRO A . n 
A 1 63  SER 63  63  63  SER SER A . n 
A 1 64  LEU 64  64  64  LEU LEU A . n 
A 1 65  ALA 65  65  65  ALA ALA A . n 
A 1 66  ALA 66  66  66  ALA ALA A . n 
A 1 67  MET 67  67  67  MET MET A . n 
A 1 68  MET 68  68  68  MET MET A . n 
A 1 69  LEU 69  69  69  LEU LEU A . n 
A 1 70  PRO 70  70  70  PRO PRO A . n 
A 1 71  ARG 71  71  71  ARG ARG A . n 
A 1 72  SER 72  72  72  SER SER A . n 
A 1 73  GLY 73  73  73  GLY GLY A . n 
A 1 74  LEU 74  74  74  LEU LEU A . n 
A 1 75  GLY 75  75  75  GLY GLY A . n 
A 1 76  HIS 76  76  76  HIS HIS A . n 
A 1 77  LYS 77  77  77  LYS LYS A . n 
A 1 78  HIS 78  78  78  HIS HIS A . n 
A 1 79  GLY 79  79  79  GLY GLY A . n 
A 1 80  ILE 80  80  80  ILE ILE A . n 
A 1 81  VAL 81  81  81  VAL VAL A . n 
A 1 82  LEU 82  82  82  LEU LEU A . n 
A 1 83  GLY 83  83  83  GLY GLY A . n 
A 1 84  ASN 84  84  84  ASN ASN A . n 
A 1 85  LEU 85  85  85  LEU LEU A . n 
A 1 86  VAL 86  86  86  VAL VAL A . n 
A 1 87  GLY 87  87  87  GLY GLY A . n 
A 1 88  LEU 88  88  88  LEU LEU A . n 
A 1 89  ILE 89  89  89  ILE ILE A . n 
A 1 90  ASN 90  90  90  ASN ASN A . n 
A 1 91  SER 91  91  91  SER SER A . n 
A 1 92  ASP 92  92  92  ASP ASP A . n 
A 1 93  TYR 93  93  93  TYR TYR A . n 
A 1 94  GLN 94  94  94  GLN GLN A . n 
A 1 95  GLY 95  95  95  GLY GLY A . n 
A 1 96  GLN 96  96  96  GLN GLN A . n 
A 1 97  LEU 97  97  97  LEU LEU A . n 
A 1 98  MET 98  98  98  MET MET A . n 
A 1 99  ILE 99  99  99  ILE ILE A . n 
A 1 100 SER 100 100 100 SER SER A . n 
A 1 101 VAL 101 101 101 VAL VAL A . n 
A 1 102 TRP 102 102 102 TRP TRP A . n 
A 1 103 ASN 103 103 103 ASN ASN A . n 
A 1 104 ARG 104 104 104 ARG ARG A . n 
A 1 105 GLY 105 105 105 GLY GLY A . n 
A 1 106 GLN 106 106 106 GLN GLN A . n 
A 1 107 ASP 107 107 107 ASP ASP A . n 
A 1 108 SER 108 108 108 SER SER A . n 
A 1 109 PHE 109 109 109 PHE PHE A . n 
A 1 110 THR 110 110 110 THR THR A . n 
A 1 111 ILE 111 111 111 ILE ILE A . n 
A 1 112 GLN 112 112 112 GLN GLN A . n 
A 1 113 PRO 113 113 113 PRO PRO A . n 
A 1 114 GLY 114 114 114 GLY GLY A . n 
A 1 115 GLU 115 115 115 GLU GLU A . n 
A 1 116 ARG 116 116 116 ARG ARG A . n 
A 1 117 ILE 117 117 117 ILE ILE A . n 
A 1 118 ALA 118 118 118 ALA ALA A . n 
A 1 119 GLN 119 119 119 GLN GLN A . n 
A 1 120 MET 120 120 120 MET MET A . n 
A 1 121 ILE 121 121 121 ILE ILE A . n 
A 1 122 PHE 122 122 122 PHE PHE A . n 
A 1 123 VAL 123 123 123 VAL VAL A . n 
A 1 124 PRO 124 124 124 PRO PRO A . n 
A 1 125 VAL 125 125 125 VAL VAL A . n 
A 1 126 VAL 126 126 126 VAL VAL A . n 
A 1 127 GLN 127 127 127 GLN GLN A . n 
A 1 128 ALA 128 128 128 ALA ALA A . n 
A 1 129 GLU 129 129 129 GLU GLU A . n 
A 1 130 PHE 130 130 130 PHE PHE A . n 
A 1 131 ASN 131 131 131 ASN ASN A . n 
A 1 132 LEU 132 132 132 LEU LEU A . n 
A 1 133 VAL 133 133 133 VAL VAL A . n 
A 1 134 GLU 134 134 134 GLU GLU A . n 
A 1 135 ASP 135 135 135 ASP ASP A . n 
A 1 136 PHE 136 136 136 PHE PHE A . n 
A 1 137 ASP 137 137 ?   ?   ?   A . n 
A 1 138 ALA 138 138 ?   ?   ?   A . n 
A 1 139 THR 139 139 ?   ?   ?   A . n 
A 1 140 ASP 140 140 ?   ?   ?   A . n 
A 1 141 ARG 141 141 141 ARG ARG A . n 
A 1 142 GLY 142 142 ?   ?   ?   A . n 
A 1 143 GLU 143 143 ?   ?   ?   A . n 
A 1 144 GLY 144 144 ?   ?   ?   A . n 
A 1 145 GLY 145 145 ?   ?   ?   A . n 
A 1 146 PHE 146 146 146 PHE PHE A . n 
A 1 147 GLY 147 147 ?   ?   ?   A . n 
A 1 148 HIS 148 148 ?   ?   ?   A . n 
A 1 149 SER 149 149 ?   ?   ?   A . n 
A 1 150 GLY 150 150 ?   ?   ?   A . n 
A 1 151 ARG 151 151 151 ARG ARG A . n 
A 1 152 GLN 152 152 152 GLN GLN A . n 
# 
loop_
_pdbx_nonpoly_scheme.asym_id 
_pdbx_nonpoly_scheme.entity_id 
_pdbx_nonpoly_scheme.mon_id 
_pdbx_nonpoly_scheme.ndb_seq_num 
_pdbx_nonpoly_scheme.pdb_seq_num 
_pdbx_nonpoly_scheme.auth_seq_num 
_pdbx_nonpoly_scheme.pdb_mon_id 
_pdbx_nonpoly_scheme.auth_mon_id 
_pdbx_nonpoly_scheme.pdb_strand_id 
_pdbx_nonpoly_scheme.pdb_ins_code 
B 2 MG  1   999  999 MG  MG  A . 
C 3 DUP 1   777  777 DUP UNP A . 
D 4 TRS 1   801  1   TRS TRS A . 
E 4 TRS 1   802  2   TRS TRS A . 
F 5 HOH 1   1000 1   HOH HOH A . 
F 5 HOH 2   1001 2   HOH HOH A . 
F 5 HOH 3   1002 3   HOH HOH A . 
F 5 HOH 4   1003 4   HOH HOH A . 
F 5 HOH 5   1004 5   HOH HOH A . 
F 5 HOH 6   1005 6   HOH HOH A . 
F 5 HOH 7   1006 7   HOH HOH A . 
F 5 HOH 8   1007 8   HOH HOH A . 
F 5 HOH 9   1008 9   HOH HOH A . 
F 5 HOH 10  1009 10  HOH HOH A . 
F 5 HOH 11  1010 11  HOH HOH A . 
F 5 HOH 12  1011 12  HOH HOH A . 
F 5 HOH 13  1012 13  HOH HOH A . 
F 5 HOH 14  1013 14  HOH HOH A . 
F 5 HOH 15  1014 15  HOH HOH A . 
F 5 HOH 16  1015 16  HOH HOH A . 
F 5 HOH 17  1016 17  HOH HOH A . 
F 5 HOH 18  1017 18  HOH HOH A . 
F 5 HOH 19  1018 19  HOH HOH A . 
F 5 HOH 20  1019 20  HOH HOH A . 
F 5 HOH 21  1020 21  HOH HOH A . 
F 5 HOH 22  1021 22  HOH HOH A . 
F 5 HOH 23  1022 23  HOH HOH A . 
F 5 HOH 24  1023 24  HOH HOH A . 
F 5 HOH 25  1024 25  HOH HOH A . 
F 5 HOH 26  1025 26  HOH HOH A . 
F 5 HOH 27  1026 27  HOH HOH A . 
F 5 HOH 28  1027 28  HOH HOH A . 
F 5 HOH 29  1028 29  HOH HOH A . 
F 5 HOH 30  1029 30  HOH HOH A . 
F 5 HOH 31  1030 31  HOH HOH A . 
F 5 HOH 32  1031 32  HOH HOH A . 
F 5 HOH 33  1032 33  HOH HOH A . 
F 5 HOH 34  1033 34  HOH HOH A . 
F 5 HOH 35  1034 35  HOH HOH A . 
F 5 HOH 36  1035 36  HOH HOH A . 
F 5 HOH 37  1036 37  HOH HOH A . 
F 5 HOH 38  1037 38  HOH HOH A . 
F 5 HOH 39  1038 39  HOH HOH A . 
F 5 HOH 40  1039 40  HOH HOH A . 
F 5 HOH 41  1040 41  HOH HOH A . 
F 5 HOH 42  1041 42  HOH HOH A . 
F 5 HOH 43  1042 43  HOH HOH A . 
F 5 HOH 44  1043 44  HOH HOH A . 
F 5 HOH 45  1044 45  HOH HOH A . 
F 5 HOH 46  1045 46  HOH HOH A . 
F 5 HOH 47  1046 47  HOH HOH A . 
F 5 HOH 48  1047 48  HOH HOH A . 
F 5 HOH 49  1048 49  HOH HOH A . 
F 5 HOH 50  1049 50  HOH HOH A . 
F 5 HOH 51  1050 51  HOH HOH A . 
F 5 HOH 52  1051 52  HOH HOH A . 
F 5 HOH 53  1052 53  HOH HOH A . 
F 5 HOH 54  1053 54  HOH HOH A . 
F 5 HOH 55  1054 55  HOH HOH A . 
F 5 HOH 56  1055 56  HOH HOH A . 
F 5 HOH 57  1056 57  HOH HOH A . 
F 5 HOH 58  1057 58  HOH HOH A . 
F 5 HOH 59  1058 59  HOH HOH A . 
F 5 HOH 60  1059 60  HOH HOH A . 
F 5 HOH 61  1060 61  HOH HOH A . 
F 5 HOH 62  1061 62  HOH HOH A . 
F 5 HOH 63  1062 63  HOH HOH A . 
F 5 HOH 64  1063 64  HOH HOH A . 
F 5 HOH 65  1064 65  HOH HOH A . 
F 5 HOH 66  1065 66  HOH HOH A . 
F 5 HOH 67  1066 67  HOH HOH A . 
F 5 HOH 68  1067 68  HOH HOH A . 
F 5 HOH 69  1068 69  HOH HOH A . 
F 5 HOH 70  1069 70  HOH HOH A . 
F 5 HOH 71  1070 71  HOH HOH A . 
F 5 HOH 72  1071 72  HOH HOH A . 
F 5 HOH 73  1072 73  HOH HOH A . 
F 5 HOH 74  1073 74  HOH HOH A . 
F 5 HOH 75  1074 75  HOH HOH A . 
F 5 HOH 76  1075 76  HOH HOH A . 
F 5 HOH 77  1076 77  HOH HOH A . 
F 5 HOH 78  1077 78  HOH HOH A . 
F 5 HOH 79  1078 79  HOH HOH A . 
F 5 HOH 80  1079 80  HOH HOH A . 
F 5 HOH 81  1080 81  HOH HOH A . 
F 5 HOH 82  1081 82  HOH HOH A . 
F 5 HOH 83  1082 83  HOH HOH A . 
F 5 HOH 84  1083 84  HOH HOH A . 
F 5 HOH 85  1084 85  HOH HOH A . 
F 5 HOH 86  1085 86  HOH HOH A . 
F 5 HOH 87  1086 87  HOH HOH A . 
F 5 HOH 88  1087 88  HOH HOH A . 
F 5 HOH 89  1088 89  HOH HOH A . 
F 5 HOH 90  1089 90  HOH HOH A . 
F 5 HOH 91  1090 91  HOH HOH A . 
F 5 HOH 92  1091 92  HOH HOH A . 
F 5 HOH 93  1092 93  HOH HOH A . 
F 5 HOH 94  1093 94  HOH HOH A . 
F 5 HOH 95  1094 95  HOH HOH A . 
F 5 HOH 96  1095 96  HOH HOH A . 
F 5 HOH 97  1096 97  HOH HOH A . 
F 5 HOH 98  1097 98  HOH HOH A . 
F 5 HOH 99  1098 99  HOH HOH A . 
F 5 HOH 100 1099 100 HOH HOH A . 
F 5 HOH 101 1100 101 HOH HOH A . 
F 5 HOH 102 1101 102 HOH HOH A . 
F 5 HOH 103 1102 103 HOH HOH A . 
F 5 HOH 104 1103 104 HOH HOH A . 
F 5 HOH 105 1104 105 HOH HOH A . 
F 5 HOH 106 1105 106 HOH HOH A . 
F 5 HOH 107 1106 107 HOH HOH A . 
F 5 HOH 108 1107 108 HOH HOH A . 
F 5 HOH 109 1108 109 HOH HOH A . 
F 5 HOH 110 1109 110 HOH HOH A . 
F 5 HOH 111 1110 111 HOH HOH A . 
F 5 HOH 112 1111 112 HOH HOH A . 
F 5 HOH 113 1112 113 HOH HOH A . 
F 5 HOH 114 1113 114 HOH HOH A . 
F 5 HOH 115 1114 115 HOH HOH A . 
F 5 HOH 116 1115 116 HOH HOH A . 
F 5 HOH 117 1116 117 HOH HOH A . 
F 5 HOH 118 1117 118 HOH HOH A . 
F 5 HOH 119 1118 119 HOH HOH A . 
F 5 HOH 120 1119 120 HOH HOH A . 
F 5 HOH 121 1120 121 HOH HOH A . 
F 5 HOH 122 1121 122 HOH HOH A . 
F 5 HOH 123 1122 123 HOH HOH A . 
F 5 HOH 124 1123 124 HOH HOH A . 
F 5 HOH 125 1124 125 HOH HOH A . 
F 5 HOH 126 1125 126 HOH HOH A . 
F 5 HOH 127 1126 127 HOH HOH A . 
F 5 HOH 128 1127 128 HOH HOH A . 
F 5 HOH 129 1128 129 HOH HOH A . 
F 5 HOH 130 1129 130 HOH HOH A . 
F 5 HOH 131 1130 131 HOH HOH A . 
F 5 HOH 132 1131 132 HOH HOH A . 
F 5 HOH 133 1132 133 HOH HOH A . 
F 5 HOH 134 1133 134 HOH HOH A . 
F 5 HOH 135 1134 136 HOH HOH A . 
F 5 HOH 136 1135 137 HOH HOH A . 
F 5 HOH 137 1136 139 HOH HOH A . 
F 5 HOH 138 1137 140 HOH HOH A . 
F 5 HOH 139 1138 143 HOH HOH A . 
F 5 HOH 140 1139 144 HOH HOH A . 
F 5 HOH 141 1140 145 HOH HOH A . 
F 5 HOH 142 1141 146 HOH HOH A . 
F 5 HOH 143 1142 147 HOH HOH A . 
F 5 HOH 144 1143 148 HOH HOH A . 
F 5 HOH 145 1144 150 HOH HOH A . 
F 5 HOH 146 1145 151 HOH HOH A . 
F 5 HOH 147 1146 153 HOH HOH A . 
F 5 HOH 148 1147 154 HOH HOH A . 
F 5 HOH 149 1148 155 HOH HOH A . 
F 5 HOH 150 1149 156 HOH HOH A . 
F 5 HOH 151 1150 157 HOH HOH A . 
F 5 HOH 152 1151 158 HOH HOH A . 
F 5 HOH 153 1152 159 HOH HOH A . 
F 5 HOH 154 1153 160 HOH HOH A . 
F 5 HOH 155 1154 161 HOH HOH A . 
F 5 HOH 156 1155 162 HOH HOH A . 
F 5 HOH 157 1156 163 HOH HOH A . 
F 5 HOH 158 1157 164 HOH HOH A . 
F 5 HOH 159 1158 166 HOH HOH A . 
F 5 HOH 160 1159 167 HOH HOH A . 
F 5 HOH 161 1160 168 HOH HOH A . 
F 5 HOH 162 1161 169 HOH HOH A . 
F 5 HOH 163 1162 170 HOH HOH A . 
F 5 HOH 164 1163 171 HOH HOH A . 
F 5 HOH 165 1164 172 HOH HOH A . 
F 5 HOH 166 1165 173 HOH HOH A . 
F 5 HOH 167 1166 174 HOH HOH A . 
F 5 HOH 168 1167 175 HOH HOH A . 
F 5 HOH 169 1168 176 HOH HOH A . 
F 5 HOH 170 1169 177 HOH HOH A . 
F 5 HOH 171 1170 178 HOH HOH A . 
F 5 HOH 172 1171 181 HOH HOH A . 
F 5 HOH 173 1172 184 HOH HOH A . 
F 5 HOH 174 1173 185 HOH HOH A . 
F 5 HOH 175 1174 186 HOH HOH A . 
F 5 HOH 176 1175 187 HOH HOH A . 
F 5 HOH 177 1176 190 HOH HOH A . 
F 5 HOH 178 1177 191 HOH HOH A . 
F 5 HOH 179 1178 192 HOH HOH A . 
F 5 HOH 180 1179 193 HOH HOH A . 
F 5 HOH 181 1180 195 HOH HOH A . 
F 5 HOH 182 1181 200 HOH HOH A . 
F 5 HOH 183 1182 201 HOH HOH A . 
F 5 HOH 184 1183 203 HOH HOH A . 
F 5 HOH 185 1184 204 HOH HOH A . 
F 5 HOH 186 1185 207 HOH HOH A . 
F 5 HOH 187 1186 208 HOH HOH A . 
F 5 HOH 188 1187 210 HOH HOH A . 
F 5 HOH 189 1188 211 HOH HOH A . 
F 5 HOH 190 1189 212 HOH HOH A . 
F 5 HOH 191 1190 214 HOH HOH A . 
F 5 HOH 192 1191 215 HOH HOH A . 
F 5 HOH 193 1192 216 HOH HOH A . 
F 5 HOH 194 1193 217 HOH HOH A . 
F 5 HOH 195 1194 219 HOH HOH A . 
F 5 HOH 196 1195 223 HOH HOH A . 
F 5 HOH 197 1196 228 HOH HOH A . 
F 5 HOH 198 1197 231 HOH HOH A . 
F 5 HOH 199 1198 232 HOH HOH A . 
F 5 HOH 200 1199 233 HOH HOH A . 
F 5 HOH 201 1200 234 HOH HOH A . 
F 5 HOH 202 1201 235 HOH HOH A . 
F 5 HOH 203 1202 236 HOH HOH A . 
F 5 HOH 204 1203 238 HOH HOH A . 
F 5 HOH 205 1204 240 HOH HOH A . 
F 5 HOH 206 1205 243 HOH HOH A . 
F 5 HOH 207 1206 245 HOH HOH A . 
F 5 HOH 208 1207 248 HOH HOH A . 
F 5 HOH 209 1208 249 HOH HOH A . 
F 5 HOH 210 1209 251 HOH HOH A . 
F 5 HOH 211 1210 258 HOH HOH A . 
F 5 HOH 212 1211 260 HOH HOH A . 
F 5 HOH 213 1212 262 HOH HOH A . 
F 5 HOH 214 1213 266 HOH HOH A . 
F 5 HOH 215 1214 271 HOH HOH A . 
F 5 HOH 216 1215 274 HOH HOH A . 
F 5 HOH 217 1216 279 HOH HOH A . 
F 5 HOH 218 1217 280 HOH HOH A . 
F 5 HOH 219 1218 281 HOH HOH A . 
F 5 HOH 220 1219 284 HOH HOH A . 
F 5 HOH 221 1220 290 HOH HOH A . 
# 
_pdbx_struct_assembly.id                   1 
_pdbx_struct_assembly.details              author_and_software_defined_assembly 
_pdbx_struct_assembly.method_details       PISA,PQS 
_pdbx_struct_assembly.oligomeric_details   trimeric 
_pdbx_struct_assembly.oligomeric_count     3 
# 
_pdbx_struct_assembly_gen.assembly_id       1 
_pdbx_struct_assembly_gen.oper_expression   1,2,3 
_pdbx_struct_assembly_gen.asym_id_list      A,B,C,D,E,F 
# 
loop_
_pdbx_struct_assembly_prop.biol_id 
_pdbx_struct_assembly_prop.type 
_pdbx_struct_assembly_prop.value 
_pdbx_struct_assembly_prop.details 
1 'ABSA (A^2)' 16830 ? 
1 MORE         -115  ? 
1 'SSA (A^2)'  15870 ? 
# 
loop_
_pdbx_struct_oper_list.id 
_pdbx_struct_oper_list.type 
_pdbx_struct_oper_list.name 
_pdbx_struct_oper_list.symmetry_operation 
_pdbx_struct_oper_list.matrix[1][1] 
_pdbx_struct_oper_list.matrix[1][2] 
_pdbx_struct_oper_list.matrix[1][3] 
_pdbx_struct_oper_list.vector[1] 
_pdbx_struct_oper_list.matrix[2][1] 
_pdbx_struct_oper_list.matrix[2][2] 
_pdbx_struct_oper_list.matrix[2][3] 
_pdbx_struct_oper_list.vector[2] 
_pdbx_struct_oper_list.matrix[3][1] 
_pdbx_struct_oper_list.matrix[3][2] 
_pdbx_struct_oper_list.matrix[3][3] 
_pdbx_struct_oper_list.vector[3] 
1 'identity operation'         1_555 x,y,z         1.0000000000  0.0000000000  0.0000000000  0.0000000000  0.0000000000  1.0000000000 0.0000000000 0.0000000000  0.0000000000  0.0000000000 1.0000000000  0.0000000000  
2 'crystal symmetry operation' 2_655 -y+1,x-y,z    -0.3552181021 -0.2163928662 -0.9093922297 15.6903705092 -0.6397319680 0.7656101046 0.0677065502 2.5987353350  0.6815886656  0.6058178730 -0.4103920024 10.1777221660 
3 'crystal symmetry operation' 3_665 -x+y+1,-x+1,z -0.3552181021 -0.6397319680 0.6815886656  0.2989776350  -0.2163928662 0.7656101046 0.6058178730 -4.7601797804 -0.9093922297 0.0677065502 -0.4103920024 18.2696053974 
# 
loop_
_pdbx_struct_special_symmetry.id 
_pdbx_struct_special_symmetry.PDB_model_num 
_pdbx_struct_special_symmetry.auth_asym_id 
_pdbx_struct_special_symmetry.auth_comp_id 
_pdbx_struct_special_symmetry.auth_seq_id 
_pdbx_struct_special_symmetry.PDB_ins_code 
_pdbx_struct_special_symmetry.label_asym_id 
_pdbx_struct_special_symmetry.label_comp_id 
_pdbx_struct_special_symmetry.label_seq_id 
1 1 A TRS 801  ? D TRS . 
2 1 A HOH 1117 ? F HOH . 
3 1 A HOH 1171 ? F HOH . 
4 1 A HOH 1194 ? F HOH . 
# 
loop_
_pdbx_struct_conn_angle.id 
_pdbx_struct_conn_angle.ptnr1_label_atom_id 
_pdbx_struct_conn_angle.ptnr1_label_alt_id 
_pdbx_struct_conn_angle.ptnr1_label_asym_id 
_pdbx_struct_conn_angle.ptnr1_label_comp_id 
_pdbx_struct_conn_angle.ptnr1_label_seq_id 
_pdbx_struct_conn_angle.ptnr1_auth_atom_id 
_pdbx_struct_conn_angle.ptnr1_auth_asym_id 
_pdbx_struct_conn_angle.ptnr1_auth_comp_id 
_pdbx_struct_conn_angle.ptnr1_auth_seq_id 
_pdbx_struct_conn_angle.ptnr1_PDB_ins_code 
_pdbx_struct_conn_angle.ptnr1_symmetry 
_pdbx_struct_conn_angle.ptnr2_label_atom_id 
_pdbx_struct_conn_angle.ptnr2_label_alt_id 
_pdbx_struct_conn_angle.ptnr2_label_asym_id 
_pdbx_struct_conn_angle.ptnr2_label_comp_id 
_pdbx_struct_conn_angle.ptnr2_label_seq_id 
_pdbx_struct_conn_angle.ptnr2_auth_atom_id 
_pdbx_struct_conn_angle.ptnr2_auth_asym_id 
_pdbx_struct_conn_angle.ptnr2_auth_comp_id 
_pdbx_struct_conn_angle.ptnr2_auth_seq_id 
_pdbx_struct_conn_angle.ptnr2_PDB_ins_code 
_pdbx_struct_conn_angle.ptnr2_symmetry 
_pdbx_struct_conn_angle.ptnr3_label_atom_id 
_pdbx_struct_conn_angle.ptnr3_label_alt_id 
_pdbx_struct_conn_angle.ptnr3_label_asym_id 
_pdbx_struct_conn_angle.ptnr3_label_comp_id 
_pdbx_struct_conn_angle.ptnr3_label_seq_id 
_pdbx_struct_conn_angle.ptnr3_auth_atom_id 
_pdbx_struct_conn_angle.ptnr3_auth_asym_id 
_pdbx_struct_conn_angle.ptnr3_auth_comp_id 
_pdbx_struct_conn_angle.ptnr3_auth_seq_id 
_pdbx_struct_conn_angle.ptnr3_PDB_ins_code 
_pdbx_struct_conn_angle.ptnr3_symmetry 
_pdbx_struct_conn_angle.value 
_pdbx_struct_conn_angle.value_esd 
1  O1B ? C DUP . ? A DUP 777  ? 1_555 MG ? B MG . ? A MG 999 ? 1_555 O1A ? C DUP . ? A DUP 777  ? 1_555 93.3  ? 
2  O1B ? C DUP . ? A DUP 777  ? 1_555 MG ? B MG . ? A MG 999 ? 1_555 O2G ? C DUP . ? A DUP 777  ? 1_555 90.9  ? 
3  O1A ? C DUP . ? A DUP 777  ? 1_555 MG ? B MG . ? A MG 999 ? 1_555 O2G ? C DUP . ? A DUP 777  ? 1_555 95.5  ? 
4  O1B ? C DUP . ? A DUP 777  ? 1_555 MG ? B MG . ? A MG 999 ? 1_555 O   ? F HOH . ? A HOH 1110 ? 1_555 96.4  ? 
5  O1A ? C DUP . ? A DUP 777  ? 1_555 MG ? B MG . ? A MG 999 ? 1_555 O   ? F HOH . ? A HOH 1110 ? 1_555 87.3  ? 
6  O2G ? C DUP . ? A DUP 777  ? 1_555 MG ? B MG . ? A MG 999 ? 1_555 O   ? F HOH . ? A HOH 1110 ? 1_555 171.9 ? 
7  O1B ? C DUP . ? A DUP 777  ? 1_555 MG ? B MG . ? A MG 999 ? 1_555 O   ? F HOH . ? A HOH 1111 ? 1_555 92.7  ? 
8  O1A ? C DUP . ? A DUP 777  ? 1_555 MG ? B MG . ? A MG 999 ? 1_555 O   ? F HOH . ? A HOH 1111 ? 1_555 168.9 ? 
9  O2G ? C DUP . ? A DUP 777  ? 1_555 MG ? B MG . ? A MG 999 ? 1_555 O   ? F HOH . ? A HOH 1111 ? 1_555 93.6  ? 
10 O   ? F HOH . ? A HOH 1110 ? 1_555 MG ? B MG . ? A MG 999 ? 1_555 O   ? F HOH . ? A HOH 1111 ? 1_555 82.8  ? 
11 O1B ? C DUP . ? A DUP 777  ? 1_555 MG ? B MG . ? A MG 999 ? 1_555 O   ? F HOH . ? A HOH 1135 ? 1_555 176.9 ? 
12 O1A ? C DUP . ? A DUP 777  ? 1_555 MG ? B MG . ? A MG 999 ? 1_555 O   ? F HOH . ? A HOH 1135 ? 1_555 83.8  ? 
13 O2G ? C DUP . ? A DUP 777  ? 1_555 MG ? B MG . ? A MG 999 ? 1_555 O   ? F HOH . ? A HOH 1135 ? 1_555 90.4  ? 
14 O   ? F HOH . ? A HOH 1110 ? 1_555 MG ? B MG . ? A MG 999 ? 1_555 O   ? F HOH . ? A HOH 1135 ? 1_555 82.4  ? 
15 O   ? F HOH . ? A HOH 1111 ? 1_555 MG ? B MG . ? A MG 999 ? 1_555 O   ? F HOH . ? A HOH 1135 ? 1_555 90.1  ? 
# 
loop_
_pdbx_audit_revision_history.ordinal 
_pdbx_audit_revision_history.data_content_type 
_pdbx_audit_revision_history.major_revision 
_pdbx_audit_revision_history.minor_revision 
_pdbx_audit_revision_history.revision_date 
1 'Structure model' 1 0 2004-09-07 
2 'Structure model' 1 1 2008-04-29 
3 'Structure model' 1 2 2011-07-13 
4 'Structure model' 1 3 2021-10-27 
5 'Structure model' 1 4 2023-08-23 
# 
_pdbx_audit_revision_details.ordinal             1 
_pdbx_audit_revision_details.revision_ordinal    1 
_pdbx_audit_revision_details.data_content_type   'Structure model' 
_pdbx_audit_revision_details.provider            repository 
_pdbx_audit_revision_details.type                'Initial release' 
_pdbx_audit_revision_details.description         ? 
_pdbx_audit_revision_details.details             ? 
# 
loop_
_pdbx_audit_revision_group.ordinal 
_pdbx_audit_revision_group.revision_ordinal 
_pdbx_audit_revision_group.data_content_type 
_pdbx_audit_revision_group.group 
1 2 'Structure model' 'Version format compliance' 
2 3 'Structure model' 'Derived calculations'      
3 3 'Structure model' 'Version format compliance' 
4 4 'Structure model' 'Database references'       
5 4 'Structure model' 'Derived calculations'      
6 5 'Structure model' 'Data collection'           
7 5 'Structure model' 'Refinement description'    
# 
loop_
_pdbx_audit_revision_category.ordinal 
_pdbx_audit_revision_category.revision_ordinal 
_pdbx_audit_revision_category.data_content_type 
_pdbx_audit_revision_category.category 
1 4 'Structure model' database_2                    
2 4 'Structure model' pdbx_struct_conn_angle        
3 4 'Structure model' pdbx_struct_special_symmetry  
4 4 'Structure model' struct_conn                   
5 4 'Structure model' struct_ref_seq_dif            
6 4 'Structure model' struct_site                   
7 5 'Structure model' chem_comp_atom                
8 5 'Structure model' chem_comp_bond                
9 5 'Structure model' pdbx_initial_refinement_model 
# 
loop_
_pdbx_audit_revision_item.ordinal 
_pdbx_audit_revision_item.revision_ordinal 
_pdbx_audit_revision_item.data_content_type 
_pdbx_audit_revision_item.item 
1  4 'Structure model' '_database_2.pdbx_DOI'                      
2  4 'Structure model' '_database_2.pdbx_database_accession'       
3  4 'Structure model' '_pdbx_struct_conn_angle.ptnr1_auth_seq_id' 
4  4 'Structure model' '_pdbx_struct_conn_angle.ptnr3_auth_seq_id' 
5  4 'Structure model' '_pdbx_struct_conn_angle.value'             
6  4 'Structure model' '_struct_conn.pdbx_dist_value'              
7  4 'Structure model' '_struct_conn.ptnr1_auth_comp_id'           
8  4 'Structure model' '_struct_conn.ptnr1_auth_seq_id'            
9  4 'Structure model' '_struct_conn.ptnr1_label_asym_id'          
10 4 'Structure model' '_struct_conn.ptnr1_label_atom_id'          
11 4 'Structure model' '_struct_conn.ptnr1_label_comp_id'          
12 4 'Structure model' '_struct_conn.ptnr2_auth_comp_id'           
13 4 'Structure model' '_struct_conn.ptnr2_auth_seq_id'            
14 4 'Structure model' '_struct_conn.ptnr2_label_asym_id'          
15 4 'Structure model' '_struct_conn.ptnr2_label_atom_id'          
16 4 'Structure model' '_struct_conn.ptnr2_label_comp_id'          
17 4 'Structure model' '_struct_ref_seq_dif.details'               
18 4 'Structure model' '_struct_site.pdbx_auth_asym_id'            
19 4 'Structure model' '_struct_site.pdbx_auth_comp_id'            
20 4 'Structure model' '_struct_site.pdbx_auth_seq_id'             
# 
loop_
_software.name 
_software.classification 
_software.version 
_software.citation_id 
_software.pdbx_ordinal 
REFMAC refinement       5.1.24    ? 1 
MOSFLM 'data reduction' .         ? 2 
CCP4   'data scaling'   '(SCALA)' ? 3 
MOLREP phasing          .         ? 4 
# 
_pdbx_database_remark.id     600 
_pdbx_database_remark.text   
;HETEROGEN
THE TRIS MOLECULES (TRS), WHICH HAVE INHERENT THREEFOLD 
SYMMETRY, ARE LOCATED ON A CRYSTALLOGRAPHIC THREEFOLD 
AXIS IN THE PRESENT STRUCTURE. IN AN ASYMMETRIC UNIT 
THERE IS ONLY ONE THIRD OF THE MOLECULES AND THE
COMPLETE MOLECULES ARE BUILT BY THREEFOLD 
CRYSTALLOGRAPHIC SYMMETRY IN THE CRYSTAL.
;
# 
_pdbx_validate_close_contact.id               1 
_pdbx_validate_close_contact.PDB_model_num    1 
_pdbx_validate_close_contact.auth_atom_id_1   O 
_pdbx_validate_close_contact.auth_asym_id_1   A 
_pdbx_validate_close_contact.auth_comp_id_1   HOH 
_pdbx_validate_close_contact.auth_seq_id_1    1045 
_pdbx_validate_close_contact.PDB_ins_code_1   ? 
_pdbx_validate_close_contact.label_alt_id_1   ? 
_pdbx_validate_close_contact.auth_atom_id_2   O 
_pdbx_validate_close_contact.auth_asym_id_2   A 
_pdbx_validate_close_contact.auth_comp_id_2   HOH 
_pdbx_validate_close_contact.auth_seq_id_2    1206 
_pdbx_validate_close_contact.PDB_ins_code_2   ? 
_pdbx_validate_close_contact.label_alt_id_2   ? 
_pdbx_validate_close_contact.dist             2.18 
# 
_pdbx_validate_rmsd_bond.id                        1 
_pdbx_validate_rmsd_bond.PDB_model_num             1 
_pdbx_validate_rmsd_bond.auth_atom_id_1            SD 
_pdbx_validate_rmsd_bond.auth_asym_id_1            A 
_pdbx_validate_rmsd_bond.auth_comp_id_1            MET 
_pdbx_validate_rmsd_bond.auth_seq_id_1             120 
_pdbx_validate_rmsd_bond.PDB_ins_code_1            ? 
_pdbx_validate_rmsd_bond.label_alt_id_1            ? 
_pdbx_validate_rmsd_bond.auth_atom_id_2            CE 
_pdbx_validate_rmsd_bond.auth_asym_id_2            A 
_pdbx_validate_rmsd_bond.auth_comp_id_2            MET 
_pdbx_validate_rmsd_bond.auth_seq_id_2             120 
_pdbx_validate_rmsd_bond.PDB_ins_code_2            ? 
_pdbx_validate_rmsd_bond.label_alt_id_2            ? 
_pdbx_validate_rmsd_bond.bond_value                1.432 
_pdbx_validate_rmsd_bond.bond_target_value         1.774 
_pdbx_validate_rmsd_bond.bond_deviation            -0.342 
_pdbx_validate_rmsd_bond.bond_standard_deviation   0.056 
_pdbx_validate_rmsd_bond.linker_flag               N 
# 
loop_
_pdbx_validate_torsion.id 
_pdbx_validate_torsion.PDB_model_num 
_pdbx_validate_torsion.auth_comp_id 
_pdbx_validate_torsion.auth_asym_id 
_pdbx_validate_torsion.auth_seq_id 
_pdbx_validate_torsion.PDB_ins_code 
_pdbx_validate_torsion.label_alt_id 
_pdbx_validate_torsion.phi 
_pdbx_validate_torsion.psi 
1 1 LYS A 16 ? ? -128.76 -101.29 
2 1 ALA A 60 ? ? 74.41   -36.02  
3 1 LEU A 85 ? ? 74.24   -63.28  
# 
loop_
_pdbx_unobs_or_zero_occ_atoms.id 
_pdbx_unobs_or_zero_occ_atoms.PDB_model_num 
_pdbx_unobs_or_zero_occ_atoms.polymer_flag 
_pdbx_unobs_or_zero_occ_atoms.occupancy_flag 
_pdbx_unobs_or_zero_occ_atoms.auth_asym_id 
_pdbx_unobs_or_zero_occ_atoms.auth_comp_id 
_pdbx_unobs_or_zero_occ_atoms.auth_seq_id 
_pdbx_unobs_or_zero_occ_atoms.PDB_ins_code 
_pdbx_unobs_or_zero_occ_atoms.auth_atom_id 
_pdbx_unobs_or_zero_occ_atoms.label_alt_id 
_pdbx_unobs_or_zero_occ_atoms.label_asym_id 
_pdbx_unobs_or_zero_occ_atoms.label_comp_id 
_pdbx_unobs_or_zero_occ_atoms.label_seq_id 
_pdbx_unobs_or_zero_occ_atoms.label_atom_id 
1 1 N 1 A TRS 801 ? C1 ? D TRS 1 C1 
2 1 N 1 A TRS 801 ? C2 ? D TRS 1 C2 
3 1 N 1 A TRS 801 ? O1 ? D TRS 1 O1 
4 1 N 1 A TRS 801 ? O2 ? D TRS 1 O2 
5 1 N 1 A TRS 802 ? C1 ? E TRS 1 C1 
6 1 N 1 A TRS 802 ? C3 ? E TRS 1 C3 
7 1 N 1 A TRS 802 ? O1 ? E TRS 1 O1 
8 1 N 1 A TRS 802 ? O3 ? E TRS 1 O3 
# 
loop_
_pdbx_unobs_or_zero_occ_residues.id 
_pdbx_unobs_or_zero_occ_residues.PDB_model_num 
_pdbx_unobs_or_zero_occ_residues.polymer_flag 
_pdbx_unobs_or_zero_occ_residues.occupancy_flag 
_pdbx_unobs_or_zero_occ_residues.auth_asym_id 
_pdbx_unobs_or_zero_occ_residues.auth_comp_id 
_pdbx_unobs_or_zero_occ_residues.auth_seq_id 
_pdbx_unobs_or_zero_occ_residues.PDB_ins_code 
_pdbx_unobs_or_zero_occ_residues.label_asym_id 
_pdbx_unobs_or_zero_occ_residues.label_comp_id 
_pdbx_unobs_or_zero_occ_residues.label_seq_id 
1  1 Y 1 A ASP 137 ? A ASP 137 
2  1 Y 1 A ALA 138 ? A ALA 138 
3  1 Y 1 A THR 139 ? A THR 139 
4  1 Y 1 A ASP 140 ? A ASP 140 
5  1 Y 1 A GLY 142 ? A GLY 142 
6  1 Y 1 A GLU 143 ? A GLU 143 
7  1 Y 1 A GLY 144 ? A GLY 144 
8  1 Y 1 A GLY 145 ? A GLY 145 
9  1 Y 1 A GLY 147 ? A GLY 147 
10 1 Y 1 A HIS 148 ? A HIS 148 
11 1 Y 1 A SER 149 ? A SER 149 
12 1 Y 1 A GLY 150 ? A GLY 150 
# 
loop_
_chem_comp_atom.comp_id 
_chem_comp_atom.atom_id 
_chem_comp_atom.type_symbol 
_chem_comp_atom.pdbx_aromatic_flag 
_chem_comp_atom.pdbx_stereo_config 
_chem_comp_atom.pdbx_ordinal 
ALA N      N  N N 1   
ALA CA     C  N S 2   
ALA C      C  N N 3   
ALA O      O  N N 4   
ALA CB     C  N N 5   
ALA OXT    O  N N 6   
ALA H      H  N N 7   
ALA H2     H  N N 8   
ALA HA     H  N N 9   
ALA HB1    H  N N 10  
ALA HB2    H  N N 11  
ALA HB3    H  N N 12  
ALA HXT    H  N N 13  
ARG N      N  N N 14  
ARG CA     C  N S 15  
ARG C      C  N N 16  
ARG O      O  N N 17  
ARG CB     C  N N 18  
ARG CG     C  N N 19  
ARG CD     C  N N 20  
ARG NE     N  N N 21  
ARG CZ     C  N N 22  
ARG NH1    N  N N 23  
ARG NH2    N  N N 24  
ARG OXT    O  N N 25  
ARG H      H  N N 26  
ARG H2     H  N N 27  
ARG HA     H  N N 28  
ARG HB2    H  N N 29  
ARG HB3    H  N N 30  
ARG HG2    H  N N 31  
ARG HG3    H  N N 32  
ARG HD2    H  N N 33  
ARG HD3    H  N N 34  
ARG HE     H  N N 35  
ARG HH11   H  N N 36  
ARG HH12   H  N N 37  
ARG HH21   H  N N 38  
ARG HH22   H  N N 39  
ARG HXT    H  N N 40  
ASN N      N  N N 41  
ASN CA     C  N S 42  
ASN C      C  N N 43  
ASN O      O  N N 44  
ASN CB     C  N N 45  
ASN CG     C  N N 46  
ASN OD1    O  N N 47  
ASN ND2    N  N N 48  
ASN OXT    O  N N 49  
ASN H      H  N N 50  
ASN H2     H  N N 51  
ASN HA     H  N N 52  
ASN HB2    H  N N 53  
ASN HB3    H  N N 54  
ASN HD21   H  N N 55  
ASN HD22   H  N N 56  
ASN HXT    H  N N 57  
ASP N      N  N N 58  
ASP CA     C  N S 59  
ASP C      C  N N 60  
ASP O      O  N N 61  
ASP CB     C  N N 62  
ASP CG     C  N N 63  
ASP OD1    O  N N 64  
ASP OD2    O  N N 65  
ASP OXT    O  N N 66  
ASP H      H  N N 67  
ASP H2     H  N N 68  
ASP HA     H  N N 69  
ASP HB2    H  N N 70  
ASP HB3    H  N N 71  
ASP HD2    H  N N 72  
ASP HXT    H  N N 73  
CYS N      N  N N 74  
CYS CA     C  N R 75  
CYS C      C  N N 76  
CYS O      O  N N 77  
CYS CB     C  N N 78  
CYS SG     S  N N 79  
CYS OXT    O  N N 80  
CYS H      H  N N 81  
CYS H2     H  N N 82  
CYS HA     H  N N 83  
CYS HB2    H  N N 84  
CYS HB3    H  N N 85  
CYS HG     H  N N 86  
CYS HXT    H  N N 87  
DUP O4     O  N N 88  
DUP C4     C  Y N 89  
DUP C5     C  Y N 90  
DUP C6     C  Y N 91  
DUP N3     N  Y N 92  
DUP C2     C  Y N 93  
DUP O2     O  N N 94  
DUP N1     N  Y N 95  
DUP "C1'"  C  N R 96  
DUP "C2'"  C  N N 97  
DUP "C3'"  C  N S 98  
DUP "O3'"  O  N N 99  
DUP "O4'"  O  N N 100 
DUP "C4'"  C  N R 101 
DUP "C5'"  C  N N 102 
DUP "O5'"  O  N N 103 
DUP PA     P  N S 104 
DUP O1A    O  N N 105 
DUP O2A    O  N N 106 
DUP N3A    N  N N 107 
DUP PB     P  N R 108 
DUP O1B    O  N N 109 
DUP O2B    O  N N 110 
DUP O3B    O  N N 111 
DUP PG     P  N N 112 
DUP O2G    O  N N 113 
DUP O1G    O  N N 114 
DUP O3G    O  N N 115 
DUP H5     H  N N 116 
DUP H6     H  N N 117 
DUP HN3    H  N N 118 
DUP "H1'"  H  N N 119 
DUP "H2'1" H  N N 120 
DUP "H2'2" H  N N 121 
DUP H1     H  N N 122 
DUP "H3'"  H  N N 123 
DUP "H4'"  H  N N 124 
DUP "H5'1" H  N N 125 
DUP "H5'2" H  N N 126 
DUP H2A    H  N N 127 
DUP H3A    H  N N 128 
DUP H2B    H  N N 129 
DUP H1G    H  N N 130 
DUP H3G    H  N N 131 
GLN N      N  N N 132 
GLN CA     C  N S 133 
GLN C      C  N N 134 
GLN O      O  N N 135 
GLN CB     C  N N 136 
GLN CG     C  N N 137 
GLN CD     C  N N 138 
GLN OE1    O  N N 139 
GLN NE2    N  N N 140 
GLN OXT    O  N N 141 
GLN H      H  N N 142 
GLN H2     H  N N 143 
GLN HA     H  N N 144 
GLN HB2    H  N N 145 
GLN HB3    H  N N 146 
GLN HG2    H  N N 147 
GLN HG3    H  N N 148 
GLN HE21   H  N N 149 
GLN HE22   H  N N 150 
GLN HXT    H  N N 151 
GLU N      N  N N 152 
GLU CA     C  N S 153 
GLU C      C  N N 154 
GLU O      O  N N 155 
GLU CB     C  N N 156 
GLU CG     C  N N 157 
GLU CD     C  N N 158 
GLU OE1    O  N N 159 
GLU OE2    O  N N 160 
GLU OXT    O  N N 161 
GLU H      H  N N 162 
GLU H2     H  N N 163 
GLU HA     H  N N 164 
GLU HB2    H  N N 165 
GLU HB3    H  N N 166 
GLU HG2    H  N N 167 
GLU HG3    H  N N 168 
GLU HE2    H  N N 169 
GLU HXT    H  N N 170 
GLY N      N  N N 171 
GLY CA     C  N N 172 
GLY C      C  N N 173 
GLY O      O  N N 174 
GLY OXT    O  N N 175 
GLY H      H  N N 176 
GLY H2     H  N N 177 
GLY HA2    H  N N 178 
GLY HA3    H  N N 179 
GLY HXT    H  N N 180 
HIS N      N  N N 181 
HIS CA     C  N S 182 
HIS C      C  N N 183 
HIS O      O  N N 184 
HIS CB     C  N N 185 
HIS CG     C  Y N 186 
HIS ND1    N  Y N 187 
HIS CD2    C  Y N 188 
HIS CE1    C  Y N 189 
HIS NE2    N  Y N 190 
HIS OXT    O  N N 191 
HIS H      H  N N 192 
HIS H2     H  N N 193 
HIS HA     H  N N 194 
HIS HB2    H  N N 195 
HIS HB3    H  N N 196 
HIS HD1    H  N N 197 
HIS HD2    H  N N 198 
HIS HE1    H  N N 199 
HIS HE2    H  N N 200 
HIS HXT    H  N N 201 
HOH O      O  N N 202 
HOH H1     H  N N 203 
HOH H2     H  N N 204 
ILE N      N  N N 205 
ILE CA     C  N S 206 
ILE C      C  N N 207 
ILE O      O  N N 208 
ILE CB     C  N S 209 
ILE CG1    C  N N 210 
ILE CG2    C  N N 211 
ILE CD1    C  N N 212 
ILE OXT    O  N N 213 
ILE H      H  N N 214 
ILE H2     H  N N 215 
ILE HA     H  N N 216 
ILE HB     H  N N 217 
ILE HG12   H  N N 218 
ILE HG13   H  N N 219 
ILE HG21   H  N N 220 
ILE HG22   H  N N 221 
ILE HG23   H  N N 222 
ILE HD11   H  N N 223 
ILE HD12   H  N N 224 
ILE HD13   H  N N 225 
ILE HXT    H  N N 226 
LEU N      N  N N 227 
LEU CA     C  N S 228 
LEU C      C  N N 229 
LEU O      O  N N 230 
LEU CB     C  N N 231 
LEU CG     C  N N 232 
LEU CD1    C  N N 233 
LEU CD2    C  N N 234 
LEU OXT    O  N N 235 
LEU H      H  N N 236 
LEU H2     H  N N 237 
LEU HA     H  N N 238 
LEU HB2    H  N N 239 
LEU HB3    H  N N 240 
LEU HG     H  N N 241 
LEU HD11   H  N N 242 
LEU HD12   H  N N 243 
LEU HD13   H  N N 244 
LEU HD21   H  N N 245 
LEU HD22   H  N N 246 
LEU HD23   H  N N 247 
LEU HXT    H  N N 248 
LYS N      N  N N 249 
LYS CA     C  N S 250 
LYS C      C  N N 251 
LYS O      O  N N 252 
LYS CB     C  N N 253 
LYS CG     C  N N 254 
LYS CD     C  N N 255 
LYS CE     C  N N 256 
LYS NZ     N  N N 257 
LYS OXT    O  N N 258 
LYS H      H  N N 259 
LYS H2     H  N N 260 
LYS HA     H  N N 261 
LYS HB2    H  N N 262 
LYS HB3    H  N N 263 
LYS HG2    H  N N 264 
LYS HG3    H  N N 265 
LYS HD2    H  N N 266 
LYS HD3    H  N N 267 
LYS HE2    H  N N 268 
LYS HE3    H  N N 269 
LYS HZ1    H  N N 270 
LYS HZ2    H  N N 271 
LYS HZ3    H  N N 272 
LYS HXT    H  N N 273 
MET N      N  N N 274 
MET CA     C  N S 275 
MET C      C  N N 276 
MET O      O  N N 277 
MET CB     C  N N 278 
MET CG     C  N N 279 
MET SD     S  N N 280 
MET CE     C  N N 281 
MET OXT    O  N N 282 
MET H      H  N N 283 
MET H2     H  N N 284 
MET HA     H  N N 285 
MET HB2    H  N N 286 
MET HB3    H  N N 287 
MET HG2    H  N N 288 
MET HG3    H  N N 289 
MET HE1    H  N N 290 
MET HE2    H  N N 291 
MET HE3    H  N N 292 
MET HXT    H  N N 293 
MG  MG     MG N N 294 
PHE N      N  N N 295 
PHE CA     C  N S 296 
PHE C      C  N N 297 
PHE O      O  N N 298 
PHE CB     C  N N 299 
PHE CG     C  Y N 300 
PHE CD1    C  Y N 301 
PHE CD2    C  Y N 302 
PHE CE1    C  Y N 303 
PHE CE2    C  Y N 304 
PHE CZ     C  Y N 305 
PHE OXT    O  N N 306 
PHE H      H  N N 307 
PHE H2     H  N N 308 
PHE HA     H  N N 309 
PHE HB2    H  N N 310 
PHE HB3    H  N N 311 
PHE HD1    H  N N 312 
PHE HD2    H  N N 313 
PHE HE1    H  N N 314 
PHE HE2    H  N N 315 
PHE HZ     H  N N 316 
PHE HXT    H  N N 317 
PRO N      N  N N 318 
PRO CA     C  N S 319 
PRO C      C  N N 320 
PRO O      O  N N 321 
PRO CB     C  N N 322 
PRO CG     C  N N 323 
PRO CD     C  N N 324 
PRO OXT    O  N N 325 
PRO H      H  N N 326 
PRO HA     H  N N 327 
PRO HB2    H  N N 328 
PRO HB3    H  N N 329 
PRO HG2    H  N N 330 
PRO HG3    H  N N 331 
PRO HD2    H  N N 332 
PRO HD3    H  N N 333 
PRO HXT    H  N N 334 
SER N      N  N N 335 
SER CA     C  N S 336 
SER C      C  N N 337 
SER O      O  N N 338 
SER CB     C  N N 339 
SER OG     O  N N 340 
SER OXT    O  N N 341 
SER H      H  N N 342 
SER H2     H  N N 343 
SER HA     H  N N 344 
SER HB2    H  N N 345 
SER HB3    H  N N 346 
SER HG     H  N N 347 
SER HXT    H  N N 348 
THR N      N  N N 349 
THR CA     C  N S 350 
THR C      C  N N 351 
THR O      O  N N 352 
THR CB     C  N R 353 
THR OG1    O  N N 354 
THR CG2    C  N N 355 
THR OXT    O  N N 356 
THR H      H  N N 357 
THR H2     H  N N 358 
THR HA     H  N N 359 
THR HB     H  N N 360 
THR HG1    H  N N 361 
THR HG21   H  N N 362 
THR HG22   H  N N 363 
THR HG23   H  N N 364 
THR HXT    H  N N 365 
TRP N      N  N N 366 
TRP CA     C  N S 367 
TRP C      C  N N 368 
TRP O      O  N N 369 
TRP CB     C  N N 370 
TRP CG     C  Y N 371 
TRP CD1    C  Y N 372 
TRP CD2    C  Y N 373 
TRP NE1    N  Y N 374 
TRP CE2    C  Y N 375 
TRP CE3    C  Y N 376 
TRP CZ2    C  Y N 377 
TRP CZ3    C  Y N 378 
TRP CH2    C  Y N 379 
TRP OXT    O  N N 380 
TRP H      H  N N 381 
TRP H2     H  N N 382 
TRP HA     H  N N 383 
TRP HB2    H  N N 384 
TRP HB3    H  N N 385 
TRP HD1    H  N N 386 
TRP HE1    H  N N 387 
TRP HE3    H  N N 388 
TRP HZ2    H  N N 389 
TRP HZ3    H  N N 390 
TRP HH2    H  N N 391 
TRP HXT    H  N N 392 
TRS C      C  N N 393 
TRS C1     C  N N 394 
TRS C2     C  N N 395 
TRS C3     C  N N 396 
TRS N      N  N N 397 
TRS O1     O  N N 398 
TRS O2     O  N N 399 
TRS O3     O  N N 400 
TRS H11    H  N N 401 
TRS H12    H  N N 402 
TRS H21    H  N N 403 
TRS H22    H  N N 404 
TRS H31    H  N N 405 
TRS H32    H  N N 406 
TRS HN1    H  N N 407 
TRS HN2    H  N N 408 
TRS HN3    H  N N 409 
TRS HO1    H  N N 410 
TRS HO2    H  N N 411 
TRS HO3    H  N N 412 
TYR N      N  N N 413 
TYR CA     C  N S 414 
TYR C      C  N N 415 
TYR O      O  N N 416 
TYR CB     C  N N 417 
TYR CG     C  Y N 418 
TYR CD1    C  Y N 419 
TYR CD2    C  Y N 420 
TYR CE1    C  Y N 421 
TYR CE2    C  Y N 422 
TYR CZ     C  Y N 423 
TYR OH     O  N N 424 
TYR OXT    O  N N 425 
TYR H      H  N N 426 
TYR H2     H  N N 427 
TYR HA     H  N N 428 
TYR HB2    H  N N 429 
TYR HB3    H  N N 430 
TYR HD1    H  N N 431 
TYR HD2    H  N N 432 
TYR HE1    H  N N 433 
TYR HE2    H  N N 434 
TYR HH     H  N N 435 
TYR HXT    H  N N 436 
VAL N      N  N N 437 
VAL CA     C  N S 438 
VAL C      C  N N 439 
VAL O      O  N N 440 
VAL CB     C  N N 441 
VAL CG1    C  N N 442 
VAL CG2    C  N N 443 
VAL OXT    O  N N 444 
VAL H      H  N N 445 
VAL H2     H  N N 446 
VAL HA     H  N N 447 
VAL HB     H  N N 448 
VAL HG11   H  N N 449 
VAL HG12   H  N N 450 
VAL HG13   H  N N 451 
VAL HG21   H  N N 452 
VAL HG22   H  N N 453 
VAL HG23   H  N N 454 
VAL HXT    H  N N 455 
# 
loop_
_chem_comp_bond.comp_id 
_chem_comp_bond.atom_id_1 
_chem_comp_bond.atom_id_2 
_chem_comp_bond.value_order 
_chem_comp_bond.pdbx_aromatic_flag 
_chem_comp_bond.pdbx_stereo_config 
_chem_comp_bond.pdbx_ordinal 
ALA N     CA     sing N N 1   
ALA N     H      sing N N 2   
ALA N     H2     sing N N 3   
ALA CA    C      sing N N 4   
ALA CA    CB     sing N N 5   
ALA CA    HA     sing N N 6   
ALA C     O      doub N N 7   
ALA C     OXT    sing N N 8   
ALA CB    HB1    sing N N 9   
ALA CB    HB2    sing N N 10  
ALA CB    HB3    sing N N 11  
ALA OXT   HXT    sing N N 12  
ARG N     CA     sing N N 13  
ARG N     H      sing N N 14  
ARG N     H2     sing N N 15  
ARG CA    C      sing N N 16  
ARG CA    CB     sing N N 17  
ARG CA    HA     sing N N 18  
ARG C     O      doub N N 19  
ARG C     OXT    sing N N 20  
ARG CB    CG     sing N N 21  
ARG CB    HB2    sing N N 22  
ARG CB    HB3    sing N N 23  
ARG CG    CD     sing N N 24  
ARG CG    HG2    sing N N 25  
ARG CG    HG3    sing N N 26  
ARG CD    NE     sing N N 27  
ARG CD    HD2    sing N N 28  
ARG CD    HD3    sing N N 29  
ARG NE    CZ     sing N N 30  
ARG NE    HE     sing N N 31  
ARG CZ    NH1    sing N N 32  
ARG CZ    NH2    doub N N 33  
ARG NH1   HH11   sing N N 34  
ARG NH1   HH12   sing N N 35  
ARG NH2   HH21   sing N N 36  
ARG NH2   HH22   sing N N 37  
ARG OXT   HXT    sing N N 38  
ASN N     CA     sing N N 39  
ASN N     H      sing N N 40  
ASN N     H2     sing N N 41  
ASN CA    C      sing N N 42  
ASN CA    CB     sing N N 43  
ASN CA    HA     sing N N 44  
ASN C     O      doub N N 45  
ASN C     OXT    sing N N 46  
ASN CB    CG     sing N N 47  
ASN CB    HB2    sing N N 48  
ASN CB    HB3    sing N N 49  
ASN CG    OD1    doub N N 50  
ASN CG    ND2    sing N N 51  
ASN ND2   HD21   sing N N 52  
ASN ND2   HD22   sing N N 53  
ASN OXT   HXT    sing N N 54  
ASP N     CA     sing N N 55  
ASP N     H      sing N N 56  
ASP N     H2     sing N N 57  
ASP CA    C      sing N N 58  
ASP CA    CB     sing N N 59  
ASP CA    HA     sing N N 60  
ASP C     O      doub N N 61  
ASP C     OXT    sing N N 62  
ASP CB    CG     sing N N 63  
ASP CB    HB2    sing N N 64  
ASP CB    HB3    sing N N 65  
ASP CG    OD1    doub N N 66  
ASP CG    OD2    sing N N 67  
ASP OD2   HD2    sing N N 68  
ASP OXT   HXT    sing N N 69  
CYS N     CA     sing N N 70  
CYS N     H      sing N N 71  
CYS N     H2     sing N N 72  
CYS CA    C      sing N N 73  
CYS CA    CB     sing N N 74  
CYS CA    HA     sing N N 75  
CYS C     O      doub N N 76  
CYS C     OXT    sing N N 77  
CYS CB    SG     sing N N 78  
CYS CB    HB2    sing N N 79  
CYS CB    HB3    sing N N 80  
CYS SG    HG     sing N N 81  
CYS OXT   HXT    sing N N 82  
DUP O4    C4     doub N N 83  
DUP C4    C5     sing Y N 84  
DUP C4    N3     sing Y N 85  
DUP C5    C6     doub Y N 86  
DUP C5    H5     sing N N 87  
DUP C6    N1     sing Y N 88  
DUP C6    H6     sing N N 89  
DUP N3    C2     sing Y N 90  
DUP N3    HN3    sing N N 91  
DUP C2    O2     doub N N 92  
DUP C2    N1     sing Y N 93  
DUP N1    "C1'"  sing N N 94  
DUP "C1'" "C2'"  sing N N 95  
DUP "C1'" "O4'"  sing N N 96  
DUP "C1'" "H1'"  sing N N 97  
DUP "C2'" "C3'"  sing N N 98  
DUP "C2'" "H2'1" sing N N 99  
DUP "C2'" "H2'2" sing N N 100 
DUP "C3'" "O3'"  sing N N 101 
DUP "C3'" "C4'"  sing N N 102 
DUP "C3'" H1     sing N N 103 
DUP "O3'" "H3'"  sing N N 104 
DUP "O4'" "C4'"  sing N N 105 
DUP "C4'" "C5'"  sing N N 106 
DUP "C4'" "H4'"  sing N N 107 
DUP "C5'" "O5'"  sing N N 108 
DUP "C5'" "H5'1" sing N N 109 
DUP "C5'" "H5'2" sing N N 110 
DUP "O5'" PA     sing N N 111 
DUP PA    O1A    doub N N 112 
DUP PA    O2A    sing N N 113 
DUP PA    N3A    sing N N 114 
DUP O2A   H2A    sing N N 115 
DUP N3A   PB     sing N N 116 
DUP N3A   H3A    sing N N 117 
DUP PB    O1B    doub N N 118 
DUP PB    O2B    sing N N 119 
DUP PB    O3B    sing N N 120 
DUP O2B   H2B    sing N N 121 
DUP O3B   PG     sing N N 122 
DUP PG    O2G    doub N N 123 
DUP PG    O1G    sing N N 124 
DUP PG    O3G    sing N N 125 
DUP O1G   H1G    sing N N 126 
DUP O3G   H3G    sing N N 127 
GLN N     CA     sing N N 128 
GLN N     H      sing N N 129 
GLN N     H2     sing N N 130 
GLN CA    C      sing N N 131 
GLN CA    CB     sing N N 132 
GLN CA    HA     sing N N 133 
GLN C     O      doub N N 134 
GLN C     OXT    sing N N 135 
GLN CB    CG     sing N N 136 
GLN CB    HB2    sing N N 137 
GLN CB    HB3    sing N N 138 
GLN CG    CD     sing N N 139 
GLN CG    HG2    sing N N 140 
GLN CG    HG3    sing N N 141 
GLN CD    OE1    doub N N 142 
GLN CD    NE2    sing N N 143 
GLN NE2   HE21   sing N N 144 
GLN NE2   HE22   sing N N 145 
GLN OXT   HXT    sing N N 146 
GLU N     CA     sing N N 147 
GLU N     H      sing N N 148 
GLU N     H2     sing N N 149 
GLU CA    C      sing N N 150 
GLU CA    CB     sing N N 151 
GLU CA    HA     sing N N 152 
GLU C     O      doub N N 153 
GLU C     OXT    sing N N 154 
GLU CB    CG     sing N N 155 
GLU CB    HB2    sing N N 156 
GLU CB    HB3    sing N N 157 
GLU CG    CD     sing N N 158 
GLU CG    HG2    sing N N 159 
GLU CG    HG3    sing N N 160 
GLU CD    OE1    doub N N 161 
GLU CD    OE2    sing N N 162 
GLU OE2   HE2    sing N N 163 
GLU OXT   HXT    sing N N 164 
GLY N     CA     sing N N 165 
GLY N     H      sing N N 166 
GLY N     H2     sing N N 167 
GLY CA    C      sing N N 168 
GLY CA    HA2    sing N N 169 
GLY CA    HA3    sing N N 170 
GLY C     O      doub N N 171 
GLY C     OXT    sing N N 172 
GLY OXT   HXT    sing N N 173 
HIS N     CA     sing N N 174 
HIS N     H      sing N N 175 
HIS N     H2     sing N N 176 
HIS CA    C      sing N N 177 
HIS CA    CB     sing N N 178 
HIS CA    HA     sing N N 179 
HIS C     O      doub N N 180 
HIS C     OXT    sing N N 181 
HIS CB    CG     sing N N 182 
HIS CB    HB2    sing N N 183 
HIS CB    HB3    sing N N 184 
HIS CG    ND1    sing Y N 185 
HIS CG    CD2    doub Y N 186 
HIS ND1   CE1    doub Y N 187 
HIS ND1   HD1    sing N N 188 
HIS CD2   NE2    sing Y N 189 
HIS CD2   HD2    sing N N 190 
HIS CE1   NE2    sing Y N 191 
HIS CE1   HE1    sing N N 192 
HIS NE2   HE2    sing N N 193 
HIS OXT   HXT    sing N N 194 
HOH O     H1     sing N N 195 
HOH O     H2     sing N N 196 
ILE N     CA     sing N N 197 
ILE N     H      sing N N 198 
ILE N     H2     sing N N 199 
ILE CA    C      sing N N 200 
ILE CA    CB     sing N N 201 
ILE CA    HA     sing N N 202 
ILE C     O      doub N N 203 
ILE C     OXT    sing N N 204 
ILE CB    CG1    sing N N 205 
ILE CB    CG2    sing N N 206 
ILE CB    HB     sing N N 207 
ILE CG1   CD1    sing N N 208 
ILE CG1   HG12   sing N N 209 
ILE CG1   HG13   sing N N 210 
ILE CG2   HG21   sing N N 211 
ILE CG2   HG22   sing N N 212 
ILE CG2   HG23   sing N N 213 
ILE CD1   HD11   sing N N 214 
ILE CD1   HD12   sing N N 215 
ILE CD1   HD13   sing N N 216 
ILE OXT   HXT    sing N N 217 
LEU N     CA     sing N N 218 
LEU N     H      sing N N 219 
LEU N     H2     sing N N 220 
LEU CA    C      sing N N 221 
LEU CA    CB     sing N N 222 
LEU CA    HA     sing N N 223 
LEU C     O      doub N N 224 
LEU C     OXT    sing N N 225 
LEU CB    CG     sing N N 226 
LEU CB    HB2    sing N N 227 
LEU CB    HB3    sing N N 228 
LEU CG    CD1    sing N N 229 
LEU CG    CD2    sing N N 230 
LEU CG    HG     sing N N 231 
LEU CD1   HD11   sing N N 232 
LEU CD1   HD12   sing N N 233 
LEU CD1   HD13   sing N N 234 
LEU CD2   HD21   sing N N 235 
LEU CD2   HD22   sing N N 236 
LEU CD2   HD23   sing N N 237 
LEU OXT   HXT    sing N N 238 
LYS N     CA     sing N N 239 
LYS N     H      sing N N 240 
LYS N     H2     sing N N 241 
LYS CA    C      sing N N 242 
LYS CA    CB     sing N N 243 
LYS CA    HA     sing N N 244 
LYS C     O      doub N N 245 
LYS C     OXT    sing N N 246 
LYS CB    CG     sing N N 247 
LYS CB    HB2    sing N N 248 
LYS CB    HB3    sing N N 249 
LYS CG    CD     sing N N 250 
LYS CG    HG2    sing N N 251 
LYS CG    HG3    sing N N 252 
LYS CD    CE     sing N N 253 
LYS CD    HD2    sing N N 254 
LYS CD    HD3    sing N N 255 
LYS CE    NZ     sing N N 256 
LYS CE    HE2    sing N N 257 
LYS CE    HE3    sing N N 258 
LYS NZ    HZ1    sing N N 259 
LYS NZ    HZ2    sing N N 260 
LYS NZ    HZ3    sing N N 261 
LYS OXT   HXT    sing N N 262 
MET N     CA     sing N N 263 
MET N     H      sing N N 264 
MET N     H2     sing N N 265 
MET CA    C      sing N N 266 
MET CA    CB     sing N N 267 
MET CA    HA     sing N N 268 
MET C     O      doub N N 269 
MET C     OXT    sing N N 270 
MET CB    CG     sing N N 271 
MET CB    HB2    sing N N 272 
MET CB    HB3    sing N N 273 
MET CG    SD     sing N N 274 
MET CG    HG2    sing N N 275 
MET CG    HG3    sing N N 276 
MET SD    CE     sing N N 277 
MET CE    HE1    sing N N 278 
MET CE    HE2    sing N N 279 
MET CE    HE3    sing N N 280 
MET OXT   HXT    sing N N 281 
PHE N     CA     sing N N 282 
PHE N     H      sing N N 283 
PHE N     H2     sing N N 284 
PHE CA    C      sing N N 285 
PHE CA    CB     sing N N 286 
PHE CA    HA     sing N N 287 
PHE C     O      doub N N 288 
PHE C     OXT    sing N N 289 
PHE CB    CG     sing N N 290 
PHE CB    HB2    sing N N 291 
PHE CB    HB3    sing N N 292 
PHE CG    CD1    doub Y N 293 
PHE CG    CD2    sing Y N 294 
PHE CD1   CE1    sing Y N 295 
PHE CD1   HD1    sing N N 296 
PHE CD2   CE2    doub Y N 297 
PHE CD2   HD2    sing N N 298 
PHE CE1   CZ     doub Y N 299 
PHE CE1   HE1    sing N N 300 
PHE CE2   CZ     sing Y N 301 
PHE CE2   HE2    sing N N 302 
PHE CZ    HZ     sing N N 303 
PHE OXT   HXT    sing N N 304 
PRO N     CA     sing N N 305 
PRO N     CD     sing N N 306 
PRO N     H      sing N N 307 
PRO CA    C      sing N N 308 
PRO CA    CB     sing N N 309 
PRO CA    HA     sing N N 310 
PRO C     O      doub N N 311 
PRO C     OXT    sing N N 312 
PRO CB    CG     sing N N 313 
PRO CB    HB2    sing N N 314 
PRO CB    HB3    sing N N 315 
PRO CG    CD     sing N N 316 
PRO CG    HG2    sing N N 317 
PRO CG    HG3    sing N N 318 
PRO CD    HD2    sing N N 319 
PRO CD    HD3    sing N N 320 
PRO OXT   HXT    sing N N 321 
SER N     CA     sing N N 322 
SER N     H      sing N N 323 
SER N     H2     sing N N 324 
SER CA    C      sing N N 325 
SER CA    CB     sing N N 326 
SER CA    HA     sing N N 327 
SER C     O      doub N N 328 
SER C     OXT    sing N N 329 
SER CB    OG     sing N N 330 
SER CB    HB2    sing N N 331 
SER CB    HB3    sing N N 332 
SER OG    HG     sing N N 333 
SER OXT   HXT    sing N N 334 
THR N     CA     sing N N 335 
THR N     H      sing N N 336 
THR N     H2     sing N N 337 
THR CA    C      sing N N 338 
THR CA    CB     sing N N 339 
THR CA    HA     sing N N 340 
THR C     O      doub N N 341 
THR C     OXT    sing N N 342 
THR CB    OG1    sing N N 343 
THR CB    CG2    sing N N 344 
THR CB    HB     sing N N 345 
THR OG1   HG1    sing N N 346 
THR CG2   HG21   sing N N 347 
THR CG2   HG22   sing N N 348 
THR CG2   HG23   sing N N 349 
THR OXT   HXT    sing N N 350 
TRP N     CA     sing N N 351 
TRP N     H      sing N N 352 
TRP N     H2     sing N N 353 
TRP CA    C      sing N N 354 
TRP CA    CB     sing N N 355 
TRP CA    HA     sing N N 356 
TRP C     O      doub N N 357 
TRP C     OXT    sing N N 358 
TRP CB    CG     sing N N 359 
TRP CB    HB2    sing N N 360 
TRP CB    HB3    sing N N 361 
TRP CG    CD1    doub Y N 362 
TRP CG    CD2    sing Y N 363 
TRP CD1   NE1    sing Y N 364 
TRP CD1   HD1    sing N N 365 
TRP CD2   CE2    doub Y N 366 
TRP CD2   CE3    sing Y N 367 
TRP NE1   CE2    sing Y N 368 
TRP NE1   HE1    sing N N 369 
TRP CE2   CZ2    sing Y N 370 
TRP CE3   CZ3    doub Y N 371 
TRP CE3   HE3    sing N N 372 
TRP CZ2   CH2    doub Y N 373 
TRP CZ2   HZ2    sing N N 374 
TRP CZ3   CH2    sing Y N 375 
TRP CZ3   HZ3    sing N N 376 
TRP CH2   HH2    sing N N 377 
TRP OXT   HXT    sing N N 378 
TRS C     C1     sing N N 379 
TRS C     C2     sing N N 380 
TRS C     C3     sing N N 381 
TRS C     N      sing N N 382 
TRS C1    O1     sing N N 383 
TRS C1    H11    sing N N 384 
TRS C1    H12    sing N N 385 
TRS C2    O2     sing N N 386 
TRS C2    H21    sing N N 387 
TRS C2    H22    sing N N 388 
TRS C3    O3     sing N N 389 
TRS C3    H31    sing N N 390 
TRS C3    H32    sing N N 391 
TRS N     HN1    sing N N 392 
TRS N     HN2    sing N N 393 
TRS N     HN3    sing N N 394 
TRS O1    HO1    sing N N 395 
TRS O2    HO2    sing N N 396 
TRS O3    HO3    sing N N 397 
TYR N     CA     sing N N 398 
TYR N     H      sing N N 399 
TYR N     H2     sing N N 400 
TYR CA    C      sing N N 401 
TYR CA    CB     sing N N 402 
TYR CA    HA     sing N N 403 
TYR C     O      doub N N 404 
TYR C     OXT    sing N N 405 
TYR CB    CG     sing N N 406 
TYR CB    HB2    sing N N 407 
TYR CB    HB3    sing N N 408 
TYR CG    CD1    doub Y N 409 
TYR CG    CD2    sing Y N 410 
TYR CD1   CE1    sing Y N 411 
TYR CD1   HD1    sing N N 412 
TYR CD2   CE2    doub Y N 413 
TYR CD2   HD2    sing N N 414 
TYR CE1   CZ     doub Y N 415 
TYR CE1   HE1    sing N N 416 
TYR CE2   CZ     sing Y N 417 
TYR CE2   HE2    sing N N 418 
TYR CZ    OH     sing N N 419 
TYR OH    HH     sing N N 420 
TYR OXT   HXT    sing N N 421 
VAL N     CA     sing N N 422 
VAL N     H      sing N N 423 
VAL N     H2     sing N N 424 
VAL CA    C      sing N N 425 
VAL CA    CB     sing N N 426 
VAL CA    HA     sing N N 427 
VAL C     O      doub N N 428 
VAL C     OXT    sing N N 429 
VAL CB    CG1    sing N N 430 
VAL CB    CG2    sing N N 431 
VAL CB    HB     sing N N 432 
VAL CG1   HG11   sing N N 433 
VAL CG1   HG12   sing N N 434 
VAL CG1   HG13   sing N N 435 
VAL CG2   HG21   sing N N 436 
VAL CG2   HG22   sing N N 437 
VAL CG2   HG23   sing N N 438 
VAL OXT   HXT    sing N N 439 
# 
loop_
_pdbx_entity_nonpoly.entity_id 
_pdbx_entity_nonpoly.name 
_pdbx_entity_nonpoly.comp_id 
2 'MAGNESIUM ION'                                    MG  
3 
;2'-DEOXYURIDINE 5'-ALPHA,BETA-IMIDO-TRIPHOSPHATE
;
DUP 
4 2-AMINO-2-HYDROXYMETHYL-PROPANE-1,3-DIOL           TRS 
5 water                                              HOH 
# 
_pdbx_initial_refinement_model.id               1 
_pdbx_initial_refinement_model.entity_id_list   ? 
_pdbx_initial_refinement_model.type             'experimental model' 
_pdbx_initial_refinement_model.source_name      PDB 
_pdbx_initial_refinement_model.accession_code   1EUW 
_pdbx_initial_refinement_model.details          'PDB ENTRY 1EUW' 
# 
